data_5GUW
#
_entry.id   5GUW
#
_cell.length_a   111.871
_cell.length_b   128.606
_cell.length_c   127.807
_cell.angle_alpha   90.000
_cell.angle_beta   106.830
_cell.angle_gamma   90.000
#
_symmetry.space_group_name_H-M   'P 1 21 1'
#
loop_
_entity.id
_entity.type
_entity.pdbx_description
1 polymer 'Nitric oxide reductase subunit C'
2 polymer 'Nitric oxide reductase subunit B'
3 polymer 'Nitrite reductase'
4 non-polymer 'HEME C'
5 non-polymer 'CALCIUM ION'
6 non-polymer 'decyl 4-O-alpha-D-glucopyranosyl-1-thio-beta-D-glucopyranoside'
7 non-polymer 'PROTOPORPHYRIN IX CONTAINING FE'
8 non-polymer 'FE (III) ION'
9 non-polymer 'OXYGEN ATOM'
10 non-polymer 'HEME D'
11 non-polymer 'CHLORIDE ION'
12 water water
#
loop_
_entity_poly.entity_id
_entity_poly.type
_entity_poly.pdbx_seq_one_letter_code
_entity_poly.pdbx_strand_id
1 'polypeptide(L)'
;MSETFTKGMARNIYFGGSVFFILLFLALTYHTEKTLPERTNEAAMSAAVVRGKLVWEQNNCVGCHTLLGEGAYFAPELGN
VVGRRGGEEGFNTFLQAWMKIQPLNVPGRRAMPQFHLSEGQVDDLAEFLKWSSKIDTNQWPPNKEG
;
A,C
2 'polypeptide(L)'
;MMSPNGSLKFASQAVAKPYFVFALILFVGQILFGLIMGLQYVVGDFLFPAIPFNVARMVHTNLLIVWLLFGFMGAAYYLV
PEESDCELYSPKLAWILFWVFAAAGVLTILGYLLVPYAGLARLTGNELWPTMGREFLEQPTISKAGIVIVALGFLFNVGM
TVLRGRKTAISMVLMTGLIGLALLFLFSFYNPENLTRDKFYWWWVVHLWVEGVWELIMGAILAFVLVKITGVDREVIEKW
LYVIIAMALISGIIGTGHHYFWIGVPGYWLWLGSVFSALEPLPFFAMVLFAFNTINRRRRDYPNRAVALWAMGTTVMAFL
GAGVWGFMHTLAPVNYYTHGTQLTAAHGHMAFYGAYAMIVMTIISYAMPRLRGIGEAMDNRSQVLEMWGFWLMTVAMVFI
TLFLSAAGVLQVWLQRMPADGAAMTFMATQDQLAIFYWLREGAGVVFLIGLVAYLLSFRRGKAAA
;
B,D
3 'polypeptide(L)'
;MPFGKPLVGTLLASLTLLGLATAHAKDDMKAAEQYQGAASAVDPAHVVRTNGAPDMSESEFNEAKQIYFQRCAGCHGVLR
KGATGKPLTPDITQQRGQQYLEALITYGTPLGMPNWGSSGELSKEQITLMAKYIQHTPPQPPEWGMPEMRESWKVLVKPE
DRPKKQLNDLDLPNLFSVTLRDAGQIALVDGDSKKIVKVIDTGYAVHISRMSASGRYLLVIGRDARIDMIDLWAKEPTKV
AEIKIGIEARSVESSKFKGYEDRYTIAGAYWPPQFAIMDGETLEPKQIVSTRGMTVDTQTYHPEPRVAAIIASHEHPEFI
VNVKETGKVLLVNYKDIDNLTVTSIGAAPFLHDGGWDSSHRYFMTAANNSNKVAVIDSKDRRLSALVDVGKTPHPGRGAN
FVHPKYGPVWSTSHLGDGSISLIGTDPKNHPQYAWKKVAELQGQGGGSLFIKTHPKSSHLYVDTTFNPDARISQSVAVFD
LKNLDAKYQVLPIAEWADLGEGAKRVVQPEYNKRGDEVWFSVWNGKNDSSALVVVDDKTLKLKAVVKDPRLITPTGKFNV
YNTQHDVY
;
M,N
#
# COMPACT_ATOMS: atom_id res chain seq x y z
N PHE A 5 92.71 3.27 -25.75
CA PHE A 5 91.27 3.37 -25.36
C PHE A 5 90.63 4.56 -26.09
N THR A 6 90.33 4.38 -27.37
CA THR A 6 89.88 5.47 -28.25
C THR A 6 88.36 5.73 -28.20
N LYS A 7 87.94 6.79 -28.88
CA LYS A 7 86.53 7.19 -29.00
C LYS A 7 85.69 6.19 -29.82
N GLY A 8 86.35 5.44 -30.71
CA GLY A 8 85.71 4.34 -31.41
C GLY A 8 85.39 3.16 -30.50
N MET A 9 86.27 2.91 -29.53
CA MET A 9 86.07 1.80 -28.58
C MET A 9 84.93 2.05 -27.60
N ALA A 10 84.93 3.24 -26.98
CA ALA A 10 83.89 3.64 -26.03
C ALA A 10 82.50 3.69 -26.69
N ARG A 11 82.46 4.19 -27.92
CA ARG A 11 81.23 4.27 -28.71
C ARG A 11 80.64 2.90 -29.03
N ASN A 12 81.47 1.86 -29.08
CA ASN A 12 80.99 0.51 -29.39
C ASN A 12 80.47 -0.21 -28.16
N ILE A 13 81.13 -0.03 -27.01
CA ILE A 13 80.60 -0.54 -25.74
C ILE A 13 79.14 -0.08 -25.56
N TYR A 14 78.88 1.20 -25.80
CA TYR A 14 77.52 1.77 -25.81
C TYR A 14 76.61 1.10 -26.86
N PHE A 15 77.11 0.91 -28.08
CA PHE A 15 76.31 0.37 -29.18
C PHE A 15 75.96 -1.12 -29.03
N GLY A 16 76.97 -1.91 -28.69
CA GLY A 16 76.80 -3.36 -28.63
C GLY A 16 76.19 -3.79 -27.32
N GLY A 17 76.82 -3.34 -26.23
CA GLY A 17 76.38 -3.65 -24.87
C GLY A 17 74.95 -3.25 -24.53
N SER A 18 74.38 -2.30 -25.27
CA SER A 18 72.98 -1.90 -25.08
C SER A 18 72.02 -2.78 -25.88
N VAL A 19 72.37 -3.07 -27.14
CA VAL A 19 71.62 -4.04 -27.94
C VAL A 19 71.53 -5.41 -27.23
N PHE A 20 72.64 -5.85 -26.63
CA PHE A 20 72.63 -7.05 -25.78
C PHE A 20 71.53 -6.96 -24.71
N PHE A 21 71.60 -5.92 -23.87
CA PHE A 21 70.71 -5.81 -22.72
C PHE A 21 69.25 -5.49 -23.06
N ILE A 22 69.01 -4.82 -24.18
CA ILE A 22 67.63 -4.68 -24.69
C ILE A 22 67.06 -6.07 -24.93
N LEU A 23 67.78 -6.91 -25.67
CA LEU A 23 67.29 -8.26 -25.95
C LEU A 23 67.05 -9.00 -24.65
N LEU A 24 68.08 -9.06 -23.81
CA LEU A 24 68.01 -9.74 -22.52
C LEU A 24 66.79 -9.28 -21.71
N PHE A 25 66.55 -7.96 -21.71
CA PHE A 25 65.36 -7.37 -21.09
C PHE A 25 64.10 -7.93 -21.75
N LEU A 26 63.91 -7.66 -23.04
CA LEU A 26 62.77 -8.16 -23.81
C LEU A 26 62.53 -9.68 -23.70
N ALA A 27 63.63 -10.46 -23.65
CA ALA A 27 63.57 -11.90 -23.38
C ALA A 27 63.07 -12.15 -21.95
N LEU A 28 63.66 -11.43 -20.99
CA LEU A 28 63.23 -11.46 -19.58
C LEU A 28 61.76 -11.07 -19.34
N THR A 29 61.21 -10.17 -20.15
CA THR A 29 59.82 -9.75 -19.99
C THR A 29 58.91 -10.82 -20.54
N TYR A 30 59.27 -11.37 -21.71
CA TYR A 30 58.51 -12.43 -22.35
C TYR A 30 58.20 -13.56 -21.38
N HIS A 31 59.23 -14.05 -20.69
CA HIS A 31 59.05 -15.05 -19.65
C HIS A 31 58.09 -14.56 -18.58
N THR A 32 58.43 -13.42 -17.98
CA THR A 32 57.67 -12.83 -16.87
C THR A 32 56.19 -12.72 -17.21
N GLU A 33 55.90 -12.30 -18.44
CA GLU A 33 54.52 -12.11 -18.88
C GLU A 33 53.77 -13.42 -19.11
N LYS A 34 54.49 -14.54 -19.07
CA LYS A 34 53.85 -15.87 -19.04
C LYS A 34 53.46 -16.30 -17.64
N THR A 35 54.25 -15.89 -16.63
CA THR A 35 53.98 -16.24 -15.24
C THR A 35 52.84 -15.41 -14.63
N LEU A 36 52.53 -14.28 -15.26
CA LEU A 36 51.50 -13.34 -14.78
C LEU A 36 50.10 -13.94 -14.54
N PRO A 37 49.52 -14.65 -15.55
CA PRO A 37 48.22 -15.26 -15.32
C PRO A 37 48.15 -16.00 -13.99
N GLU A 38 49.22 -16.71 -13.61
CA GLU A 38 49.24 -17.48 -12.35
C GLU A 38 49.53 -16.64 -11.09
N ARG A 39 50.41 -15.64 -11.19
CA ARG A 39 50.75 -14.79 -10.02
C ARG A 39 49.62 -13.80 -9.71
N THR A 40 48.93 -13.32 -10.74
CA THR A 40 47.90 -12.31 -10.56
C THR A 40 46.51 -12.92 -10.32
N ASN A 41 46.35 -14.20 -10.68
CA ASN A 41 45.07 -14.93 -10.57
C ASN A 41 44.02 -14.43 -11.55
N GLU A 42 44.36 -14.46 -12.84
CA GLU A 42 43.56 -13.82 -13.89
C GLU A 42 42.16 -14.46 -14.05
N ALA A 43 42.02 -15.69 -13.55
CA ALA A 43 40.72 -16.33 -13.37
C ALA A 43 39.79 -15.46 -12.53
N ALA A 44 40.29 -15.00 -11.38
CA ALA A 44 39.53 -14.15 -10.45
C ALA A 44 39.32 -12.71 -10.96
N MET A 45 39.91 -12.39 -12.11
CA MET A 45 39.86 -11.04 -12.67
C MET A 45 38.58 -10.82 -13.49
N SER A 46 37.44 -10.80 -12.79
CA SER A 46 36.14 -10.64 -13.43
C SER A 46 36.00 -9.25 -14.04
N ALA A 47 34.95 -9.07 -14.86
CA ALA A 47 34.63 -7.75 -15.39
C ALA A 47 34.34 -6.76 -14.27
N ALA A 48 34.02 -7.27 -13.08
CA ALA A 48 33.89 -6.41 -11.89
C ALA A 48 35.25 -5.89 -11.44
N VAL A 49 36.21 -6.80 -11.24
CA VAL A 49 37.56 -6.40 -10.89
C VAL A 49 38.00 -5.34 -11.90
N VAL A 50 37.75 -5.60 -13.19
CA VAL A 50 38.17 -4.69 -14.28
C VAL A 50 37.40 -3.36 -14.29
N ARG A 51 36.07 -3.38 -14.20
CA ARG A 51 35.31 -2.13 -14.10
C ARG A 51 35.76 -1.31 -12.89
N GLY A 52 36.17 -2.02 -11.84
CA GLY A 52 36.66 -1.40 -10.61
C GLY A 52 37.96 -0.68 -10.82
N LYS A 53 38.83 -1.25 -11.65
CA LYS A 53 40.05 -0.58 -12.02
C LYS A 53 39.72 0.79 -12.61
N LEU A 54 38.71 0.84 -13.49
CA LEU A 54 38.36 2.10 -14.17
C LEU A 54 37.81 3.13 -13.22
N VAL A 55 37.03 2.73 -12.23
CA VAL A 55 36.56 3.67 -11.19
C VAL A 55 37.79 4.26 -10.49
N TRP A 56 38.67 3.37 -10.06
CA TRP A 56 39.96 3.73 -9.50
C TRP A 56 40.67 4.73 -10.43
N GLU A 57 40.83 4.35 -11.70
CA GLU A 57 41.47 5.23 -12.67
C GLU A 57 40.71 6.54 -12.84
N GLN A 58 39.39 6.48 -12.90
CA GLN A 58 38.59 7.65 -13.26
C GLN A 58 38.50 8.71 -12.20
N ASN A 59 38.68 8.34 -10.93
CA ASN A 59 38.68 9.31 -9.84
C ASN A 59 40.07 9.49 -9.20
N ASN A 60 41.11 9.02 -9.88
CA ASN A 60 42.50 9.30 -9.50
C ASN A 60 42.77 8.99 -8.05
N CYS A 61 42.38 7.81 -7.57
CA CYS A 61 42.66 7.46 -6.18
C CYS A 61 44.13 7.45 -5.91
N VAL A 62 44.91 7.12 -6.93
CA VAL A 62 46.37 7.05 -6.84
C VAL A 62 47.02 8.44 -6.60
N GLY A 63 46.21 9.50 -6.65
CA GLY A 63 46.70 10.86 -6.40
C GLY A 63 46.64 11.24 -4.93
N CYS A 64 46.16 10.32 -4.10
CA CYS A 64 46.25 10.45 -2.65
C CYS A 64 46.86 9.19 -2.02
N HIS A 65 46.60 8.04 -2.63
CA HIS A 65 46.86 6.72 -2.08
C HIS A 65 47.97 6.00 -2.79
N THR A 66 48.37 4.87 -2.22
CA THR A 66 49.25 3.92 -2.88
C THR A 66 48.52 2.58 -3.06
N LEU A 67 48.95 1.84 -4.09
CA LEU A 67 48.38 0.55 -4.43
C LEU A 67 49.58 -0.33 -4.72
N LEU A 68 49.84 -1.31 -3.84
CA LEU A 68 51.09 -2.08 -3.83
C LEU A 68 52.27 -1.13 -3.68
N GLY A 69 52.07 -0.07 -2.90
CA GLY A 69 53.11 0.91 -2.59
C GLY A 69 53.49 1.92 -3.68
N GLU A 70 52.80 1.90 -4.80
CA GLU A 70 53.03 2.85 -5.86
C GLU A 70 51.89 3.84 -5.85
N GLY A 71 52.21 5.13 -5.92
CA GLY A 71 51.19 6.18 -6.02
C GLY A 71 51.52 7.49 -5.35
N ALA A 72 50.68 7.90 -4.40
CA ALA A 72 50.83 9.15 -3.66
C ALA A 72 50.93 8.82 -2.18
N TYR A 73 51.58 9.67 -1.40
CA TYR A 73 51.93 9.31 -0.02
C TYR A 73 51.13 10.08 1.00
N PHE A 74 50.00 10.63 0.55
CA PHE A 74 49.12 11.48 1.36
C PHE A 74 48.14 10.68 2.22
N ALA A 75 47.71 9.54 1.67
CA ALA A 75 46.73 8.66 2.27
C ALA A 75 47.17 7.18 2.24
N PRO A 76 46.49 6.33 3.01
CA PRO A 76 46.94 4.95 3.24
C PRO A 76 47.09 4.08 2.01
N GLU A 77 47.81 2.99 2.20
CA GLU A 77 47.99 1.96 1.19
C GLU A 77 46.70 1.13 1.10
N LEU A 78 46.32 0.80 -0.13
CA LEU A 78 45.01 0.20 -0.38
C LEU A 78 45.08 -1.18 -1.05
N GLY A 79 46.27 -1.61 -1.43
CA GLY A 79 46.47 -2.97 -1.94
C GLY A 79 46.13 -4.01 -0.89
N ASN A 80 46.11 -3.60 0.38
CA ASN A 80 45.87 -4.51 1.48
C ASN A 80 44.84 -3.98 2.50
N VAL A 81 43.98 -3.08 2.06
CA VAL A 81 43.01 -2.47 2.97
C VAL A 81 41.93 -3.47 3.35
N VAL A 82 41.74 -4.48 2.51
CA VAL A 82 40.77 -5.52 2.78
C VAL A 82 41.01 -6.10 4.17
N GLY A 83 42.17 -6.70 4.38
CA GLY A 83 42.46 -7.40 5.63
C GLY A 83 42.42 -6.52 6.87
N ARG A 84 42.24 -5.22 6.67
CA ARG A 84 42.23 -4.23 7.73
C ARG A 84 40.84 -3.75 8.06
N ARG A 85 39.91 -3.91 7.12
CA ARG A 85 38.54 -3.41 7.25
C ARG A 85 37.50 -4.46 6.84
N GLY A 86 37.27 -5.42 7.72
CA GLY A 86 36.21 -6.39 7.52
C GLY A 86 36.60 -7.63 6.73
N GLY A 87 37.80 -7.66 6.16
CA GLY A 87 38.22 -8.83 5.39
C GLY A 87 37.32 -9.13 4.22
N GLU A 88 37.59 -10.27 3.57
CA GLU A 88 36.96 -10.62 2.29
C GLU A 88 35.42 -10.71 2.30
N GLU A 89 34.86 -11.10 3.43
CA GLU A 89 33.40 -11.20 3.55
C GLU A 89 32.76 -9.84 3.80
N GLY A 90 33.32 -9.04 4.70
CA GLY A 90 32.71 -7.76 5.09
C GLY A 90 33.27 -6.49 4.46
N PHE A 91 34.19 -6.61 3.51
CA PHE A 91 34.88 -5.44 2.99
C PHE A 91 33.95 -4.56 2.20
N ASN A 92 33.19 -5.15 1.26
CA ASN A 92 32.34 -4.36 0.37
C ASN A 92 31.43 -3.40 1.13
N THR A 93 30.67 -3.96 2.08
CA THR A 93 29.78 -3.20 2.94
C THR A 93 30.53 -2.05 3.60
N PHE A 94 31.78 -2.30 3.98
CA PHE A 94 32.60 -1.24 4.52
C PHE A 94 32.79 -0.11 3.51
N LEU A 95 33.38 -0.44 2.36
CA LEU A 95 33.69 0.57 1.35
C LEU A 95 32.45 1.35 0.99
N GLN A 96 31.32 0.65 0.94
CA GLN A 96 30.04 1.30 0.68
C GLN A 96 29.80 2.45 1.63
N ALA A 97 29.86 2.17 2.93
CA ALA A 97 29.69 3.22 3.93
C ALA A 97 30.83 4.24 3.85
N TRP A 98 32.04 3.73 3.73
CA TRP A 98 33.22 4.59 3.72
C TRP A 98 33.19 5.62 2.58
N MET A 99 32.78 5.20 1.40
CA MET A 99 32.77 6.11 0.30
C MET A 99 31.69 7.18 0.46
N LYS A 100 30.56 6.83 1.05
CA LYS A 100 29.48 7.84 1.09
C LYS A 100 29.46 8.76 2.32
N ILE A 101 30.31 8.51 3.32
CA ILE A 101 30.45 9.43 4.46
C ILE A 101 31.49 10.54 4.24
N GLN A 102 32.39 10.38 3.27
CA GLN A 102 33.36 11.42 2.95
C GLN A 102 32.69 12.70 2.45
N PRO A 103 33.24 13.87 2.84
CA PRO A 103 34.40 14.08 3.71
C PRO A 103 34.01 14.07 5.15
N LEU A 104 34.86 13.50 6.01
CA LEU A 104 34.57 13.40 7.43
C LEU A 104 34.50 14.78 8.09
N ASN A 105 35.28 15.71 7.57
CA ASN A 105 35.22 17.09 8.03
C ASN A 105 35.65 17.30 9.48
N VAL A 106 36.47 16.39 10.01
CA VAL A 106 37.13 16.67 11.30
C VAL A 106 38.27 17.68 11.05
N PRO A 107 38.21 18.86 11.70
CA PRO A 107 39.09 19.96 11.33
C PRO A 107 40.59 19.66 11.32
N GLY A 108 41.25 20.13 10.27
CA GLY A 108 42.70 20.05 10.17
C GLY A 108 43.22 18.65 9.96
N ARG A 109 42.33 17.79 9.49
CA ARG A 109 42.66 16.40 9.19
C ARG A 109 42.57 16.23 7.69
N ARG A 110 43.40 15.33 7.15
CA ARG A 110 43.48 15.16 5.72
C ARG A 110 42.15 14.65 5.16
N ALA A 111 41.66 15.38 4.16
CA ALA A 111 40.33 15.21 3.61
C ALA A 111 40.32 14.21 2.47
N MET A 112 39.21 13.48 2.35
CA MET A 112 38.93 12.73 1.15
C MET A 112 37.65 13.29 0.54
N PRO A 113 37.60 13.42 -0.78
CA PRO A 113 36.41 13.99 -1.43
C PRO A 113 35.25 13.02 -1.51
N GLN A 114 34.06 13.56 -1.77
CA GLN A 114 32.89 12.73 -2.07
C GLN A 114 32.96 12.49 -3.56
N PHE A 115 32.89 11.23 -3.98
CA PHE A 115 33.03 10.92 -5.41
C PHE A 115 31.71 10.66 -6.14
N HIS A 116 30.58 10.72 -5.41
CA HIS A 116 29.24 10.58 -6.00
C HIS A 116 29.15 9.29 -6.79
N LEU A 117 29.57 8.18 -6.20
CA LEU A 117 29.62 6.90 -6.89
C LEU A 117 28.36 6.07 -6.71
N SER A 118 28.00 5.31 -7.73
CA SER A 118 26.85 4.41 -7.65
C SER A 118 27.25 3.18 -6.86
N GLU A 119 26.31 2.51 -6.23
CA GLU A 119 26.67 1.31 -5.46
C GLU A 119 27.32 0.23 -6.32
N GLY A 120 26.93 0.15 -7.59
CA GLY A 120 27.59 -0.73 -8.54
C GLY A 120 29.04 -0.33 -8.78
N GLN A 121 29.29 0.97 -8.83
CA GLN A 121 30.65 1.48 -9.01
C GLN A 121 31.51 1.17 -7.80
N VAL A 122 30.95 1.37 -6.60
CA VAL A 122 31.70 1.15 -5.37
C VAL A 122 31.97 -0.34 -5.15
N ASP A 123 31.10 -1.17 -5.71
CA ASP A 123 31.24 -2.61 -5.54
C ASP A 123 32.36 -3.16 -6.40
N ASP A 124 32.39 -2.72 -7.65
CA ASP A 124 33.51 -3.06 -8.53
C ASP A 124 34.81 -2.58 -7.90
N LEU A 125 34.83 -1.35 -7.41
CA LEU A 125 35.98 -0.84 -6.65
C LEU A 125 36.44 -1.87 -5.63
N ALA A 126 35.53 -2.29 -4.75
CA ALA A 126 35.83 -3.29 -3.75
C ALA A 126 36.37 -4.59 -4.38
N GLU A 127 35.75 -5.03 -5.46
CA GLU A 127 36.19 -6.26 -6.13
C GLU A 127 37.60 -6.13 -6.69
N PHE A 128 37.88 -4.93 -7.20
CA PHE A 128 39.18 -4.59 -7.76
C PHE A 128 40.22 -4.59 -6.66
N LEU A 129 39.88 -4.00 -5.52
CA LEU A 129 40.79 -3.92 -4.41
C LEU A 129 40.99 -5.27 -3.73
N LYS A 130 39.97 -6.13 -3.76
CA LYS A 130 40.14 -7.48 -3.20
C LYS A 130 41.05 -8.33 -4.06
N TRP A 131 40.73 -8.39 -5.36
CA TRP A 131 41.58 -9.10 -6.33
C TRP A 131 43.04 -8.65 -6.28
N SER A 132 43.24 -7.36 -6.03
CA SER A 132 44.56 -6.76 -5.94
C SER A 132 45.38 -7.26 -4.75
N SER A 133 44.72 -7.44 -3.60
CA SER A 133 45.39 -7.93 -2.38
C SER A 133 45.85 -9.37 -2.56
N LYS A 134 45.09 -10.14 -3.33
CA LYS A 134 45.47 -11.49 -3.73
C LYS A 134 46.21 -11.46 -5.06
N ILE A 135 47.35 -10.78 -5.07
CA ILE A 135 48.30 -10.89 -6.15
C ILE A 135 49.56 -11.31 -5.45
N ASP A 136 50.34 -12.19 -6.09
CA ASP A 136 51.57 -12.69 -5.49
C ASP A 136 52.58 -11.57 -5.56
N THR A 137 52.63 -10.79 -4.49
CA THR A 137 53.39 -9.58 -4.49
C THR A 137 54.63 -9.81 -3.62
N ASN A 138 55.26 -10.96 -3.84
CA ASN A 138 56.44 -11.40 -3.08
C ASN A 138 56.47 -10.99 -1.62
N GLN A 139 55.33 -11.20 -0.95
CA GLN A 139 55.22 -11.03 0.50
C GLN A 139 55.23 -9.56 0.95
N TRP A 140 54.87 -8.65 0.05
CA TRP A 140 54.82 -7.23 0.38
C TRP A 140 53.35 -6.84 0.61
N PRO A 141 53.05 -6.09 1.68
CA PRO A 141 53.89 -5.41 2.64
C PRO A 141 54.30 -6.29 3.80
N PRO A 142 55.15 -5.74 4.69
CA PRO A 142 55.46 -6.44 5.91
C PRO A 142 54.20 -6.91 6.58
N ASN A 143 53.36 -5.93 6.93
CA ASN A 143 52.24 -6.08 7.86
C ASN A 143 50.90 -5.52 7.31
N LYS A 144 49.86 -5.66 8.14
CA LYS A 144 48.47 -5.29 7.80
C LYS A 144 48.24 -3.82 7.47
N GLU A 145 49.07 -2.94 8.03
CA GLU A 145 48.86 -1.49 8.00
C GLU A 145 49.21 -0.84 6.67
N GLY A 146 49.89 -1.58 5.82
CA GLY A 146 50.37 -1.06 4.55
C GLY A 146 51.65 -0.29 4.77
N PHE B 10 75.27 31.44 -34.78
CA PHE B 10 74.05 31.14 -35.61
C PHE B 10 72.84 31.95 -35.17
N ALA B 11 71.89 32.13 -36.09
CA ALA B 11 70.78 33.07 -35.91
C ALA B 11 69.41 32.43 -35.67
N SER B 12 69.22 31.17 -36.07
CA SER B 12 67.98 30.44 -35.78
C SER B 12 67.96 29.85 -34.35
N GLN B 13 69.06 30.02 -33.62
CA GLN B 13 69.13 29.54 -32.25
C GLN B 13 68.22 30.34 -31.31
N ALA B 14 67.70 31.48 -31.79
CA ALA B 14 66.87 32.37 -30.94
C ALA B 14 65.41 31.91 -30.87
N VAL B 15 65.11 30.77 -31.49
CA VAL B 15 63.82 30.10 -31.33
C VAL B 15 63.81 29.24 -30.07
N ALA B 16 64.99 29.02 -29.50
CA ALA B 16 65.13 28.30 -28.23
C ALA B 16 64.75 29.20 -27.04
N LYS B 17 64.78 30.52 -27.27
CA LYS B 17 64.49 31.49 -26.23
C LYS B 17 63.09 31.33 -25.59
N PRO B 18 62.01 31.24 -26.41
CA PRO B 18 60.69 31.11 -25.83
C PRO B 18 60.54 29.83 -25.00
N TYR B 19 61.03 28.72 -25.55
CA TYR B 19 61.03 27.43 -24.87
C TYR B 19 61.64 27.58 -23.49
N PHE B 20 62.80 28.22 -23.40
CA PHE B 20 63.43 28.46 -22.11
C PHE B 20 62.62 29.33 -21.15
N VAL B 21 61.84 30.27 -21.67
CA VAL B 21 61.13 31.20 -20.78
C VAL B 21 59.91 30.51 -20.24
N PHE B 22 59.15 29.88 -21.14
CA PHE B 22 57.93 29.21 -20.73
C PHE B 22 58.25 28.07 -19.75
N ALA B 23 59.40 27.44 -19.94
CA ALA B 23 59.89 26.44 -18.99
C ALA B 23 60.00 27.05 -17.59
N LEU B 24 60.63 28.21 -17.50
CA LEU B 24 60.79 28.88 -16.23
C LEU B 24 59.46 29.40 -15.68
N ILE B 25 58.56 29.85 -16.58
CA ILE B 25 57.22 30.28 -16.15
C ILE B 25 56.60 29.09 -15.42
N LEU B 26 56.44 27.99 -16.15
CA LEU B 26 55.87 26.74 -15.62
C LEU B 26 56.60 26.20 -14.38
N PHE B 27 57.93 26.36 -14.34
CA PHE B 27 58.70 25.99 -13.16
C PHE B 27 58.19 26.75 -11.90
N VAL B 28 57.74 28.00 -12.06
CA VAL B 28 57.19 28.72 -10.90
C VAL B 28 55.81 28.18 -10.48
N GLY B 29 54.99 27.79 -11.47
CA GLY B 29 53.70 27.14 -11.18
C GLY B 29 53.90 25.89 -10.35
N GLN B 30 54.91 25.09 -10.74
CA GLN B 30 55.25 23.85 -10.07
C GLN B 30 55.49 24.02 -8.57
N ILE B 31 56.31 25.01 -8.21
CA ILE B 31 56.76 25.22 -6.83
C ILE B 31 55.61 25.71 -5.93
N LEU B 32 54.72 26.52 -6.48
CA LEU B 32 53.56 26.99 -5.74
C LEU B 32 52.69 25.79 -5.34
N PHE B 33 52.27 25.01 -6.32
CA PHE B 33 51.46 23.83 -6.04
C PHE B 33 52.18 22.81 -5.15
N GLY B 34 53.50 22.76 -5.26
CA GLY B 34 54.30 22.07 -4.27
C GLY B 34 53.92 22.60 -2.90
N LEU B 35 54.07 23.91 -2.72
CA LEU B 35 53.85 24.59 -1.42
C LEU B 35 52.44 24.39 -0.84
N ILE B 36 51.42 24.36 -1.71
CA ILE B 36 50.06 24.06 -1.30
C ILE B 36 50.01 22.66 -0.70
N MET B 37 50.37 21.66 -1.52
CA MET B 37 50.39 20.28 -1.08
C MET B 37 51.21 20.12 0.21
N GLY B 38 52.38 20.74 0.21
CA GLY B 38 53.26 20.75 1.39
C GLY B 38 52.56 21.17 2.68
N LEU B 39 51.62 22.09 2.52
CA LEU B 39 50.80 22.60 3.62
C LEU B 39 49.60 21.68 3.92
N GLN B 40 49.00 21.12 2.87
CA GLN B 40 47.88 20.17 3.03
C GLN B 40 48.27 18.96 3.87
N TYR B 41 49.53 18.57 3.78
CA TYR B 41 50.07 17.53 4.63
C TYR B 41 49.72 17.80 6.09
N VAL B 42 49.82 19.05 6.51
CA VAL B 42 49.72 19.42 7.92
C VAL B 42 48.43 20.18 8.29
N VAL B 43 47.85 20.86 7.30
CA VAL B 43 46.54 21.48 7.45
C VAL B 43 45.64 20.76 6.45
N GLY B 44 45.18 19.60 6.89
CA GLY B 44 44.51 18.61 6.02
C GLY B 44 43.39 19.08 5.12
N ASP B 45 42.62 20.05 5.60
CA ASP B 45 41.51 20.61 4.84
C ASP B 45 41.87 21.93 4.16
N PHE B 46 43.16 22.23 4.02
CA PHE B 46 43.59 23.43 3.29
C PHE B 46 43.15 23.37 1.84
N LEU B 47 42.54 24.47 1.37
CA LEU B 47 41.94 24.55 0.04
C LEU B 47 40.95 23.41 -0.35
N PHE B 48 40.48 22.65 0.63
CA PHE B 48 39.47 21.62 0.40
C PHE B 48 38.07 22.23 0.50
N PRO B 49 37.13 21.83 -0.38
CA PRO B 49 37.16 20.85 -1.48
C PRO B 49 37.48 21.48 -2.83
N ALA B 50 37.85 22.76 -2.83
CA ALA B 50 38.11 23.52 -4.05
C ALA B 50 39.24 22.90 -4.87
N ILE B 51 40.41 22.82 -4.27
CA ILE B 51 41.53 22.09 -4.84
C ILE B 51 41.99 21.00 -3.88
N PRO B 52 41.45 19.78 -4.04
CA PRO B 52 41.88 18.59 -3.31
C PRO B 52 43.35 18.22 -3.56
N PHE B 53 43.98 17.57 -2.59
CA PHE B 53 45.40 17.29 -2.66
C PHE B 53 45.79 16.64 -3.99
N ASN B 54 44.96 15.71 -4.44
CA ASN B 54 45.26 14.95 -5.64
C ASN B 54 45.28 15.78 -6.90
N VAL B 55 44.57 16.91 -6.90
CA VAL B 55 44.57 17.82 -8.04
C VAL B 55 45.84 18.67 -8.02
N ALA B 56 46.19 19.18 -6.84
CA ALA B 56 47.44 19.93 -6.69
C ALA B 56 48.66 19.09 -7.08
N ARG B 57 48.61 17.81 -6.71
CA ARG B 57 49.70 16.89 -7.01
C ARG B 57 49.89 16.66 -8.50
N MET B 58 48.80 16.44 -9.24
CA MET B 58 48.93 16.20 -10.68
C MET B 58 49.36 17.47 -11.43
N VAL B 59 48.99 18.64 -10.90
CA VAL B 59 49.45 19.91 -11.46
C VAL B 59 50.92 20.08 -11.14
N HIS B 60 51.30 19.79 -9.90
CA HIS B 60 52.70 19.86 -9.46
C HIS B 60 53.61 19.02 -10.36
N THR B 61 53.23 17.76 -10.56
CA THR B 61 54.08 16.81 -11.24
C THR B 61 54.00 16.95 -12.75
N ASN B 62 52.81 17.33 -13.27
CA ASN B 62 52.65 17.51 -14.72
C ASN B 62 53.31 18.79 -15.21
N LEU B 63 53.44 19.77 -14.32
CA LEU B 63 54.20 20.98 -14.63
C LEU B 63 55.70 20.66 -14.71
N LEU B 64 56.16 19.78 -13.81
CA LEU B 64 57.55 19.32 -13.78
C LEU B 64 57.89 18.60 -15.07
N ILE B 65 57.08 17.61 -15.42
CA ILE B 65 57.34 16.86 -16.64
C ILE B 65 57.24 17.77 -17.87
N VAL B 66 56.24 18.64 -17.92
CA VAL B 66 56.09 19.59 -19.04
C VAL B 66 57.20 20.67 -19.10
N TRP B 67 57.52 21.33 -17.99
CA TRP B 67 58.59 22.35 -18.03
C TRP B 67 59.98 21.78 -18.30
N LEU B 68 60.18 20.49 -18.05
CA LEU B 68 61.45 19.85 -18.38
C LEU B 68 61.56 19.55 -19.87
N LEU B 69 60.45 19.24 -20.52
CA LEU B 69 60.44 19.04 -21.97
C LEU B 69 60.68 20.35 -22.70
N PHE B 70 59.86 21.36 -22.41
CA PHE B 70 60.12 22.72 -22.90
C PHE B 70 61.62 23.06 -22.72
N GLY B 71 62.14 22.80 -21.53
CA GLY B 71 63.59 22.98 -21.26
C GLY B 71 64.56 22.15 -22.11
N PHE B 72 64.19 20.90 -22.41
CA PHE B 72 64.99 20.01 -23.25
C PHE B 72 64.94 20.39 -24.72
N MET B 73 63.75 20.75 -25.18
CA MET B 73 63.55 21.21 -26.57
C MET B 73 64.34 22.49 -26.87
N GLY B 74 64.21 23.47 -25.96
CA GLY B 74 64.95 24.72 -26.05
C GLY B 74 66.42 24.45 -26.25
N ALA B 75 66.99 23.60 -25.39
CA ALA B 75 68.41 23.19 -25.49
C ALA B 75 68.76 22.60 -26.87
N ALA B 76 67.88 21.77 -27.42
CA ALA B 76 68.10 21.20 -28.74
C ALA B 76 68.02 22.29 -29.80
N TYR B 77 66.99 23.11 -29.75
CA TYR B 77 66.88 24.25 -30.68
C TYR B 77 68.09 25.20 -30.56
N TYR B 78 68.66 25.34 -29.37
CA TYR B 78 69.90 26.07 -29.24
C TYR B 78 71.07 25.27 -29.80
N LEU B 79 71.44 24.17 -29.16
CA LEU B 79 72.74 23.60 -29.43
C LEU B 79 72.85 22.74 -30.67
N VAL B 80 71.75 22.39 -31.34
CA VAL B 80 71.87 21.54 -32.54
C VAL B 80 72.34 22.31 -33.79
N PRO B 81 71.90 23.57 -33.96
CA PRO B 81 72.59 24.39 -34.95
C PRO B 81 74.12 24.44 -34.81
N GLU B 82 74.65 24.85 -33.66
CA GLU B 82 76.10 24.89 -33.44
C GLU B 82 76.80 23.58 -33.76
N GLU B 83 76.26 22.48 -33.27
CA GLU B 83 76.85 21.16 -33.48
C GLU B 83 76.78 20.70 -34.93
N SER B 84 75.71 21.08 -35.62
CA SER B 84 75.50 20.69 -37.01
C SER B 84 76.16 21.67 -38.00
N ASP B 85 76.65 22.78 -37.45
CA ASP B 85 77.32 23.81 -38.22
C ASP B 85 76.43 24.31 -39.36
N CYS B 86 75.13 24.44 -39.09
CA CYS B 86 74.17 24.94 -40.07
C CYS B 86 72.86 25.37 -39.40
N GLU B 87 72.11 26.24 -40.06
CA GLU B 87 70.88 26.79 -39.51
C GLU B 87 69.80 25.72 -39.32
N LEU B 88 68.85 26.00 -38.43
CA LEU B 88 67.79 25.08 -38.08
C LEU B 88 66.90 24.84 -39.31
N TYR B 89 66.47 23.59 -39.48
CA TYR B 89 65.70 23.17 -40.65
C TYR B 89 64.49 24.07 -40.93
N SER B 90 63.86 24.58 -39.87
CA SER B 90 62.65 25.39 -40.01
C SER B 90 62.33 26.10 -38.70
N PRO B 91 62.73 27.36 -38.58
CA PRO B 91 62.29 28.20 -37.46
C PRO B 91 60.78 28.49 -37.42
N LYS B 92 60.09 28.35 -38.56
CA LYS B 92 58.64 28.46 -38.59
C LYS B 92 58.04 27.37 -37.71
N LEU B 93 58.51 26.14 -37.92
CA LEU B 93 58.02 24.97 -37.17
C LEU B 93 58.25 25.12 -35.65
N ALA B 94 59.49 25.46 -35.28
CA ALA B 94 59.89 25.71 -33.89
C ALA B 94 58.95 26.66 -33.15
N TRP B 95 58.39 27.65 -33.85
CA TRP B 95 57.44 28.56 -33.22
C TRP B 95 56.00 28.05 -33.23
N ILE B 96 55.62 27.37 -34.32
CA ILE B 96 54.28 26.78 -34.44
C ILE B 96 54.07 25.70 -33.38
N LEU B 97 55.07 24.85 -33.21
CA LEU B 97 55.04 23.80 -32.19
C LEU B 97 54.96 24.37 -30.79
N PHE B 98 55.87 25.30 -30.48
CA PHE B 98 55.85 25.98 -29.18
C PHE B 98 54.43 26.35 -28.76
N TRP B 99 53.70 27.05 -29.62
CA TRP B 99 52.37 27.53 -29.22
C TRP B 99 51.36 26.39 -29.06
N VAL B 100 51.44 25.40 -29.93
CA VAL B 100 50.59 24.21 -29.79
C VAL B 100 50.85 23.53 -28.44
N PHE B 101 52.12 23.20 -28.20
CA PHE B 101 52.56 22.57 -26.97
C PHE B 101 52.12 23.38 -25.76
N ALA B 102 52.36 24.69 -25.81
CA ALA B 102 52.02 25.61 -24.71
C ALA B 102 50.51 25.76 -24.51
N ALA B 103 49.75 25.79 -25.60
CA ALA B 103 48.29 25.73 -25.52
C ALA B 103 47.89 24.38 -24.89
N ALA B 104 48.33 23.29 -25.52
CA ALA B 104 48.07 21.94 -25.03
C ALA B 104 48.40 21.76 -23.53
N GLY B 105 49.56 22.24 -23.11
CA GLY B 105 49.92 22.21 -21.69
C GLY B 105 48.93 22.95 -20.82
N VAL B 106 48.73 24.23 -21.09
CA VAL B 106 47.88 25.07 -20.23
C VAL B 106 46.43 24.59 -20.19
N LEU B 107 45.94 24.03 -21.30
CA LEU B 107 44.55 23.50 -21.32
C LEU B 107 44.46 22.29 -20.39
N THR B 108 45.33 21.31 -20.63
CA THR B 108 45.37 20.11 -19.80
C THR B 108 45.45 20.41 -18.31
N ILE B 109 46.30 21.35 -17.94
CA ILE B 109 46.42 21.78 -16.54
C ILE B 109 45.08 22.35 -16.04
N LEU B 110 44.51 23.28 -16.80
CA LEU B 110 43.24 23.89 -16.45
C LEU B 110 42.09 22.88 -16.41
N GLY B 111 42.24 21.78 -17.15
CA GLY B 111 41.29 20.67 -17.10
C GLY B 111 41.26 20.02 -15.73
N TYR B 112 42.45 19.71 -15.22
CA TYR B 112 42.64 19.19 -13.84
C TYR B 112 42.00 20.13 -12.82
N LEU B 113 42.17 21.42 -13.06
CA LEU B 113 41.80 22.44 -12.08
C LEU B 113 40.34 22.86 -12.12
N LEU B 114 39.73 22.94 -13.30
CA LEU B 114 38.36 23.44 -13.39
C LEU B 114 37.27 22.37 -13.40
N VAL B 115 37.61 21.13 -13.78
CA VAL B 115 36.62 20.05 -13.71
C VAL B 115 37.09 18.86 -12.87
N PRO B 116 36.18 18.31 -12.04
CA PRO B 116 36.36 17.03 -11.37
C PRO B 116 36.89 15.94 -12.30
N TYR B 117 37.91 15.23 -11.85
CA TYR B 117 38.67 14.33 -12.74
C TYR B 117 37.81 13.26 -13.40
N ALA B 118 36.83 12.72 -12.67
CA ALA B 118 35.91 11.77 -13.27
C ALA B 118 35.11 12.44 -14.40
N GLY B 119 34.80 13.73 -14.23
CA GLY B 119 34.10 14.51 -15.25
C GLY B 119 34.97 14.76 -16.47
N LEU B 120 36.19 15.24 -16.22
CA LEU B 120 37.19 15.41 -17.28
C LEU B 120 37.39 14.11 -18.10
N ALA B 121 37.25 12.95 -17.45
CA ALA B 121 37.33 11.69 -18.15
C ALA B 121 36.13 11.50 -19.08
N ARG B 122 34.95 11.91 -18.62
CA ARG B 122 33.76 11.98 -19.50
C ARG B 122 33.98 12.99 -20.62
N LEU B 123 34.11 14.26 -20.25
CA LEU B 123 34.32 15.34 -21.21
C LEU B 123 35.26 14.90 -22.34
N THR B 124 36.49 14.49 -22.02
CA THR B 124 37.45 14.10 -23.07
C THR B 124 37.25 12.67 -23.59
N GLY B 125 36.28 11.96 -23.02
CA GLY B 125 35.85 10.68 -23.53
C GLY B 125 36.88 9.58 -23.40
N ASN B 126 37.35 9.37 -22.17
CA ASN B 126 38.36 8.34 -21.88
C ASN B 126 37.87 6.92 -22.16
N GLU B 127 36.55 6.73 -22.10
CA GLU B 127 35.96 5.41 -22.25
C GLU B 127 36.41 4.74 -23.54
N LEU B 128 36.53 5.53 -24.60
CA LEU B 128 36.91 5.01 -25.91
C LEU B 128 38.33 4.48 -25.86
N TRP B 129 39.21 5.19 -25.16
CA TRP B 129 40.63 4.87 -25.10
C TRP B 129 41.21 5.20 -23.72
N PRO B 130 40.95 4.34 -22.71
CA PRO B 130 41.32 4.65 -21.32
C PRO B 130 42.83 4.69 -21.07
N THR B 131 43.34 5.89 -20.77
CA THR B 131 44.76 6.12 -20.40
C THR B 131 44.91 7.06 -19.20
N MET B 132 43.79 7.56 -18.69
CA MET B 132 43.80 8.53 -17.60
C MET B 132 43.92 7.83 -16.27
N GLY B 133 44.43 8.55 -15.28
CA GLY B 133 44.39 8.11 -13.89
C GLY B 133 45.58 7.29 -13.43
N ARG B 134 46.71 7.45 -14.11
CA ARG B 134 47.94 6.77 -13.76
C ARG B 134 48.96 7.83 -13.41
N GLU B 135 49.76 7.58 -12.36
CA GLU B 135 50.68 8.59 -11.84
C GLU B 135 51.58 9.17 -12.97
N PHE B 136 51.67 10.50 -13.05
CA PHE B 136 52.39 11.24 -14.12
C PHE B 136 51.70 11.26 -15.48
N LEU B 137 50.69 10.42 -15.65
CA LEU B 137 50.01 10.29 -16.93
C LEU B 137 48.54 10.60 -16.74
N GLU B 138 48.27 11.62 -15.96
CA GLU B 138 46.91 11.99 -15.60
C GLU B 138 46.24 12.71 -16.78
N GLN B 139 47.04 13.26 -17.69
CA GLN B 139 46.53 14.00 -18.83
C GLN B 139 45.56 13.15 -19.65
N PRO B 140 44.48 13.77 -20.15
CA PRO B 140 43.57 13.10 -21.09
C PRO B 140 44.27 12.55 -22.34
N THR B 141 43.68 11.52 -22.94
CA THR B 141 44.30 10.86 -24.09
C THR B 141 44.58 11.85 -25.21
N ILE B 142 43.58 12.69 -25.49
CA ILE B 142 43.73 13.76 -26.49
C ILE B 142 45.04 14.52 -26.26
N SER B 143 45.27 14.92 -25.00
CA SER B 143 46.48 15.66 -24.60
C SER B 143 47.76 14.89 -24.85
N LYS B 144 47.73 13.59 -24.56
CA LYS B 144 48.86 12.72 -24.88
C LYS B 144 49.11 12.75 -26.39
N ALA B 145 48.06 12.51 -27.16
CA ALA B 145 48.13 12.58 -28.61
C ALA B 145 48.78 13.90 -29.05
N GLY B 146 48.30 15.02 -28.51
CA GLY B 146 48.90 16.33 -28.75
C GLY B 146 50.40 16.37 -28.49
N ILE B 147 50.82 15.89 -27.31
CA ILE B 147 52.24 15.79 -26.94
C ILE B 147 53.05 14.99 -27.99
N VAL B 148 52.49 13.89 -28.51
CA VAL B 148 53.19 13.07 -29.51
C VAL B 148 53.33 13.82 -30.84
N ILE B 149 52.23 14.40 -31.33
CA ILE B 149 52.26 15.27 -32.51
C ILE B 149 53.39 16.29 -32.37
N VAL B 150 53.36 17.10 -31.31
CA VAL B 150 54.42 18.07 -31.06
C VAL B 150 55.78 17.40 -31.06
N ALA B 151 55.94 16.38 -30.23
CA ALA B 151 57.21 15.65 -30.12
C ALA B 151 57.68 15.05 -31.49
N LEU B 152 56.73 14.77 -32.39
CA LEU B 152 57.09 14.36 -33.75
C LEU B 152 57.54 15.55 -34.59
N GLY B 153 56.77 16.63 -34.58
CA GLY B 153 57.16 17.86 -35.26
C GLY B 153 58.54 18.30 -34.84
N PHE B 154 58.74 18.32 -33.52
CA PHE B 154 60.03 18.65 -32.90
C PHE B 154 61.14 17.74 -33.41
N LEU B 155 60.99 16.43 -33.18
CA LEU B 155 62.00 15.47 -33.63
C LEU B 155 62.39 15.70 -35.08
N PHE B 156 61.39 15.77 -35.96
CA PHE B 156 61.60 16.01 -37.38
C PHE B 156 62.44 17.25 -37.66
N ASN B 157 61.98 18.38 -37.14
CA ASN B 157 62.62 19.68 -37.36
C ASN B 157 64.11 19.70 -36.97
N VAL B 158 64.42 19.28 -35.76
CA VAL B 158 65.81 19.23 -35.30
C VAL B 158 66.50 17.96 -35.80
N GLY B 159 65.71 16.95 -36.14
CA GLY B 159 66.20 15.73 -36.76
C GLY B 159 66.80 16.00 -38.12
N MET B 160 66.09 16.78 -38.93
CA MET B 160 66.60 17.18 -40.25
C MET B 160 67.88 18.02 -40.15
N THR B 161 67.95 18.88 -39.12
CA THR B 161 69.10 19.77 -38.95
C THR B 161 70.43 19.03 -38.76
N VAL B 162 70.37 17.84 -38.15
CA VAL B 162 71.57 17.02 -37.91
C VAL B 162 71.98 16.28 -39.18
N LEU B 163 71.01 15.96 -40.01
CA LEU B 163 71.28 15.30 -41.29
C LEU B 163 71.98 16.26 -42.22
N ARG B 164 71.41 17.45 -42.39
CA ARG B 164 71.97 18.48 -43.27
C ARG B 164 73.05 19.31 -42.55
N GLY B 165 74.12 18.65 -42.12
CA GLY B 165 75.18 19.31 -41.33
C GLY B 165 76.06 18.30 -40.60
N ARG B 166 76.98 18.81 -39.78
CA ARG B 166 77.92 17.95 -39.04
C ARG B 166 77.25 16.95 -38.10
N LYS B 167 77.88 15.79 -37.98
CA LYS B 167 77.39 14.72 -37.13
C LYS B 167 78.37 14.52 -35.98
N THR B 168 78.35 15.46 -35.05
CA THR B 168 79.14 15.33 -33.82
C THR B 168 78.46 14.30 -32.91
N ALA B 169 79.23 13.68 -32.02
CA ALA B 169 78.69 12.66 -31.10
C ALA B 169 77.58 13.25 -30.23
N ILE B 170 77.88 14.38 -29.61
CA ILE B 170 76.92 15.16 -28.84
C ILE B 170 75.56 15.21 -29.55
N SER B 171 75.53 15.76 -30.76
CA SER B 171 74.28 15.87 -31.54
C SER B 171 73.60 14.53 -31.79
N MET B 172 74.39 13.50 -32.03
CA MET B 172 73.86 12.16 -32.29
C MET B 172 73.18 11.59 -31.04
N VAL B 173 73.91 11.56 -29.93
CA VAL B 173 73.41 11.00 -28.66
C VAL B 173 72.15 11.72 -28.19
N LEU B 174 72.19 13.04 -28.29
CA LEU B 174 71.05 13.91 -27.98
C LEU B 174 69.84 13.52 -28.83
N MET B 175 70.04 13.26 -30.12
CA MET B 175 68.96 12.76 -30.97
C MET B 175 68.46 11.38 -30.55
N THR B 176 69.37 10.46 -30.24
CA THR B 176 69.00 9.16 -29.66
C THR B 176 68.09 9.32 -28.43
N GLY B 177 68.60 10.03 -27.40
CA GLY B 177 67.83 10.33 -26.20
C GLY B 177 66.45 10.90 -26.50
N LEU B 178 66.39 11.87 -27.40
CA LEU B 178 65.11 12.51 -27.71
C LEU B 178 64.18 11.58 -28.49
N ILE B 179 64.70 10.87 -29.49
CA ILE B 179 63.88 9.88 -30.22
C ILE B 179 63.32 8.89 -29.20
N GLY B 180 64.22 8.34 -28.38
CA GLY B 180 63.86 7.36 -27.36
C GLY B 180 62.87 7.86 -26.35
N LEU B 181 62.98 9.14 -25.98
CA LEU B 181 62.02 9.79 -25.09
C LEU B 181 60.62 9.68 -25.66
N ALA B 182 60.48 10.09 -26.92
CA ALA B 182 59.18 10.11 -27.58
C ALA B 182 58.62 8.70 -27.85
N LEU B 183 59.50 7.74 -28.14
CA LEU B 183 59.03 6.36 -28.38
C LEU B 183 58.47 5.73 -27.10
N LEU B 184 59.27 5.69 -26.05
CA LEU B 184 58.81 5.17 -24.78
C LEU B 184 57.51 5.81 -24.28
N PHE B 185 57.32 7.10 -24.56
CA PHE B 185 56.11 7.83 -24.18
C PHE B 185 54.84 7.27 -24.80
N LEU B 186 54.98 6.41 -25.81
CA LEU B 186 53.84 5.76 -26.44
C LEU B 186 53.19 4.76 -25.49
N PHE B 187 54.02 4.12 -24.65
CA PHE B 187 53.54 3.15 -23.64
C PHE B 187 52.57 3.75 -22.61
N SER B 188 52.49 5.08 -22.63
CA SER B 188 51.45 5.81 -21.92
C SER B 188 50.07 5.57 -22.52
N PHE B 189 50.02 5.00 -23.73
CA PHE B 189 48.77 4.67 -24.39
C PHE B 189 48.32 3.24 -24.13
N TYR B 190 49.27 2.36 -23.91
CA TYR B 190 48.98 0.97 -23.57
C TYR B 190 48.62 0.89 -22.08
N ASN B 191 47.36 0.58 -21.77
CA ASN B 191 46.87 0.59 -20.40
C ASN B 191 46.19 -0.71 -20.00
N PRO B 192 46.99 -1.78 -19.72
CA PRO B 192 46.53 -3.14 -19.40
C PRO B 192 45.34 -3.25 -18.42
N GLU B 193 44.48 -4.25 -18.62
CA GLU B 193 43.38 -4.53 -17.66
C GLU B 193 43.91 -5.20 -16.40
N ASN B 194 44.98 -5.96 -16.57
CA ASN B 194 45.67 -6.62 -15.46
C ASN B 194 46.56 -5.60 -14.78
N LEU B 195 46.27 -5.35 -13.50
CA LEU B 195 46.97 -4.37 -12.69
C LEU B 195 48.50 -4.57 -12.69
N THR B 196 48.95 -5.81 -12.53
CA THR B 196 50.40 -6.07 -12.51
C THR B 196 51.00 -5.89 -13.89
N ARG B 197 50.23 -6.18 -14.93
CA ARG B 197 50.65 -5.88 -16.32
C ARG B 197 50.77 -4.40 -16.52
N ASP B 198 49.82 -3.65 -15.95
CA ASP B 198 49.79 -2.19 -15.99
C ASP B 198 51.07 -1.61 -15.41
N LYS B 199 51.40 -2.02 -14.19
CA LYS B 199 52.57 -1.51 -13.47
C LYS B 199 53.88 -1.86 -14.19
N PHE B 200 53.99 -3.10 -14.66
CA PHE B 200 55.17 -3.51 -15.41
C PHE B 200 55.54 -2.49 -16.50
N TYR B 201 54.54 -2.08 -17.30
CA TYR B 201 54.75 -1.23 -18.48
C TYR B 201 54.67 0.25 -18.23
N TRP B 202 54.21 0.62 -17.04
CA TRP B 202 54.29 2.01 -16.57
C TRP B 202 55.76 2.39 -16.39
N TRP B 203 56.55 1.50 -15.79
CA TRP B 203 57.98 1.77 -15.57
C TRP B 203 58.83 1.84 -16.85
N TRP B 204 58.26 1.46 -17.99
CA TRP B 204 58.95 1.64 -19.26
C TRP B 204 58.92 3.14 -19.65
N VAL B 205 57.85 3.85 -19.26
CA VAL B 205 57.78 5.31 -19.43
C VAL B 205 58.71 5.99 -18.44
N VAL B 206 58.44 5.79 -17.15
CA VAL B 206 59.08 6.58 -16.10
C VAL B 206 60.57 6.26 -15.93
N HIS B 207 60.89 4.98 -15.72
CA HIS B 207 62.28 4.59 -15.41
C HIS B 207 63.21 4.64 -16.64
N LEU B 208 62.84 4.02 -17.76
CA LEU B 208 63.65 4.11 -18.98
C LEU B 208 63.78 5.55 -19.51
N TRP B 209 62.83 6.43 -19.16
CA TRP B 209 63.07 7.88 -19.32
C TRP B 209 64.20 8.32 -18.43
N VAL B 210 63.93 8.32 -17.13
CA VAL B 210 64.71 9.10 -16.18
C VAL B 210 66.08 8.45 -15.86
N GLU B 211 66.18 7.13 -16.04
CA GLU B 211 67.42 6.39 -15.74
C GLU B 211 68.06 5.78 -16.97
N GLY B 212 67.46 5.97 -18.13
CA GLY B 212 68.03 5.50 -19.37
C GLY B 212 68.13 6.63 -20.37
N VAL B 213 67.06 6.83 -21.10
CA VAL B 213 67.04 7.74 -22.24
C VAL B 213 67.27 9.24 -21.89
N TRP B 214 66.78 9.72 -20.74
CA TRP B 214 67.02 11.11 -20.34
C TRP B 214 68.46 11.29 -19.94
N GLU B 215 69.12 10.26 -19.42
CA GLU B 215 70.53 10.40 -19.08
C GLU B 215 71.39 10.70 -20.32
N LEU B 216 70.92 10.30 -21.50
CA LEU B 216 71.58 10.62 -22.75
C LEU B 216 71.39 12.09 -23.06
N ILE B 217 70.14 12.54 -22.98
CA ILE B 217 69.83 13.97 -23.10
C ILE B 217 70.73 14.76 -22.13
N MET B 218 70.63 14.46 -20.84
CA MET B 218 71.40 15.16 -19.81
C MET B 218 72.90 15.15 -20.09
N GLY B 219 73.46 13.96 -20.23
CA GLY B 219 74.89 13.82 -20.52
C GLY B 219 75.33 14.69 -21.68
N ALA B 220 74.55 14.63 -22.78
CA ALA B 220 74.86 15.32 -24.03
C ALA B 220 74.95 16.85 -23.87
N ILE B 221 73.94 17.41 -23.21
CA ILE B 221 73.94 18.83 -22.84
C ILE B 221 75.13 19.20 -21.96
N LEU B 222 75.35 18.46 -20.88
CA LEU B 222 76.53 18.68 -20.03
C LEU B 222 77.84 18.71 -20.82
N ALA B 223 78.00 17.73 -21.69
CA ALA B 223 79.18 17.64 -22.54
C ALA B 223 79.23 18.81 -23.52
N PHE B 224 78.11 19.15 -24.16
CA PHE B 224 78.08 20.35 -24.99
C PHE B 224 78.46 21.62 -24.22
N VAL B 225 78.02 21.73 -22.98
CA VAL B 225 78.33 22.91 -22.18
C VAL B 225 79.80 22.90 -21.78
N LEU B 226 80.33 21.74 -21.41
CA LEU B 226 81.74 21.66 -21.02
C LEU B 226 82.71 21.96 -22.16
N VAL B 227 82.30 21.74 -23.41
CA VAL B 227 83.15 22.06 -24.56
C VAL B 227 83.30 23.58 -24.66
N LYS B 228 82.20 24.30 -24.48
CA LYS B 228 82.19 25.74 -24.71
C LYS B 228 82.81 26.61 -23.60
N ILE B 229 82.81 26.16 -22.36
CA ILE B 229 83.25 27.01 -21.25
C ILE B 229 84.66 26.68 -20.74
N THR B 230 85.19 25.55 -21.20
CA THR B 230 86.49 25.02 -20.72
C THR B 230 87.50 24.95 -21.85
N GLY B 231 87.01 24.85 -23.08
CA GLY B 231 87.85 24.84 -24.26
C GLY B 231 88.69 23.59 -24.37
N VAL B 232 88.20 22.48 -23.82
CA VAL B 232 88.93 21.22 -23.85
C VAL B 232 88.62 20.50 -25.16
N ASP B 233 89.48 19.57 -25.54
CA ASP B 233 89.42 18.91 -26.83
C ASP B 233 88.14 18.10 -27.01
N ARG B 234 87.33 18.47 -28.00
CA ARG B 234 86.10 17.75 -28.33
C ARG B 234 86.26 16.21 -28.30
N GLU B 235 87.45 15.74 -28.66
CA GLU B 235 87.70 14.30 -28.81
C GLU B 235 87.74 13.54 -27.48
N VAL B 236 88.22 14.17 -26.40
CA VAL B 236 88.19 13.51 -25.08
C VAL B 236 86.84 13.71 -24.39
N ILE B 237 86.19 14.83 -24.67
CA ILE B 237 84.84 15.07 -24.16
C ILE B 237 83.91 14.00 -24.71
N GLU B 238 83.88 13.84 -26.02
CA GLU B 238 82.99 12.86 -26.67
C GLU B 238 83.32 11.41 -26.31
N LYS B 239 84.58 11.14 -25.98
CA LYS B 239 84.99 9.84 -25.48
C LYS B 239 84.28 9.59 -24.15
N TRP B 240 84.46 10.51 -23.23
CA TRP B 240 83.92 10.46 -21.88
C TRP B 240 82.41 10.36 -21.90
N LEU B 241 81.81 11.12 -22.81
CA LEU B 241 80.38 11.04 -23.04
C LEU B 241 79.97 9.61 -23.28
N TYR B 242 80.59 8.97 -24.27
CA TYR B 242 80.23 7.58 -24.60
C TYR B 242 80.41 6.60 -23.46
N VAL B 243 81.40 6.82 -22.60
CA VAL B 243 81.56 5.99 -21.41
C VAL B 243 80.34 6.13 -20.51
N ILE B 244 80.03 7.35 -20.11
CA ILE B 244 78.88 7.62 -19.24
C ILE B 244 77.59 7.00 -19.78
N ILE B 245 77.31 7.17 -21.06
CA ILE B 245 76.12 6.60 -21.70
C ILE B 245 76.14 5.08 -21.61
N ALA B 246 77.25 4.47 -22.01
CA ALA B 246 77.37 3.02 -21.94
C ALA B 246 77.02 2.54 -20.52
N MET B 247 77.63 3.16 -19.50
CA MET B 247 77.37 2.78 -18.10
C MET B 247 75.90 2.98 -17.69
N ALA B 248 75.22 3.93 -18.32
CA ALA B 248 73.82 4.22 -18.02
C ALA B 248 72.90 3.10 -18.50
N LEU B 249 73.07 2.70 -19.76
CA LEU B 249 72.24 1.65 -20.36
C LEU B 249 72.64 0.23 -19.97
N ILE B 250 73.89 0.04 -19.54
CA ILE B 250 74.31 -1.22 -18.93
C ILE B 250 73.51 -1.43 -17.62
N SER B 251 73.71 -0.54 -16.65
CA SER B 251 73.06 -0.63 -15.34
C SER B 251 71.54 -0.52 -15.41
N GLY B 252 71.07 0.42 -16.22
CA GLY B 252 69.70 0.92 -16.13
C GLY B 252 68.60 0.10 -16.77
N ILE B 253 68.92 -0.62 -17.83
CA ILE B 253 67.88 -1.36 -18.59
C ILE B 253 67.37 -2.60 -17.85
N ILE B 254 68.28 -3.34 -17.22
CA ILE B 254 67.88 -4.42 -16.31
C ILE B 254 67.61 -3.83 -14.92
N GLY B 255 68.34 -2.77 -14.58
CA GLY B 255 68.16 -2.06 -13.31
C GLY B 255 66.72 -1.61 -13.08
N THR B 256 65.96 -1.52 -14.17
CA THR B 256 64.51 -1.34 -14.11
C THR B 256 63.87 -2.28 -13.08
N GLY B 257 64.46 -3.46 -12.93
CA GLY B 257 63.98 -4.44 -11.99
C GLY B 257 63.83 -4.01 -10.55
N HIS B 258 64.45 -2.89 -10.17
CA HIS B 258 64.29 -2.37 -8.80
C HIS B 258 62.89 -1.81 -8.55
N HIS B 259 62.17 -1.56 -9.63
CA HIS B 259 60.75 -1.20 -9.57
C HIS B 259 59.84 -2.41 -9.66
N TYR B 260 60.42 -3.58 -9.94
CA TYR B 260 59.67 -4.83 -10.15
C TYR B 260 59.75 -5.80 -8.96
N PHE B 261 59.96 -5.30 -7.76
CA PHE B 261 60.01 -6.19 -6.58
C PHE B 261 58.61 -6.62 -6.13
N TRP B 262 57.78 -5.67 -5.76
CA TRP B 262 56.54 -5.97 -5.03
C TRP B 262 55.25 -5.73 -5.81
N ILE B 263 55.27 -5.89 -7.14
CA ILE B 263 54.09 -5.59 -7.97
C ILE B 263 53.42 -6.82 -8.57
N GLY B 264 53.92 -8.01 -8.23
CA GLY B 264 53.32 -9.26 -8.69
C GLY B 264 54.02 -9.93 -9.86
N VAL B 265 55.28 -9.57 -10.10
CA VAL B 265 56.09 -10.25 -11.10
C VAL B 265 57.09 -11.09 -10.34
N PRO B 266 57.65 -12.12 -11.01
CA PRO B 266 58.61 -13.06 -10.43
C PRO B 266 59.64 -12.50 -9.45
N GLY B 267 60.06 -13.36 -8.53
CA GLY B 267 61.07 -13.00 -7.56
C GLY B 267 62.47 -12.90 -8.11
N TYR B 268 62.72 -13.43 -9.31
CA TYR B 268 64.07 -13.36 -9.87
C TYR B 268 64.47 -11.93 -10.19
N TRP B 269 63.47 -11.08 -10.38
CA TRP B 269 63.68 -9.64 -10.52
C TRP B 269 64.30 -9.01 -9.28
N LEU B 270 64.12 -9.64 -8.12
CA LEU B 270 64.67 -9.11 -6.87
C LEU B 270 66.18 -9.18 -6.87
N TRP B 271 66.71 -10.25 -7.45
CA TRP B 271 68.15 -10.37 -7.61
C TRP B 271 68.61 -9.46 -8.73
N LEU B 272 68.01 -9.62 -9.91
CA LEU B 272 68.38 -8.87 -11.10
C LEU B 272 68.29 -7.38 -10.87
N GLY B 273 67.16 -6.93 -10.32
CA GLY B 273 66.95 -5.52 -10.00
C GLY B 273 67.92 -4.98 -8.96
N SER B 274 68.18 -5.75 -7.91
CA SER B 274 69.09 -5.30 -6.86
C SER B 274 70.55 -5.36 -7.28
N VAL B 275 70.91 -6.28 -8.18
CA VAL B 275 72.31 -6.38 -8.62
C VAL B 275 72.61 -5.24 -9.58
N PHE B 276 71.78 -5.10 -10.62
CA PHE B 276 71.99 -4.08 -11.66
C PHE B 276 71.78 -2.63 -11.17
N SER B 277 70.85 -2.44 -10.23
CA SER B 277 70.64 -1.11 -9.66
C SER B 277 71.81 -0.62 -8.82
N ALA B 278 72.55 -1.55 -8.22
CA ALA B 278 73.72 -1.17 -7.46
C ALA B 278 74.70 -0.40 -8.37
N LEU B 279 74.66 -0.69 -9.68
CA LEU B 279 75.55 -0.05 -10.65
C LEU B 279 75.07 1.31 -11.17
N GLU B 280 73.82 1.66 -10.93
CA GLU B 280 73.26 2.87 -11.52
C GLU B 280 73.83 4.21 -11.03
N PRO B 281 74.41 4.25 -9.82
CA PRO B 281 75.12 5.49 -9.46
C PRO B 281 76.42 5.74 -10.24
N LEU B 282 76.97 4.73 -10.93
CA LEU B 282 78.24 4.91 -11.64
C LEU B 282 78.18 6.05 -12.66
N PRO B 283 77.26 5.98 -13.65
CA PRO B 283 77.17 7.08 -14.61
C PRO B 283 77.21 8.45 -13.94
N PHE B 284 76.49 8.60 -12.84
CA PHE B 284 76.47 9.87 -12.12
C PHE B 284 77.83 10.20 -11.51
N PHE B 285 78.55 9.20 -11.00
CA PHE B 285 79.90 9.41 -10.49
C PHE B 285 80.85 9.83 -11.61
N ALA B 286 80.70 9.21 -12.78
CA ALA B 286 81.43 9.64 -13.97
C ALA B 286 81.14 11.10 -14.28
N MET B 287 79.86 11.47 -14.27
CA MET B 287 79.46 12.83 -14.61
C MET B 287 80.20 13.89 -13.78
N VAL B 288 80.46 13.63 -12.50
CA VAL B 288 81.17 14.62 -11.66
C VAL B 288 82.67 14.64 -12.01
N LEU B 289 83.26 13.48 -12.25
CA LEU B 289 84.65 13.43 -12.65
C LEU B 289 84.78 14.10 -14.00
N PHE B 290 83.79 13.89 -14.85
CA PHE B 290 83.73 14.48 -16.20
C PHE B 290 83.66 16.01 -16.14
N ALA B 291 82.74 16.53 -15.34
CA ALA B 291 82.67 17.97 -15.08
C ALA B 291 83.95 18.49 -14.46
N PHE B 292 84.35 17.91 -13.32
CA PHE B 292 85.47 18.45 -12.53
C PHE B 292 86.80 18.46 -13.29
N ASN B 293 87.16 17.36 -13.95
CA ASN B 293 88.36 17.38 -14.78
C ASN B 293 88.29 18.45 -15.86
N THR B 294 87.41 18.30 -16.84
CA THR B 294 87.39 19.23 -17.97
C THR B 294 87.31 20.71 -17.53
N ILE B 295 86.55 20.98 -16.46
CA ILE B 295 86.46 22.34 -15.89
C ILE B 295 87.72 22.71 -15.12
N ASN B 296 88.51 21.72 -14.75
CA ASN B 296 89.75 21.95 -14.00
C ASN B 296 90.98 22.04 -14.91
N ARG B 297 90.90 21.49 -16.13
CA ARG B 297 91.99 21.59 -17.12
C ARG B 297 91.54 22.50 -18.25
N ARG B 298 91.11 23.70 -17.89
CA ARG B 298 90.54 24.62 -18.85
C ARG B 298 91.67 25.28 -19.58
N ARG B 299 91.46 25.48 -20.86
CA ARG B 299 92.23 26.43 -21.63
C ARG B 299 91.64 27.82 -21.47
N ARG B 300 90.64 27.96 -20.60
CA ARG B 300 89.80 29.13 -20.47
C ARG B 300 89.34 29.46 -19.05
N ASP B 301 89.39 30.73 -18.70
CA ASP B 301 88.57 31.29 -17.62
C ASP B 301 87.35 31.90 -18.33
N TYR B 302 86.16 31.41 -18.05
CA TYR B 302 85.01 31.79 -18.84
C TYR B 302 84.26 32.94 -18.19
N PRO B 303 83.91 33.99 -18.98
CA PRO B 303 83.28 35.22 -18.48
C PRO B 303 82.02 34.99 -17.66
N ASN B 304 81.29 33.92 -17.93
CA ASN B 304 80.12 33.56 -17.14
C ASN B 304 80.50 32.53 -16.06
N ARG B 305 80.82 33.00 -14.87
CA ARG B 305 81.34 32.14 -13.79
C ARG B 305 80.25 31.21 -13.24
N ALA B 306 78.99 31.58 -13.47
CA ALA B 306 77.84 30.82 -12.97
C ALA B 306 77.69 29.45 -13.63
N VAL B 307 77.94 29.39 -14.94
CA VAL B 307 77.79 28.16 -15.70
C VAL B 307 78.63 27.05 -15.06
N ALA B 308 79.91 27.33 -14.81
CA ALA B 308 80.80 26.37 -14.13
C ALA B 308 80.22 25.86 -12.80
N LEU B 309 79.65 26.77 -12.01
CA LEU B 309 79.02 26.40 -10.76
C LEU B 309 77.84 25.49 -11.03
N TRP B 310 76.99 25.88 -11.98
CA TRP B 310 75.83 25.07 -12.38
C TRP B 310 76.23 23.66 -12.86
N ALA B 311 77.25 23.57 -13.71
CA ALA B 311 77.66 22.29 -14.26
C ALA B 311 78.24 21.39 -13.19
N MET B 312 79.12 21.92 -12.37
CA MET B 312 79.69 21.16 -11.24
C MET B 312 78.59 20.76 -10.24
N GLY B 313 77.73 21.70 -9.88
CA GLY B 313 76.64 21.45 -8.94
C GLY B 313 75.64 20.43 -9.47
N THR B 314 75.20 20.60 -10.71
CA THR B 314 74.29 19.64 -11.36
C THR B 314 74.79 18.23 -11.16
N THR B 315 76.04 18.00 -11.56
CA THR B 315 76.64 16.66 -11.48
C THR B 315 76.70 16.11 -10.03
N VAL B 316 77.04 16.97 -9.07
CA VAL B 316 77.09 16.55 -7.67
C VAL B 316 75.67 16.23 -7.21
N MET B 317 74.78 17.22 -7.26
CA MET B 317 73.38 17.03 -6.84
C MET B 317 72.72 15.79 -7.46
N ALA B 318 72.94 15.57 -8.75
CA ALA B 318 72.43 14.36 -9.41
C ALA B 318 73.05 13.10 -8.79
N PHE B 319 74.33 13.16 -8.46
CA PHE B 319 74.98 12.02 -7.81
C PHE B 319 74.36 11.75 -6.45
N LEU B 320 74.19 12.79 -5.63
CA LEU B 320 73.58 12.63 -4.32
C LEU B 320 72.14 12.13 -4.39
N GLY B 321 71.36 12.76 -5.25
CA GLY B 321 69.94 12.45 -5.34
C GLY B 321 69.69 11.11 -6.03
N ALA B 322 70.15 10.99 -7.27
CA ALA B 322 69.96 9.77 -8.02
C ALA B 322 70.86 8.69 -7.47
N GLY B 323 72.14 9.00 -7.34
CA GLY B 323 73.10 7.97 -6.96
C GLY B 323 73.06 7.48 -5.51
N VAL B 324 73.40 8.38 -4.58
CA VAL B 324 73.51 8.00 -3.18
C VAL B 324 72.13 7.66 -2.65
N TRP B 325 71.21 8.63 -2.67
CA TRP B 325 69.83 8.38 -2.24
C TRP B 325 69.19 7.24 -3.03
N GLY B 326 69.55 7.09 -4.30
CA GLY B 326 69.06 5.93 -5.07
C GLY B 326 69.55 4.60 -4.54
N PHE B 327 70.85 4.50 -4.27
CA PHE B 327 71.45 3.27 -3.74
C PHE B 327 70.86 2.88 -2.38
N MET B 328 70.81 3.85 -1.46
CA MET B 328 70.26 3.66 -0.10
C MET B 328 68.99 2.82 0.05
N HIS B 329 68.18 2.72 -1.01
CA HIS B 329 66.93 1.97 -0.93
C HIS B 329 66.59 1.19 -2.22
N THR B 330 67.61 0.89 -3.02
CA THR B 330 67.41 0.09 -4.22
C THR B 330 67.58 -1.42 -3.96
N LEU B 331 68.09 -1.76 -2.78
CA LEU B 331 68.30 -3.16 -2.40
C LEU B 331 67.04 -3.78 -1.79
N ALA B 332 66.47 -4.75 -2.49
CA ALA B 332 65.18 -5.36 -2.13
C ALA B 332 64.98 -5.48 -0.62
N PRO B 333 65.94 -6.10 0.11
CA PRO B 333 65.87 -6.12 1.56
C PRO B 333 65.56 -4.78 2.25
N VAL B 334 66.15 -3.68 1.77
CA VAL B 334 65.84 -2.35 2.29
C VAL B 334 64.53 -1.84 1.70
N ASN B 335 64.41 -1.94 0.38
CA ASN B 335 63.25 -1.41 -0.34
C ASN B 335 61.91 -1.89 0.20
N TYR B 336 61.91 -3.13 0.68
CA TYR B 336 60.75 -3.77 1.30
C TYR B 336 60.10 -2.91 2.39
N TYR B 337 60.93 -2.29 3.21
CA TYR B 337 60.44 -1.51 4.35
C TYR B 337 60.21 -0.03 4.02
N THR B 338 60.82 0.44 2.93
CA THR B 338 60.71 1.84 2.52
C THR B 338 59.75 2.07 1.34
N HIS B 339 59.30 0.99 0.70
CA HIS B 339 58.53 1.09 -0.53
C HIS B 339 57.29 1.96 -0.34
N GLY B 340 57.24 3.09 -1.05
CA GLY B 340 56.08 4.00 -1.01
C GLY B 340 56.02 4.82 0.25
N THR B 341 57.15 5.39 0.64
CA THR B 341 57.34 6.05 1.92
C THR B 341 57.78 7.49 1.65
N GLN B 342 57.90 8.34 2.67
CA GLN B 342 58.47 9.68 2.51
C GLN B 342 59.92 9.67 2.05
N LEU B 343 60.56 8.51 2.17
CA LEU B 343 61.91 8.32 1.73
C LEU B 343 61.94 8.32 0.21
N THR B 344 61.01 7.58 -0.39
CA THR B 344 60.83 7.58 -1.84
C THR B 344 60.62 9.00 -2.39
N ALA B 345 59.79 9.80 -1.70
CA ALA B 345 59.61 11.22 -2.02
C ALA B 345 60.87 12.07 -1.82
N ALA B 346 61.69 11.76 -0.81
CA ALA B 346 62.98 12.46 -0.60
C ALA B 346 63.90 12.28 -1.78
N HIS B 347 64.01 11.04 -2.25
CA HIS B 347 64.90 10.67 -3.34
C HIS B 347 64.44 11.29 -4.65
N GLY B 348 63.18 11.05 -5.00
CA GLY B 348 62.58 11.62 -6.18
C GLY B 348 62.84 13.10 -6.30
N HIS B 349 62.73 13.83 -5.20
CA HIS B 349 62.90 15.27 -5.24
C HIS B 349 64.32 15.68 -5.59
N MET B 350 65.30 15.08 -4.92
CA MET B 350 66.70 15.40 -5.21
C MET B 350 67.17 14.90 -6.58
N ALA B 351 66.72 13.69 -6.92
CA ALA B 351 67.13 13.04 -8.15
C ALA B 351 66.56 13.77 -9.36
N PHE B 352 65.29 14.18 -9.29
CA PHE B 352 64.71 14.99 -10.37
C PHE B 352 65.38 16.37 -10.46
N TYR B 353 65.47 17.06 -9.32
CA TYR B 353 66.07 18.39 -9.29
C TYR B 353 67.53 18.37 -9.72
N GLY B 354 68.34 17.57 -9.04
CA GLY B 354 69.79 17.53 -9.25
C GLY B 354 70.22 17.15 -10.65
N ALA B 355 69.47 16.23 -11.25
CA ALA B 355 69.77 15.80 -12.59
C ALA B 355 69.17 16.73 -13.62
N TYR B 356 67.85 16.87 -13.62
CA TYR B 356 67.20 17.48 -14.77
C TYR B 356 66.78 18.93 -14.64
N ALA B 357 66.39 19.35 -13.44
CA ALA B 357 66.12 20.77 -13.22
C ALA B 357 67.40 21.59 -13.34
N MET B 358 68.45 21.16 -12.67
CA MET B 358 69.74 21.85 -12.72
C MET B 358 70.39 21.85 -14.11
N ILE B 359 70.26 20.78 -14.90
CA ILE B 359 70.89 20.73 -16.23
C ILE B 359 70.18 21.68 -17.22
N VAL B 360 68.85 21.80 -17.11
CA VAL B 360 68.12 22.78 -17.89
C VAL B 360 68.58 24.20 -17.49
N MET B 361 68.71 24.45 -16.18
CA MET B 361 69.19 25.75 -15.69
C MET B 361 70.64 26.04 -16.08
N THR B 362 71.49 25.00 -16.07
CA THR B 362 72.87 25.12 -16.56
C THR B 362 72.89 25.66 -17.99
N ILE B 363 72.27 24.95 -18.95
CA ILE B 363 72.34 25.43 -20.34
C ILE B 363 71.60 26.75 -20.59
N ILE B 364 70.57 27.04 -19.80
CA ILE B 364 69.95 28.36 -19.86
C ILE B 364 71.01 29.37 -19.43
N SER B 365 71.66 29.12 -18.28
CA SER B 365 72.70 30.02 -17.75
C SER B 365 73.80 30.30 -18.78
N TYR B 366 74.07 29.32 -19.64
CA TYR B 366 74.99 29.50 -20.76
C TYR B 366 74.37 30.32 -21.91
N ALA B 367 73.26 29.83 -22.48
CA ALA B 367 72.74 30.38 -23.74
C ALA B 367 71.91 31.68 -23.63
N MET B 368 71.35 31.99 -22.47
CA MET B 368 70.40 33.11 -22.40
C MET B 368 70.97 34.47 -22.81
N PRO B 369 72.15 34.83 -22.29
CA PRO B 369 72.76 36.10 -22.69
C PRO B 369 72.99 36.20 -24.19
N ARG B 370 73.48 35.12 -24.79
CA ARG B 370 73.66 35.06 -26.23
C ARG B 370 72.42 34.58 -26.98
N LEU B 371 71.24 34.82 -26.40
CA LEU B 371 69.96 34.71 -27.10
C LEU B 371 69.28 36.07 -27.12
N ARG B 372 69.71 36.92 -26.17
CA ARG B 372 69.31 38.32 -26.06
C ARG B 372 70.38 39.19 -26.66
N GLY B 373 71.39 38.55 -27.25
CA GLY B 373 72.57 39.23 -27.77
C GLY B 373 73.30 40.13 -26.77
N ILE B 374 73.25 39.78 -25.49
CA ILE B 374 73.97 40.53 -24.45
C ILE B 374 75.48 40.23 -24.52
N GLY B 375 75.83 38.96 -24.67
CA GLY B 375 77.22 38.54 -24.75
C GLY B 375 77.34 37.08 -24.34
N GLU B 376 78.54 36.68 -23.96
CA GLU B 376 78.78 35.33 -23.44
C GLU B 376 78.37 35.26 -21.98
N ALA B 377 78.40 36.42 -21.32
CA ALA B 377 78.06 36.58 -19.90
C ALA B 377 77.22 37.83 -19.64
N MET B 378 76.54 37.83 -18.49
CA MET B 378 75.86 39.03 -18.00
C MET B 378 76.88 39.86 -17.27
N ASP B 379 76.47 41.01 -16.76
CA ASP B 379 77.34 41.83 -15.90
C ASP B 379 77.42 41.20 -14.51
N ASN B 380 78.22 41.79 -13.63
CA ASN B 380 78.47 41.22 -12.31
C ASN B 380 77.25 41.26 -11.37
N ARG B 381 76.26 42.11 -11.68
CA ARG B 381 74.98 42.12 -10.96
C ARG B 381 74.26 40.79 -11.14
N SER B 382 73.91 40.50 -12.40
CA SER B 382 73.11 39.32 -12.74
C SER B 382 73.79 38.01 -12.38
N GLN B 383 75.10 38.08 -12.14
CA GLN B 383 75.92 36.89 -12.02
C GLN B 383 75.97 36.43 -10.58
N VAL B 384 76.10 37.39 -9.67
CA VAL B 384 76.08 37.10 -8.25
C VAL B 384 74.65 36.81 -7.78
N LEU B 385 73.64 37.10 -8.63
CA LEU B 385 72.25 36.72 -8.37
C LEU B 385 71.96 35.28 -8.77
N GLU B 386 72.22 34.94 -10.04
CA GLU B 386 72.16 33.55 -10.49
C GLU B 386 72.75 32.65 -9.44
N MET B 387 73.94 33.03 -8.97
CA MET B 387 74.68 32.22 -8.03
C MET B 387 74.06 32.20 -6.66
N TRP B 388 73.44 33.30 -6.25
CA TRP B 388 72.64 33.31 -5.03
C TRP B 388 71.48 32.32 -5.17
N GLY B 389 70.71 32.48 -6.25
CA GLY B 389 69.62 31.57 -6.60
C GLY B 389 70.05 30.11 -6.57
N PHE B 390 71.09 29.78 -7.35
CA PHE B 390 71.73 28.47 -7.30
C PHE B 390 71.75 27.92 -5.88
N TRP B 391 72.42 28.65 -5.00
CA TRP B 391 72.68 28.18 -3.62
C TRP B 391 71.44 28.09 -2.75
N LEU B 392 70.58 29.08 -2.84
CA LEU B 392 69.34 29.03 -2.10
C LEU B 392 68.62 27.76 -2.52
N MET B 393 68.32 27.64 -3.82
CA MET B 393 67.63 26.45 -4.36
C MET B 393 68.36 25.15 -4.06
N THR B 394 69.62 25.05 -4.46
CA THR B 394 70.37 23.83 -4.23
C THR B 394 70.41 23.45 -2.74
N VAL B 395 70.68 24.41 -1.86
CA VAL B 395 70.73 24.16 -0.41
C VAL B 395 69.32 23.98 0.19
N ALA B 396 68.34 24.70 -0.35
CA ALA B 396 66.95 24.51 0.08
C ALA B 396 66.56 23.05 -0.09
N MET B 397 66.88 22.49 -1.25
CA MET B 397 66.52 21.14 -1.62
C MET B 397 67.28 20.09 -0.84
N VAL B 398 68.51 20.35 -0.41
CA VAL B 398 69.18 19.30 0.41
C VAL B 398 68.45 19.19 1.75
N PHE B 399 67.93 20.29 2.25
CA PHE B 399 67.08 20.27 3.45
C PHE B 399 65.75 19.54 3.19
N ILE B 400 65.02 19.95 2.15
CA ILE B 400 63.82 19.23 1.72
C ILE B 400 64.06 17.72 1.73
N THR B 401 65.16 17.27 1.14
CA THR B 401 65.41 15.81 1.11
C THR B 401 65.76 15.26 2.50
N LEU B 402 66.53 16.03 3.30
CA LEU B 402 66.85 15.63 4.68
C LEU B 402 65.60 15.49 5.52
N PHE B 403 64.83 16.58 5.62
CA PHE B 403 63.57 16.59 6.35
C PHE B 403 62.66 15.40 5.99
N LEU B 404 62.53 15.10 4.70
CA LEU B 404 61.69 13.97 4.25
C LEU B 404 62.34 12.62 4.50
N SER B 405 63.66 12.57 4.43
CA SER B 405 64.38 11.36 4.75
C SER B 405 64.11 11.03 6.21
N ALA B 406 64.10 12.06 7.06
CA ALA B 406 63.74 11.92 8.46
C ALA B 406 62.37 11.30 8.63
N ALA B 407 61.36 11.94 8.05
CA ALA B 407 60.01 11.38 8.03
C ALA B 407 60.03 9.89 7.66
N GLY B 408 60.63 9.58 6.51
CA GLY B 408 60.63 8.23 5.96
C GLY B 408 61.25 7.20 6.89
N VAL B 409 62.36 7.57 7.53
CA VAL B 409 63.04 6.68 8.48
C VAL B 409 62.18 6.44 9.71
N LEU B 410 61.68 7.51 10.31
CA LEU B 410 60.75 7.40 11.44
C LEU B 410 59.50 6.60 11.02
N GLN B 411 58.94 6.94 9.86
CA GLN B 411 57.79 6.22 9.32
C GLN B 411 58.04 4.72 9.13
N VAL B 412 59.19 4.35 8.60
CA VAL B 412 59.49 2.93 8.49
C VAL B 412 59.46 2.37 9.90
N TRP B 413 60.03 3.12 10.83
CA TRP B 413 60.16 2.67 12.21
C TRP B 413 58.81 2.34 12.81
N LEU B 414 57.89 3.30 12.77
CA LEU B 414 56.60 3.16 13.45
C LEU B 414 55.62 2.24 12.75
N GLN B 415 55.49 2.41 11.45
CA GLN B 415 54.45 1.76 10.69
C GLN B 415 54.90 0.42 10.13
N ARG B 416 56.15 0.36 9.65
CA ARG B 416 56.55 -0.71 8.74
C ARG B 416 57.23 -1.91 9.39
N MET B 417 58.09 -1.62 10.36
CA MET B 417 58.91 -2.68 10.98
C MET B 417 58.19 -3.53 12.04
N PRO B 418 57.48 -2.90 12.99
CA PRO B 418 56.65 -3.67 13.93
C PRO B 418 55.72 -4.66 13.23
N ALA B 419 55.31 -5.70 13.96
CA ALA B 419 54.34 -6.66 13.43
C ALA B 419 52.93 -6.22 13.80
N ASP B 420 51.94 -6.88 13.19
CA ASP B 420 50.53 -6.53 13.35
C ASP B 420 50.20 -6.22 14.82
N GLY B 421 49.67 -5.04 15.09
CA GLY B 421 49.28 -4.63 16.45
C GLY B 421 50.19 -3.58 17.06
N ALA B 422 51.49 -3.76 16.90
CA ALA B 422 52.50 -2.79 17.34
C ALA B 422 52.75 -1.77 16.23
N ALA B 423 52.55 -2.19 14.98
CA ALA B 423 52.58 -1.29 13.83
C ALA B 423 51.56 -0.20 14.01
N MET B 424 52.02 1.04 14.09
CA MET B 424 51.14 2.20 14.24
C MET B 424 50.46 2.48 12.88
N THR B 425 49.25 3.05 12.90
CA THR B 425 48.41 3.24 11.71
C THR B 425 49.06 4.13 10.67
N PHE B 426 48.65 4.06 9.41
CA PHE B 426 49.13 5.03 8.43
C PHE B 426 48.93 6.47 8.93
N MET B 427 47.66 6.85 9.12
CA MET B 427 47.30 8.23 9.43
C MET B 427 47.76 8.70 10.84
N ALA B 428 48.12 7.72 11.67
CA ALA B 428 48.61 7.98 13.02
C ALA B 428 50.10 8.27 13.02
N THR B 429 50.86 7.50 12.26
CA THR B 429 52.29 7.78 12.12
C THR B 429 52.44 9.16 11.46
N GLN B 430 51.58 9.45 10.48
CA GLN B 430 51.63 10.76 9.80
C GLN B 430 51.58 11.95 10.75
N ASP B 431 50.95 11.77 11.90
CA ASP B 431 50.90 12.82 12.91
C ASP B 431 52.26 13.02 13.61
N GLN B 432 53.02 11.94 13.78
CA GLN B 432 54.39 12.03 14.32
C GLN B 432 55.31 12.81 13.37
N LEU B 433 55.14 12.55 12.08
CA LEU B 433 55.94 13.14 11.03
C LEU B 433 55.70 14.64 10.80
N ALA B 434 54.69 15.23 11.43
CA ALA B 434 54.25 16.61 11.14
C ALA B 434 55.33 17.68 11.23
N ILE B 435 56.18 17.58 12.24
CA ILE B 435 57.24 18.58 12.41
C ILE B 435 58.11 18.66 11.15
N PHE B 436 58.56 17.48 10.69
CA PHE B 436 59.40 17.35 9.50
C PHE B 436 58.74 18.01 8.29
N TYR B 437 57.43 17.79 8.19
CA TYR B 437 56.60 18.33 7.10
C TYR B 437 56.47 19.85 7.10
N TRP B 438 56.54 20.45 8.30
CA TRP B 438 56.55 21.90 8.48
C TRP B 438 57.93 22.42 8.12
N LEU B 439 58.96 21.75 8.63
CA LEU B 439 60.32 22.11 8.29
C LEU B 439 60.46 22.10 6.78
N ARG B 440 59.92 21.05 6.16
CA ARG B 440 59.93 20.97 4.72
C ARG B 440 59.24 22.16 4.07
N GLU B 441 58.11 22.62 4.62
CA GLU B 441 57.45 23.80 4.05
C GLU B 441 58.32 25.04 4.12
N GLY B 442 59.15 25.15 5.15
CA GLY B 442 60.10 26.25 5.26
C GLY B 442 61.15 26.11 4.17
N ALA B 443 61.76 24.93 4.10
CA ALA B 443 62.72 24.64 3.05
C ALA B 443 62.11 24.99 1.70
N GLY B 444 60.85 24.61 1.52
CA GLY B 444 60.12 24.89 0.29
C GLY B 444 60.01 26.38 0.02
N VAL B 445 59.80 27.16 1.09
CA VAL B 445 59.67 28.61 0.95
C VAL B 445 61.03 29.20 0.57
N VAL B 446 62.07 28.78 1.27
CA VAL B 446 63.43 29.24 0.94
C VAL B 446 63.72 28.94 -0.53
N PHE B 447 63.30 27.76 -0.98
CA PHE B 447 63.46 27.36 -2.38
C PHE B 447 62.79 28.35 -3.32
N LEU B 448 61.53 28.70 -3.04
CA LEU B 448 60.80 29.66 -3.88
C LEU B 448 61.51 30.99 -3.94
N ILE B 449 62.07 31.40 -2.81
CA ILE B 449 62.88 32.61 -2.72
C ILE B 449 64.08 32.51 -3.67
N GLY B 450 64.87 31.45 -3.51
CA GLY B 450 65.99 31.14 -4.39
C GLY B 450 65.67 31.01 -5.86
N LEU B 451 64.45 30.59 -6.18
CA LEU B 451 63.98 30.54 -7.58
C LEU B 451 63.70 31.96 -8.05
N VAL B 452 63.17 32.78 -7.15
CA VAL B 452 62.86 34.17 -7.44
C VAL B 452 64.16 34.96 -7.52
N ALA B 453 65.15 34.59 -6.72
CA ALA B 453 66.46 35.22 -6.82
C ALA B 453 67.04 34.91 -8.19
N TYR B 454 67.11 33.63 -8.52
CA TYR B 454 67.54 33.18 -9.83
C TYR B 454 66.81 33.93 -10.94
N LEU B 455 65.51 34.10 -10.80
CA LEU B 455 64.69 34.70 -11.86
C LEU B 455 64.93 36.20 -12.06
N LEU B 456 65.23 36.90 -10.97
CA LEU B 456 65.54 38.33 -11.03
C LEU B 456 66.86 38.62 -11.73
N SER B 457 67.70 37.60 -11.89
CA SER B 457 69.00 37.80 -12.50
C SER B 457 68.93 38.05 -14.00
N PHE B 458 67.73 38.24 -14.57
CA PHE B 458 67.59 38.52 -16.01
C PHE B 458 67.13 39.97 -16.27
N PHE C 5 -79.61 -16.13 48.97
CA PHE C 5 -78.41 -15.99 48.09
C PHE C 5 -78.85 -15.76 46.64
N THR C 6 -79.26 -14.53 46.34
CA THR C 6 -79.90 -14.21 45.07
C THR C 6 -78.89 -13.88 43.95
N LYS C 7 -79.42 -13.73 42.74
CA LYS C 7 -78.64 -13.37 41.54
C LYS C 7 -78.11 -11.93 41.59
N GLY C 8 -78.76 -11.08 42.38
CA GLY C 8 -78.23 -9.74 42.66
C GLY C 8 -77.01 -9.77 43.56
N MET C 9 -76.98 -10.70 44.51
CA MET C 9 -75.85 -10.85 45.46
C MET C 9 -74.58 -11.38 44.77
N ALA C 10 -74.74 -12.46 44.01
CA ALA C 10 -73.62 -13.06 43.27
C ALA C 10 -73.03 -12.09 42.25
N ARG C 11 -73.91 -11.35 41.57
CA ARG C 11 -73.49 -10.36 40.57
C ARG C 11 -72.69 -9.22 41.19
N ASN C 12 -72.89 -8.94 42.46
CA ASN C 12 -72.16 -7.85 43.11
C ASN C 12 -70.81 -8.28 43.63
N ILE C 13 -70.70 -9.51 44.14
CA ILE C 13 -69.38 -10.09 44.49
C ILE C 13 -68.45 -9.96 43.28
N TYR C 14 -68.94 -10.33 42.09
CA TYR C 14 -68.21 -10.14 40.83
C TYR C 14 -67.87 -8.68 40.56
N PHE C 15 -68.83 -7.79 40.75
CA PHE C 15 -68.67 -6.36 40.42
C PHE C 15 -67.71 -5.64 41.37
N GLY C 16 -67.90 -5.84 42.66
CA GLY C 16 -67.15 -5.10 43.66
C GLY C 16 -65.80 -5.72 43.90
N GLY C 17 -65.81 -7.03 44.19
CA GLY C 17 -64.59 -7.78 44.47
C GLY C 17 -63.54 -7.78 43.36
N SER C 18 -63.97 -7.50 42.13
CA SER C 18 -63.03 -7.38 41.01
C SER C 18 -62.45 -5.96 40.93
N VAL C 19 -63.30 -4.95 41.07
CA VAL C 19 -62.83 -3.56 41.13
C VAL C 19 -61.80 -3.37 42.25
N PHE C 20 -62.04 -3.99 43.41
CA PHE C 20 -61.03 -4.06 44.48
C PHE C 20 -59.69 -4.57 43.95
N PHE C 21 -59.70 -5.78 43.39
CA PHE C 21 -58.45 -6.46 43.00
C PHE C 21 -57.76 -5.87 41.76
N ILE C 22 -58.51 -5.26 40.86
CA ILE C 22 -57.92 -4.49 39.79
C ILE C 22 -57.08 -3.37 40.39
N LEU C 23 -57.66 -2.59 41.30
CA LEU C 23 -56.90 -1.51 41.93
C LEU C 23 -55.66 -2.05 42.62
N LEU C 24 -55.87 -3.03 43.51
CA LEU C 24 -54.78 -3.68 44.24
C LEU C 24 -53.66 -4.13 43.29
N PHE C 25 -54.04 -4.75 42.17
CA PHE C 25 -53.10 -5.13 41.12
C PHE C 25 -52.38 -3.88 40.61
N LEU C 26 -53.13 -2.96 40.01
CA LEU C 26 -52.57 -1.70 39.48
C LEU C 26 -51.71 -0.93 40.49
N ALA C 27 -52.12 -0.93 41.76
CA ALA C 27 -51.31 -0.35 42.84
C ALA C 27 -50.02 -1.15 43.01
N LEU C 28 -50.16 -2.48 43.07
CA LEU C 28 -49.02 -3.41 43.14
C LEU C 28 -48.02 -3.27 41.97
N THR C 29 -48.51 -2.93 40.78
CA THR C 29 -47.62 -2.80 39.61
C THR C 29 -46.85 -1.48 39.72
N TYR C 30 -47.57 -0.41 40.08
CA TYR C 30 -46.99 0.91 40.24
C TYR C 30 -45.74 0.88 41.11
N HIS C 31 -45.85 0.25 42.27
CA HIS C 31 -44.71 0.02 43.14
C HIS C 31 -43.62 -0.76 42.41
N THR C 32 -43.98 -1.94 41.90
CA THR C 32 -43.04 -2.86 41.22
C THR C 32 -42.25 -2.16 40.14
N GLU C 33 -42.93 -1.32 39.36
CA GLU C 33 -42.29 -0.63 38.25
C GLU C 33 -41.34 0.49 38.71
N LYS C 34 -41.36 0.81 40.01
CA LYS C 34 -40.35 1.70 40.61
C LYS C 34 -39.08 0.96 41.00
N THR C 35 -39.23 -0.30 41.42
CA THR C 35 -38.08 -1.14 41.81
C THR C 35 -37.28 -1.69 40.60
N LEU C 36 -37.90 -1.67 39.42
CA LEU C 36 -37.28 -2.18 38.19
C LEU C 36 -35.92 -1.60 37.81
N PRO C 37 -35.80 -0.25 37.75
CA PRO C 37 -34.48 0.32 37.45
C PRO C 37 -33.34 -0.33 38.25
N GLU C 38 -33.59 -0.62 39.53
CA GLU C 38 -32.59 -1.22 40.41
C GLU C 38 -32.40 -2.75 40.22
N ARG C 39 -33.49 -3.48 39.98
CA ARG C 39 -33.41 -4.94 39.81
C ARG C 39 -32.85 -5.33 38.45
N THR C 40 -33.15 -4.54 37.43
CA THR C 40 -32.74 -4.86 36.07
C THR C 40 -31.37 -4.26 35.72
N ASN C 41 -30.93 -3.27 36.50
CA ASN C 41 -29.66 -2.54 36.29
C ASN C 41 -29.71 -1.66 35.04
N GLU C 42 -30.68 -0.75 35.01
CA GLU C 42 -30.99 0.03 33.79
C GLU C 42 -29.83 0.94 33.36
N ALA C 43 -28.94 1.22 34.31
CA ALA C 43 -27.65 1.86 34.04
C ALA C 43 -26.85 1.09 33.00
N ALA C 44 -26.76 -0.23 33.19
CA ALA C 44 -26.04 -1.14 32.27
C ALA C 44 -26.78 -1.38 30.93
N MET C 45 -28.00 -0.85 30.82
CA MET C 45 -28.84 -1.11 29.66
C MET C 45 -28.52 -0.14 28.52
N SER C 46 -27.33 -0.31 27.95
CA SER C 46 -26.85 0.56 26.86
C SER C 46 -27.67 0.39 25.60
N ALA C 47 -27.50 1.29 24.64
CA ALA C 47 -28.16 1.15 23.34
C ALA C 47 -27.74 -0.14 22.66
N ALA C 48 -26.62 -0.72 23.09
CA ALA C 48 -26.21 -2.05 22.62
C ALA C 48 -27.13 -3.13 23.20
N VAL C 49 -27.28 -3.14 24.52
CA VAL C 49 -28.18 -4.09 25.14
C VAL C 49 -29.52 -3.99 24.42
N VAL C 50 -29.98 -2.76 24.18
CA VAL C 50 -31.28 -2.52 23.54
C VAL C 50 -31.34 -2.93 22.06
N ARG C 51 -30.35 -2.54 21.27
CA ARG C 51 -30.30 -3.01 19.87
C ARG C 51 -30.26 -4.54 19.82
N GLY C 52 -29.63 -5.14 20.83
CA GLY C 52 -29.53 -6.59 20.95
C GLY C 52 -30.87 -7.25 21.20
N LYS C 53 -31.71 -6.61 22.00
CA LYS C 53 -33.07 -7.06 22.17
C LYS C 53 -33.76 -7.18 20.82
N LEU C 54 -33.58 -6.19 19.95
CA LEU C 54 -34.25 -6.18 18.65
C LEU C 54 -33.77 -7.26 17.74
N VAL C 55 -32.48 -7.57 17.76
CA VAL C 55 -31.96 -8.69 16.97
C VAL C 55 -32.65 -9.97 17.44
N TRP C 56 -32.63 -10.16 18.75
CA TRP C 56 -33.37 -11.22 19.40
C TRP C 56 -34.83 -11.26 18.92
N GLU C 57 -35.51 -10.12 19.04
CA GLU C 57 -36.89 -10.01 18.59
C GLU C 57 -37.02 -10.28 17.09
N GLN C 58 -36.12 -9.72 16.30
CA GLN C 58 -36.27 -9.77 14.84
C GLN C 58 -36.06 -11.12 14.18
N ASN C 59 -35.31 -12.00 14.83
CA ASN C 59 -35.12 -13.36 14.30
C ASN C 59 -35.76 -14.43 15.21
N ASN C 60 -36.68 -14.02 16.08
CA ASN C 60 -37.52 -14.95 16.82
C ASN C 60 -36.73 -16.04 17.55
N CYS C 61 -35.68 -15.67 18.28
CA CYS C 61 -34.91 -16.68 19.03
C CYS C 61 -35.77 -17.39 20.04
N VAL C 62 -36.75 -16.67 20.57
CA VAL C 62 -37.68 -17.22 21.55
C VAL C 62 -38.58 -18.34 20.98
N GLY C 63 -38.51 -18.58 19.68
CA GLY C 63 -39.30 -19.62 19.03
C GLY C 63 -38.58 -20.94 19.03
N CYS C 64 -37.38 -20.96 19.57
CA CYS C 64 -36.67 -22.19 19.82
C CYS C 64 -36.16 -22.26 21.26
N HIS C 65 -35.82 -21.08 21.82
CA HIS C 65 -35.13 -20.94 23.10
C HIS C 65 -36.01 -20.38 24.20
N THR C 66 -35.47 -20.39 25.41
CA THR C 66 -36.05 -19.71 26.56
C THR C 66 -35.09 -18.64 27.07
N LEU C 67 -35.66 -17.60 27.67
CA LEU C 67 -34.90 -16.49 28.19
C LEU C 67 -35.55 -16.21 29.53
N LEU C 68 -34.81 -16.45 30.59
CA LEU C 68 -35.37 -16.50 31.94
C LEU C 68 -36.50 -17.50 32.00
N GLY C 69 -36.34 -18.60 31.25
CA GLY C 69 -37.26 -19.73 31.27
C GLY C 69 -38.58 -19.57 30.52
N GLU C 70 -38.76 -18.43 29.87
CA GLU C 70 -39.95 -18.16 29.11
C GLU C 70 -39.57 -18.28 27.66
N GLY C 71 -40.38 -19.00 26.87
CA GLY C 71 -40.18 -19.08 25.44
C GLY C 71 -40.58 -20.39 24.83
N ALA C 72 -39.61 -21.05 24.20
CA ALA C 72 -39.82 -22.33 23.52
C ALA C 72 -38.88 -23.36 24.12
N TYR C 73 -39.22 -24.64 24.07
CA TYR C 73 -38.48 -25.62 24.85
C TYR C 73 -37.66 -26.52 23.97
N PHE C 74 -37.42 -26.07 22.73
CA PHE C 74 -36.70 -26.85 21.71
C PHE C 74 -35.18 -26.75 21.84
N ALA C 75 -34.73 -25.59 22.28
CA ALA C 75 -33.33 -25.29 22.44
C ALA C 75 -33.03 -24.67 23.82
N PRO C 76 -31.74 -24.64 24.22
CA PRO C 76 -31.34 -24.26 25.57
C PRO C 76 -31.79 -22.89 26.05
N GLU C 77 -31.73 -22.73 27.37
CA GLU C 77 -31.99 -21.44 28.05
C GLU C 77 -30.80 -20.51 27.84
N LEU C 78 -31.10 -19.24 27.58
CA LEU C 78 -30.08 -18.28 27.15
C LEU C 78 -29.92 -17.09 28.07
N GLY C 79 -30.79 -16.97 29.09
CA GLY C 79 -30.66 -15.96 30.13
C GLY C 79 -29.36 -16.12 30.89
N ASN C 80 -28.77 -17.32 30.82
CA ASN C 80 -27.58 -17.65 31.57
C ASN C 80 -26.51 -18.36 30.75
N VAL C 81 -26.55 -18.18 29.43
CA VAL C 81 -25.62 -18.88 28.55
C VAL C 81 -24.23 -18.28 28.68
N VAL C 82 -24.15 -17.05 29.15
CA VAL C 82 -22.87 -16.41 29.38
C VAL C 82 -21.97 -17.28 30.24
N GLY C 83 -22.42 -17.55 31.47
CA GLY C 83 -21.60 -18.27 32.44
C GLY C 83 -21.23 -19.68 32.02
N ARG C 84 -21.78 -20.12 30.91
CA ARG C 84 -21.58 -21.46 30.40
C ARG C 84 -20.61 -21.51 29.25
N ARG C 85 -20.46 -20.37 28.54
CA ARG C 85 -19.64 -20.26 27.31
C ARG C 85 -18.71 -19.04 27.35
N GLY C 86 -17.63 -19.16 28.11
CA GLY C 86 -16.60 -18.15 28.12
C GLY C 86 -16.79 -17.03 29.11
N GLY C 87 -17.92 -16.98 29.77
CA GLY C 87 -18.13 -15.93 30.77
C GLY C 87 -18.03 -14.52 30.19
N GLU C 88 -18.08 -13.53 31.08
CA GLU C 88 -18.21 -12.11 30.71
C GLU C 88 -17.13 -11.59 29.74
N GLU C 89 -15.92 -12.10 29.90
CA GLU C 89 -14.82 -11.64 29.08
C GLU C 89 -14.79 -12.33 27.72
N GLY C 90 -15.00 -13.65 27.70
CA GLY C 90 -14.91 -14.42 26.46
C GLY C 90 -16.21 -14.77 25.74
N PHE C 91 -17.35 -14.26 26.22
CA PHE C 91 -18.64 -14.65 25.65
C PHE C 91 -18.79 -14.13 24.23
N ASN C 92 -18.55 -12.84 24.01
CA ASN C 92 -18.83 -12.23 22.70
C ASN C 92 -18.16 -13.02 21.58
N THR C 93 -16.85 -13.23 21.74
CA THR C 93 -16.06 -14.00 20.77
C THR C 93 -16.68 -15.36 20.52
N PHE C 94 -17.22 -15.96 21.58
CA PHE C 94 -17.95 -17.21 21.40
C PHE C 94 -19.15 -17.05 20.47
N LEU C 95 -20.09 -16.16 20.84
CA LEU C 95 -21.32 -15.97 20.10
C LEU C 95 -21.00 -15.65 18.66
N GLN C 96 -19.95 -14.85 18.45
CA GLN C 96 -19.48 -14.54 17.11
C GLN C 96 -19.26 -15.80 16.31
N ALA C 97 -18.43 -16.71 16.82
CA ALA C 97 -18.16 -17.98 16.12
C ALA C 97 -19.42 -18.84 16.06
N TRP C 98 -20.13 -18.89 17.18
CA TRP C 98 -21.30 -19.74 17.28
C TRP C 98 -22.37 -19.36 16.28
N MET C 99 -22.60 -18.08 16.09
CA MET C 99 -23.65 -17.67 15.17
C MET C 99 -23.27 -17.96 13.74
N LYS C 100 -21.99 -17.86 13.39
CA LYS C 100 -21.66 -18.02 11.98
C LYS C 100 -21.32 -19.42 11.52
N ILE C 101 -21.20 -20.38 12.45
CA ILE C 101 -21.03 -21.78 12.05
C ILE C 101 -22.35 -22.52 11.81
N GLN C 102 -23.46 -22.00 12.32
CA GLN C 102 -24.77 -22.63 12.12
C GLN C 102 -25.16 -22.67 10.64
N PRO C 103 -25.82 -23.74 10.21
CA PRO C 103 -26.16 -24.94 10.95
C PRO C 103 -25.02 -25.94 11.00
N LEU C 104 -24.87 -26.61 12.13
CA LEU C 104 -23.80 -27.58 12.29
C LEU C 104 -23.97 -28.75 11.35
N ASN C 105 -25.21 -29.09 11.05
CA ASN C 105 -25.50 -30.17 10.10
C ASN C 105 -25.08 -31.55 10.58
N VAL C 106 -25.05 -31.72 11.90
CA VAL C 106 -25.02 -33.04 12.51
C VAL C 106 -26.34 -33.73 12.23
N PRO C 107 -26.31 -34.86 11.49
CA PRO C 107 -27.56 -35.52 11.03
C PRO C 107 -28.49 -35.97 12.15
N GLY C 108 -29.75 -35.56 12.07
CA GLY C 108 -30.80 -35.89 13.05
C GLY C 108 -30.77 -35.08 14.34
N ARG C 109 -29.87 -34.09 14.38
CA ARG C 109 -29.66 -33.27 15.57
C ARG C 109 -30.43 -31.98 15.34
N ARG C 110 -30.96 -31.40 16.41
CA ARG C 110 -31.83 -30.25 16.27
C ARG C 110 -31.03 -29.11 15.69
N ALA C 111 -31.59 -28.51 14.65
CA ALA C 111 -30.89 -27.52 13.84
C ALA C 111 -31.08 -26.11 14.34
N MET C 112 -30.07 -25.29 14.18
CA MET C 112 -30.24 -23.85 14.32
C MET C 112 -29.94 -23.21 12.96
N PRO C 113 -30.75 -22.24 12.54
CA PRO C 113 -30.53 -21.60 11.27
C PRO C 113 -29.35 -20.62 11.22
N GLN C 114 -28.91 -20.27 10.02
CA GLN C 114 -27.93 -19.21 9.83
C GLN C 114 -28.74 -17.94 9.75
N PHE C 115 -28.40 -16.94 10.55
CA PHE C 115 -29.20 -15.72 10.56
C PHE C 115 -28.61 -14.54 9.79
N HIS C 116 -27.44 -14.74 9.19
CA HIS C 116 -26.81 -13.73 8.33
C HIS C 116 -26.68 -12.42 9.08
N LEU C 117 -26.15 -12.48 10.29
CA LEU C 117 -26.03 -11.30 11.13
C LEU C 117 -24.69 -10.61 10.99
N SER C 118 -24.70 -9.29 11.10
CA SER C 118 -23.47 -8.51 11.04
C SER C 118 -22.75 -8.62 12.35
N GLU C 119 -21.43 -8.42 12.35
CA GLU C 119 -20.64 -8.47 13.60
C GLU C 119 -21.21 -7.54 14.68
N GLY C 120 -21.68 -6.37 14.25
CA GLY C 120 -22.31 -5.43 15.17
C GLY C 120 -23.60 -5.98 15.74
N GLN C 121 -24.37 -6.68 14.92
CA GLN C 121 -25.64 -7.25 15.36
C GLN C 121 -25.40 -8.34 16.38
N VAL C 122 -24.40 -9.18 16.12
CA VAL C 122 -24.10 -10.29 17.01
C VAL C 122 -23.53 -9.81 18.32
N ASP C 123 -22.89 -8.64 18.29
CA ASP C 123 -22.27 -8.08 19.47
C ASP C 123 -23.31 -7.51 20.40
N ASP C 124 -24.26 -6.76 19.85
CA ASP C 124 -25.40 -6.28 20.64
C ASP C 124 -26.13 -7.48 21.22
N LEU C 125 -26.39 -8.50 20.41
CA LEU C 125 -26.97 -9.74 20.91
C LEU C 125 -26.26 -10.17 22.18
N ALA C 126 -24.95 -10.34 22.10
CA ALA C 126 -24.16 -10.73 23.26
C ALA C 126 -24.35 -9.77 24.42
N GLU C 127 -24.36 -8.47 24.14
CA GLU C 127 -24.52 -7.45 25.20
C GLU C 127 -25.88 -7.54 25.88
N PHE C 128 -26.89 -7.86 25.06
CA PHE C 128 -28.26 -8.04 25.51
C PHE C 128 -28.31 -9.26 26.41
N LEU C 129 -27.68 -10.34 25.98
CA LEU C 129 -27.71 -11.59 26.74
C LEU C 129 -26.88 -11.49 28.01
N LYS C 130 -25.83 -10.69 28.00
CA LYS C 130 -25.04 -10.51 29.21
C LYS C 130 -25.80 -9.70 30.25
N TRP C 131 -26.32 -8.54 29.84
CA TRP C 131 -27.17 -7.71 30.70
C TRP C 131 -28.33 -8.48 31.31
N SER C 132 -28.87 -9.42 30.53
CA SER C 132 -30.02 -10.23 30.91
C SER C 132 -29.69 -11.19 32.05
N SER C 133 -28.49 -11.77 32.02
CA SER C 133 -28.06 -12.71 33.06
C SER C 133 -27.88 -11.98 34.40
N LYS C 134 -27.47 -10.72 34.31
CA LYS C 134 -27.41 -9.83 35.49
C LYS C 134 -28.69 -9.04 35.67
N ILE C 135 -29.79 -9.76 35.88
CA ILE C 135 -31.06 -9.18 36.29
C ILE C 135 -31.36 -9.93 37.55
N ASP C 136 -31.93 -9.24 38.52
CA ASP C 136 -32.25 -9.85 39.81
C ASP C 136 -33.47 -10.72 39.59
N THR C 137 -33.20 -11.98 39.28
CA THR C 137 -34.23 -12.88 38.84
C THR C 137 -34.51 -13.86 39.98
N ASN C 138 -34.63 -13.30 41.19
CA ASN C 138 -34.84 -14.06 42.43
C ASN C 138 -34.16 -15.42 42.47
N GLN C 139 -32.88 -15.44 42.08
CA GLN C 139 -32.03 -16.60 42.22
C GLN C 139 -32.35 -17.74 41.24
N TRP C 140 -32.97 -17.41 40.11
CA TRP C 140 -33.30 -18.39 39.06
C TRP C 140 -32.34 -18.27 37.89
N PRO C 141 -31.82 -19.40 37.35
CA PRO C 141 -32.12 -20.79 37.58
C PRO C 141 -31.33 -21.39 38.73
N PRO C 142 -31.61 -22.68 39.04
CA PRO C 142 -30.84 -23.38 40.05
C PRO C 142 -29.36 -23.23 39.74
N ASN C 143 -29.01 -23.72 38.53
CA ASN C 143 -27.64 -24.00 38.12
C ASN C 143 -27.26 -23.42 36.74
N LYS C 144 -26.01 -23.65 36.35
CA LYS C 144 -25.39 -23.11 35.14
C LYS C 144 -26.05 -23.52 33.82
N GLU C 145 -26.67 -24.70 33.82
CA GLU C 145 -27.19 -25.34 32.61
C GLU C 145 -28.49 -24.75 32.06
N GLY C 146 -29.15 -23.92 32.88
CA GLY C 146 -30.42 -23.34 32.53
C GLY C 146 -31.51 -24.34 32.81
N PHE D 10 -84.21 -17.59 15.32
CA PHE D 10 -83.71 -16.37 14.57
C PHE D 10 -82.88 -16.73 13.35
N ALA D 11 -82.83 -15.82 12.37
CA ALA D 11 -82.35 -16.12 11.01
C ALA D 11 -80.99 -15.52 10.62
N SER D 12 -80.57 -14.47 11.33
CA SER D 12 -79.23 -13.89 11.13
C SER D 12 -78.12 -14.70 11.85
N GLN D 13 -78.54 -15.73 12.57
CA GLN D 13 -77.60 -16.58 13.27
C GLN D 13 -76.78 -17.42 12.29
N ALA D 14 -77.16 -17.47 11.02
CA ALA D 14 -76.45 -18.30 10.01
C ALA D 14 -75.19 -17.63 9.46
N VAL D 15 -74.86 -16.46 10.01
CA VAL D 15 -73.59 -15.81 9.71
C VAL D 15 -72.50 -16.34 10.65
N ALA D 16 -72.91 -17.06 11.68
CA ALA D 16 -71.98 -17.73 12.57
C ALA D 16 -71.40 -18.99 11.93
N LYS D 17 -72.09 -19.51 10.91
CA LYS D 17 -71.69 -20.74 10.23
C LYS D 17 -70.28 -20.69 9.61
N PRO D 18 -69.97 -19.65 8.82
CA PRO D 18 -68.62 -19.57 8.24
C PRO D 18 -67.51 -19.48 9.30
N TYR D 19 -67.72 -18.65 10.31
CA TYR D 19 -66.80 -18.53 11.43
C TYR D 19 -66.48 -19.91 12.01
N PHE D 20 -67.50 -20.69 12.28
CA PHE D 20 -67.30 -22.04 12.78
C PHE D 20 -66.54 -22.98 11.84
N VAL D 21 -66.71 -22.81 10.53
CA VAL D 21 -66.08 -23.75 9.58
C VAL D 21 -64.62 -23.40 9.45
N PHE D 22 -64.33 -22.12 9.24
CA PHE D 22 -62.96 -21.68 9.08
C PHE D 22 -62.16 -21.95 10.36
N ALA D 23 -62.81 -21.86 11.51
CA ALA D 23 -62.19 -22.25 12.77
C ALA D 23 -61.71 -23.72 12.71
N LEU D 24 -62.59 -24.61 12.27
CA LEU D 24 -62.24 -26.02 12.14
C LEU D 24 -61.23 -26.28 11.02
N ILE D 25 -61.30 -25.52 9.94
CA ILE D 25 -60.29 -25.61 8.88
C ILE D 25 -58.95 -25.34 9.56
N LEU D 26 -58.79 -24.14 10.11
CA LEU D 26 -57.56 -23.72 10.80
C LEU D 26 -57.14 -24.67 11.93
N PHE D 27 -58.12 -25.23 12.64
CA PHE D 27 -57.81 -26.22 13.67
C PHE D 27 -57.06 -27.42 13.08
N VAL D 28 -57.35 -27.78 11.83
CA VAL D 28 -56.61 -28.89 11.20
C VAL D 28 -55.18 -28.46 10.85
N GLY D 29 -55.01 -27.21 10.40
CA GLY D 29 -53.68 -26.67 10.14
C GLY D 29 -52.83 -26.77 11.41
N GLN D 30 -53.43 -26.40 12.54
CA GLN D 30 -52.76 -26.38 13.83
C GLN D 30 -52.12 -27.71 14.20
N ILE D 31 -52.89 -28.77 14.03
CA ILE D 31 -52.49 -30.13 14.45
C ILE D 31 -51.38 -30.69 13.57
N LEU D 32 -51.42 -30.37 12.28
CA LEU D 32 -50.37 -30.80 11.37
C LEU D 32 -49.03 -30.21 11.80
N PHE D 33 -48.98 -28.88 11.90
CA PHE D 33 -47.77 -28.21 12.36
C PHE D 33 -47.33 -28.62 13.78
N GLY D 34 -48.29 -28.94 14.63
CA GLY D 34 -48.00 -29.66 15.85
C GLY D 34 -47.15 -30.88 15.50
N LEU D 35 -47.70 -31.73 14.64
CA LEU D 35 -47.09 -33.04 14.28
C LEU D 35 -45.70 -32.93 13.68
N ILE D 36 -45.48 -31.90 12.87
CA ILE D 36 -44.16 -31.62 12.36
C ILE D 36 -43.21 -31.34 13.52
N MET D 37 -43.51 -30.32 14.31
CA MET D 37 -42.69 -29.96 15.45
C MET D 37 -42.45 -31.16 16.34
N GLY D 38 -43.54 -31.88 16.62
CA GLY D 38 -43.48 -33.10 17.43
C GLY D 38 -42.40 -34.07 16.98
N LEU D 39 -42.20 -34.11 15.66
CA LEU D 39 -41.20 -34.96 15.00
C LEU D 39 -39.81 -34.30 14.99
N GLN D 40 -39.76 -33.00 14.79
CA GLN D 40 -38.50 -32.27 14.83
C GLN D 40 -37.79 -32.43 16.16
N TYR D 41 -38.57 -32.58 17.23
CA TYR D 41 -38.00 -32.89 18.55
C TYR D 41 -37.01 -34.04 18.44
N VAL D 42 -37.38 -35.06 17.69
CA VAL D 42 -36.63 -36.31 17.68
C VAL D 42 -35.83 -36.53 16.38
N VAL D 43 -36.28 -35.94 15.29
CA VAL D 43 -35.55 -35.95 14.03
C VAL D 43 -35.18 -34.49 13.78
N GLY D 44 -34.11 -34.07 14.45
CA GLY D 44 -33.74 -32.66 14.59
C GLY D 44 -33.67 -31.81 13.35
N ASP D 45 -33.26 -32.44 12.25
CA ASP D 45 -33.17 -31.76 10.96
C ASP D 45 -34.36 -32.05 10.04
N PHE D 46 -35.47 -32.57 10.58
CA PHE D 46 -36.68 -32.74 9.78
C PHE D 46 -37.20 -31.40 9.22
N LEU D 47 -37.49 -31.39 7.92
CA LEU D 47 -37.88 -30.17 7.18
C LEU D 47 -36.94 -28.94 7.34
N PHE D 48 -35.73 -29.14 7.85
CA PHE D 48 -34.74 -28.08 7.96
C PHE D 48 -33.93 -27.99 6.65
N PRO D 49 -33.62 -26.77 6.16
CA PRO D 49 -33.86 -25.42 6.66
C PRO D 49 -35.12 -24.80 6.10
N ALA D 50 -35.92 -25.59 5.37
CA ALA D 50 -37.12 -25.11 4.70
C ALA D 50 -38.13 -24.55 5.69
N ILE D 51 -38.58 -25.38 6.62
CA ILE D 51 -39.40 -24.92 7.72
C ILE D 51 -38.72 -25.27 9.06
N PRO D 52 -37.94 -24.31 9.62
CA PRO D 52 -37.30 -24.43 10.92
C PRO D 52 -38.34 -24.57 12.02
N PHE D 53 -37.95 -25.22 13.11
CA PHE D 53 -38.86 -25.48 14.22
C PHE D 53 -39.62 -24.22 14.67
N ASN D 54 -38.91 -23.10 14.74
CA ASN D 54 -39.49 -21.86 15.23
C ASN D 54 -40.57 -21.30 14.33
N VAL D 55 -40.54 -21.66 13.04
CA VAL D 55 -41.59 -21.23 12.11
C VAL D 55 -42.81 -22.10 12.28
N ALA D 56 -42.59 -23.41 12.39
CA ALA D 56 -43.70 -24.34 12.64
C ALA D 56 -44.42 -24.01 13.94
N ARG D 57 -43.64 -23.63 14.96
CA ARG D 57 -44.19 -23.29 16.26
C ARG D 57 -45.08 -22.05 16.21
N MET D 58 -44.65 -20.99 15.53
CA MET D 58 -45.48 -19.78 15.46
C MET D 58 -46.76 -20.01 14.62
N VAL D 59 -46.69 -20.88 13.62
CA VAL D 59 -47.86 -21.26 12.82
C VAL D 59 -48.78 -22.10 13.68
N HIS D 60 -48.19 -23.04 14.42
CA HIS D 60 -48.95 -23.90 15.36
C HIS D 60 -49.75 -23.08 16.36
N THR D 61 -49.06 -22.15 17.02
CA THR D 61 -49.64 -21.38 18.11
C THR D 61 -50.50 -20.21 17.62
N ASN D 62 -50.14 -19.61 16.49
CA ASN D 62 -50.96 -18.53 15.93
C ASN D 62 -52.24 -19.04 15.28
N LEU D 63 -52.23 -20.30 14.82
CA LEU D 63 -53.44 -20.92 14.31
C LEU D 63 -54.40 -21.20 15.46
N LEU D 64 -53.84 -21.64 16.60
CA LEU D 64 -54.60 -21.88 17.82
C LEU D 64 -55.27 -20.60 18.30
N ILE D 65 -54.50 -19.54 18.44
CA ILE D 65 -55.08 -18.28 18.89
C ILE D 65 -56.09 -17.76 17.86
N VAL D 66 -55.78 -17.86 16.56
CA VAL D 66 -56.71 -17.40 15.52
C VAL D 66 -57.97 -18.28 15.40
N TRP D 67 -57.83 -19.61 15.37
CA TRP D 67 -59.03 -20.45 15.25
C TRP D 67 -59.92 -20.41 16.49
N LEU D 68 -59.38 -20.01 17.64
CA LEU D 68 -60.19 -19.84 18.84
C LEU D 68 -60.98 -18.55 18.80
N LEU D 69 -60.44 -17.52 18.17
CA LEU D 69 -61.20 -16.28 17.98
C LEU D 69 -62.35 -16.48 16.98
N PHE D 70 -62.02 -16.96 15.78
CA PHE D 70 -63.05 -17.35 14.82
C PHE D 70 -64.13 -18.16 15.54
N GLY D 71 -63.70 -19.13 16.35
CA GLY D 71 -64.64 -19.91 17.18
C GLY D 71 -65.46 -19.13 18.20
N PHE D 72 -64.86 -18.12 18.83
CA PHE D 72 -65.54 -17.26 19.81
C PHE D 72 -66.50 -16.30 19.16
N MET D 73 -66.09 -15.74 18.04
CA MET D 73 -66.93 -14.82 17.26
C MET D 73 -68.19 -15.52 16.72
N GLY D 74 -68.00 -16.69 16.11
CA GLY D 74 -69.08 -17.53 15.64
C GLY D 74 -70.13 -17.72 16.70
N ALA D 75 -69.68 -18.15 17.89
CA ALA D 75 -70.55 -18.30 19.06
C ALA D 75 -71.34 -17.04 19.41
N ALA D 76 -70.68 -15.89 19.37
CA ALA D 76 -71.36 -14.64 19.64
C ALA D 76 -72.39 -14.34 18.55
N TYR D 77 -71.99 -14.47 17.29
CA TYR D 77 -72.92 -14.29 16.17
C TYR D 77 -74.09 -15.27 16.25
N TYR D 78 -73.85 -16.46 16.80
CA TYR D 78 -74.95 -17.37 17.05
C TYR D 78 -75.76 -16.90 18.24
N LEU D 79 -75.18 -16.94 19.43
CA LEU D 79 -76.01 -16.87 20.63
C LEU D 79 -76.45 -15.47 21.07
N VAL D 80 -75.93 -14.40 20.48
CA VAL D 80 -76.34 -13.07 20.94
C VAL D 80 -77.72 -12.66 20.38
N PRO D 81 -78.03 -13.05 19.13
CA PRO D 81 -79.42 -12.92 18.72
C PRO D 81 -80.42 -13.56 19.69
N GLU D 82 -80.30 -14.86 19.98
CA GLU D 82 -81.22 -15.55 20.89
C GLU D 82 -81.35 -14.87 22.25
N GLU D 83 -80.24 -14.48 22.84
CA GLU D 83 -80.24 -13.82 24.14
C GLU D 83 -80.85 -12.43 24.12
N SER D 84 -80.64 -11.72 23.01
CA SER D 84 -81.12 -10.35 22.86
C SER D 84 -82.56 -10.32 22.32
N ASP D 85 -83.05 -11.49 21.91
CA ASP D 85 -84.40 -11.66 21.38
C ASP D 85 -84.64 -10.74 20.19
N CYS D 86 -83.62 -10.59 19.35
CA CYS D 86 -83.72 -9.76 18.15
C CYS D 86 -82.59 -10.05 17.16
N GLU D 87 -82.83 -9.73 15.89
CA GLU D 87 -81.86 -10.03 14.82
C GLU D 87 -80.56 -9.25 14.99
N LEU D 88 -79.51 -9.78 14.36
CA LEU D 88 -78.17 -9.21 14.45
C LEU D 88 -78.16 -7.84 13.81
N TYR D 89 -77.44 -6.90 14.42
CA TYR D 89 -77.41 -5.52 13.97
C TYR D 89 -77.08 -5.37 12.48
N SER D 90 -76.25 -6.25 11.93
CA SER D 90 -75.81 -6.16 10.54
C SER D 90 -75.13 -7.44 10.11
N PRO D 91 -75.86 -8.34 9.45
CA PRO D 91 -75.27 -9.51 8.81
C PRO D 91 -74.30 -9.19 7.65
N LYS D 92 -74.42 -8.01 7.05
CA LYS D 92 -73.45 -7.58 6.02
C LYS D 92 -72.07 -7.48 6.67
N LEU D 93 -72.00 -6.82 7.82
CA LEU D 93 -70.75 -6.62 8.57
C LEU D 93 -70.11 -7.95 8.94
N ALA D 94 -70.90 -8.83 9.56
CA ALA D 94 -70.49 -10.19 9.94
C ALA D 94 -69.79 -10.97 8.82
N TRP D 95 -70.21 -10.77 7.58
CA TRP D 95 -69.57 -11.45 6.43
C TRP D 95 -68.36 -10.68 5.91
N ILE D 96 -68.42 -9.35 5.91
CA ILE D 96 -67.29 -8.54 5.44
C ILE D 96 -66.08 -8.66 6.40
N LEU D 97 -66.35 -8.67 7.71
CA LEU D 97 -65.30 -8.89 8.70
C LEU D 97 -64.69 -10.26 8.54
N PHE D 98 -65.52 -11.29 8.50
CA PHE D 98 -65.05 -12.65 8.28
C PHE D 98 -63.96 -12.70 7.23
N TRP D 99 -64.23 -12.15 6.05
CA TRP D 99 -63.27 -12.25 4.94
C TRP D 99 -62.00 -11.45 5.20
N VAL D 100 -62.13 -10.25 5.78
CA VAL D 100 -60.97 -9.48 6.18
C VAL D 100 -60.09 -10.26 7.16
N PHE D 101 -60.71 -10.70 8.26
CA PHE D 101 -60.04 -11.48 9.28
C PHE D 101 -59.37 -12.71 8.66
N ALA D 102 -60.11 -13.44 7.82
CA ALA D 102 -59.62 -14.65 7.18
C ALA D 102 -58.52 -14.38 6.17
N ALA D 103 -58.63 -13.29 5.43
CA ALA D 103 -57.53 -12.85 4.57
C ALA D 103 -56.32 -12.51 5.47
N ALA D 104 -56.54 -11.60 6.42
CA ALA D 104 -55.51 -11.18 7.38
C ALA D 104 -54.82 -12.35 8.05
N GLY D 105 -55.59 -13.32 8.52
CA GLY D 105 -55.01 -14.55 9.07
C GLY D 105 -54.13 -15.30 8.08
N VAL D 106 -54.68 -15.67 6.93
CA VAL D 106 -53.95 -16.50 5.97
C VAL D 106 -52.71 -15.79 5.42
N LEU D 107 -52.75 -14.46 5.28
CA LEU D 107 -51.57 -13.72 4.83
C LEU D 107 -50.48 -13.78 5.89
N THR D 108 -50.81 -13.35 7.11
CA THR D 108 -49.84 -13.36 8.23
C THR D 108 -49.19 -14.76 8.44
N ILE D 109 -49.98 -15.84 8.34
CA ILE D 109 -49.42 -17.20 8.40
C ILE D 109 -48.45 -17.44 7.25
N LEU D 110 -48.88 -17.13 6.02
CA LEU D 110 -48.01 -17.28 4.83
C LEU D 110 -46.76 -16.41 4.89
N GLY D 111 -46.85 -15.32 5.63
CA GLY D 111 -45.69 -14.47 5.89
C GLY D 111 -44.61 -15.19 6.69
N TYR D 112 -45.04 -15.84 7.78
CA TYR D 112 -44.14 -16.70 8.59
C TYR D 112 -43.52 -17.76 7.72
N LEU D 113 -44.30 -18.31 6.81
CA LEU D 113 -43.90 -19.47 6.03
C LEU D 113 -43.04 -19.15 4.80
N LEU D 114 -43.32 -18.06 4.09
CA LEU D 114 -42.62 -17.76 2.84
C LEU D 114 -41.43 -16.81 2.99
N VAL D 115 -41.40 -16.01 4.04
CA VAL D 115 -40.29 -15.08 4.28
C VAL D 115 -39.59 -15.40 5.61
N PRO D 116 -38.23 -15.42 5.60
CA PRO D 116 -37.41 -15.37 6.82
C PRO D 116 -37.86 -14.25 7.77
N TYR D 117 -38.02 -14.58 9.05
CA TYR D 117 -38.70 -13.69 9.96
C TYR D 117 -38.04 -12.34 10.06
N ALA D 118 -36.72 -12.30 10.01
CA ALA D 118 -36.02 -11.04 10.02
C ALA D 118 -36.39 -10.23 8.78
N GLY D 119 -36.63 -10.92 7.66
CA GLY D 119 -37.05 -10.28 6.41
C GLY D 119 -38.45 -9.74 6.52
N LEU D 120 -39.35 -10.59 6.99
CA LEU D 120 -40.74 -10.17 7.23
C LEU D 120 -40.81 -8.93 8.13
N ALA D 121 -39.86 -8.80 9.03
CA ALA D 121 -39.79 -7.63 9.89
C ALA D 121 -39.39 -6.40 9.06
N ARG D 122 -38.46 -6.57 8.11
CA ARG D 122 -38.17 -5.53 7.11
C ARG D 122 -39.39 -5.25 6.25
N LEU D 123 -39.82 -6.24 5.46
CA LEU D 123 -40.97 -6.11 4.58
C LEU D 123 -42.11 -5.31 5.24
N THR D 124 -42.62 -5.76 6.39
CA THR D 124 -43.73 -5.05 7.07
C THR D 124 -43.28 -3.83 7.89
N GLY D 125 -41.97 -3.59 7.93
CA GLY D 125 -41.42 -2.37 8.51
C GLY D 125 -41.60 -2.26 10.00
N ASN D 126 -41.14 -3.28 10.72
CA ASN D 126 -41.23 -3.31 12.18
C ASN D 126 -40.47 -2.18 12.87
N GLU D 127 -39.42 -1.69 12.20
CA GLU D 127 -38.54 -0.69 12.77
C GLU D 127 -39.33 0.52 13.28
N LEU D 128 -40.36 0.91 12.53
CA LEU D 128 -41.17 2.09 12.87
C LEU D 128 -41.93 1.85 14.19
N TRP D 129 -42.45 0.64 14.36
CA TRP D 129 -43.26 0.29 15.52
C TRP D 129 -42.99 -1.16 15.93
N PRO D 130 -41.86 -1.42 16.62
CA PRO D 130 -41.48 -2.80 16.93
C PRO D 130 -42.43 -3.53 17.90
N THR D 131 -43.10 -4.57 17.40
CA THR D 131 -43.97 -5.48 18.18
C THR D 131 -43.77 -6.99 17.85
N MET D 132 -42.88 -7.27 16.89
CA MET D 132 -42.67 -8.61 16.43
C MET D 132 -41.66 -9.34 17.31
N GLY D 133 -41.76 -10.67 17.31
CA GLY D 133 -40.76 -11.53 17.94
C GLY D 133 -40.99 -11.88 19.40
N ARG D 134 -42.24 -11.78 19.85
CA ARG D 134 -42.61 -12.13 21.20
C ARG D 134 -43.57 -13.32 21.14
N GLU D 135 -43.44 -14.27 22.07
CA GLU D 135 -44.20 -15.52 22.00
C GLU D 135 -45.73 -15.24 21.87
N PHE D 136 -46.39 -15.92 20.92
CA PHE D 136 -47.83 -15.69 20.57
C PHE D 136 -48.15 -14.38 19.84
N LEU D 137 -47.18 -13.47 19.80
CA LEU D 137 -47.36 -12.17 19.18
C LEU D 137 -46.32 -11.97 18.08
N GLU D 138 -46.10 -13.03 17.31
CA GLU D 138 -45.14 -13.02 16.25
C GLU D 138 -45.66 -12.26 15.03
N GLN D 139 -46.97 -12.11 14.93
CA GLN D 139 -47.57 -11.41 13.80
C GLN D 139 -47.05 -9.97 13.65
N PRO D 140 -46.86 -9.52 12.38
CA PRO D 140 -46.45 -8.14 12.10
C PRO D 140 -47.43 -7.10 12.66
N THR D 141 -46.93 -5.89 12.92
CA THR D 141 -47.74 -4.85 13.55
C THR D 141 -48.99 -4.57 12.73
N ILE D 142 -48.81 -4.47 11.41
CA ILE D 142 -49.93 -4.30 10.48
C ILE D 142 -51.03 -5.35 10.78
N SER D 143 -50.63 -6.62 10.92
CA SER D 143 -51.55 -7.71 11.20
C SER D 143 -52.27 -7.53 12.52
N LYS D 144 -51.54 -7.06 13.53
CA LYS D 144 -52.16 -6.77 14.82
C LYS D 144 -53.22 -5.70 14.60
N ALA D 145 -52.81 -4.60 13.96
CA ALA D 145 -53.74 -3.54 13.61
C ALA D 145 -55.00 -4.10 12.94
N GLY D 146 -54.79 -4.95 11.92
CA GLY D 146 -55.89 -5.67 11.26
C GLY D 146 -56.82 -6.39 12.23
N ILE D 147 -56.24 -7.20 13.12
CA ILE D 147 -56.99 -7.91 14.17
C ILE D 147 -57.83 -6.94 15.02
N VAL D 148 -57.27 -5.77 15.37
CA VAL D 148 -57.99 -4.78 16.17
C VAL D 148 -59.16 -4.17 15.40
N ILE D 149 -58.91 -3.74 14.16
CA ILE D 149 -59.98 -3.27 13.25
C ILE D 149 -61.12 -4.28 13.25
N VAL D 150 -60.82 -5.52 12.87
CA VAL D 150 -61.82 -6.59 12.87
C VAL D 150 -62.51 -6.67 14.23
N ALA D 151 -61.71 -6.85 15.29
CA ALA D 151 -62.24 -6.98 16.64
C ALA D 151 -63.10 -5.77 17.06
N LEU D 152 -62.85 -4.59 16.47
CA LEU D 152 -63.70 -3.42 16.69
C LEU D 152 -65.01 -3.52 15.90
N GLY D 153 -64.91 -3.83 14.60
CA GLY D 153 -66.10 -4.07 13.77
C GLY D 153 -66.99 -5.10 14.42
N PHE D 154 -66.37 -6.22 14.84
CA PHE D 154 -67.06 -7.31 15.54
C PHE D 154 -67.77 -6.81 16.80
N LEU D 155 -66.99 -6.27 17.73
CA LEU D 155 -67.54 -5.75 18.98
C LEU D 155 -68.74 -4.85 18.72
N PHE D 156 -68.57 -3.87 17.84
CA PHE D 156 -69.64 -2.94 17.48
C PHE D 156 -70.92 -3.67 17.00
N ASN D 157 -70.76 -4.51 15.99
CA ASN D 157 -71.88 -5.24 15.38
C ASN D 157 -72.71 -6.07 16.36
N VAL D 158 -72.07 -6.92 17.16
CA VAL D 158 -72.80 -7.69 18.21
C VAL D 158 -73.01 -6.86 19.46
N GLY D 159 -72.21 -5.80 19.63
CA GLY D 159 -72.40 -4.86 20.71
C GLY D 159 -73.72 -4.11 20.57
N MET D 160 -74.02 -3.65 19.35
CA MET D 160 -75.31 -3.00 19.06
C MET D 160 -76.49 -3.95 19.24
N THR D 161 -76.30 -5.22 18.90
CA THR D 161 -77.36 -6.21 19.01
C THR D 161 -77.86 -6.42 20.45
N VAL D 162 -76.97 -6.26 21.43
CA VAL D 162 -77.33 -6.40 22.85
C VAL D 162 -78.06 -5.16 23.35
N LEU D 163 -77.74 -4.01 22.76
CA LEU D 163 -78.41 -2.75 23.12
C LEU D 163 -79.84 -2.77 22.61
N ARG D 164 -80.03 -3.08 21.32
CA ARG D 164 -81.36 -3.15 20.72
C ARG D 164 -82.04 -4.50 21.01
N GLY D 165 -82.26 -4.82 22.28
CA GLY D 165 -82.81 -6.13 22.67
C GLY D 165 -82.60 -6.46 24.14
N ARG D 166 -82.98 -7.67 24.54
CA ARG D 166 -82.84 -8.11 25.93
C ARG D 166 -81.39 -8.12 26.48
N LYS D 167 -81.27 -7.81 27.76
CA LYS D 167 -79.97 -7.74 28.42
C LYS D 167 -79.86 -8.85 29.46
N THR D 168 -79.77 -10.09 28.97
CA THR D 168 -79.57 -11.23 29.84
C THR D 168 -78.13 -11.20 30.40
N ALA D 169 -77.90 -11.83 31.54
CA ALA D 169 -76.56 -11.87 32.16
C ALA D 169 -75.53 -12.49 31.22
N ILE D 170 -75.86 -13.67 30.71
CA ILE D 170 -75.07 -14.35 29.70
C ILE D 170 -74.55 -13.34 28.66
N SER D 171 -75.46 -12.67 27.95
CA SER D 171 -75.10 -11.71 26.91
C SER D 171 -74.20 -10.60 27.41
N MET D 172 -74.45 -10.15 28.64
CA MET D 172 -73.65 -9.08 29.22
C MET D 172 -72.21 -9.56 29.50
N VAL D 173 -72.08 -10.65 30.23
CA VAL D 173 -70.77 -11.21 30.62
C VAL D 173 -69.93 -11.53 29.39
N LEU D 174 -70.57 -12.14 28.40
CA LEU D 174 -69.96 -12.45 27.12
C LEU D 174 -69.43 -11.19 26.46
N MET D 175 -70.22 -10.12 26.47
CA MET D 175 -69.73 -8.82 25.97
C MET D 175 -68.56 -8.27 26.81
N THR D 176 -68.65 -8.32 28.13
CA THR D 176 -67.51 -7.99 29.01
C THR D 176 -66.23 -8.75 28.61
N GLY D 177 -66.30 -10.08 28.65
CA GLY D 177 -65.18 -10.91 28.22
C GLY D 177 -64.64 -10.50 26.86
N LEU D 178 -65.51 -10.28 25.89
CA LEU D 178 -65.05 -9.94 24.55
C LEU D 178 -64.45 -8.53 24.48
N ILE D 179 -65.12 -7.55 25.08
CA ILE D 179 -64.56 -6.20 25.14
C ILE D 179 -63.16 -6.30 25.78
N GLY D 180 -63.09 -6.96 26.94
CA GLY D 180 -61.85 -7.13 27.70
C GLY D 180 -60.77 -7.85 26.93
N LEU D 181 -61.17 -8.84 26.13
CA LEU D 181 -60.25 -9.55 25.24
C LEU D 181 -59.56 -8.57 24.32
N ALA D 182 -60.36 -7.77 23.62
CA ALA D 182 -59.84 -6.83 22.63
C ALA D 182 -59.03 -5.72 23.30
N LEU D 183 -59.40 -5.27 24.50
CA LEU D 183 -58.64 -4.21 25.17
C LEU D 183 -57.25 -4.69 25.58
N LEU D 184 -57.19 -5.77 26.35
CA LEU D 184 -55.91 -6.36 26.75
C LEU D 184 -54.99 -6.64 25.56
N PHE D 185 -55.56 -7.03 24.42
CA PHE D 185 -54.78 -7.28 23.18
C PHE D 185 -54.01 -6.08 22.67
N LEU D 186 -54.35 -4.88 23.16
CA LEU D 186 -53.65 -3.66 22.79
C LEU D 186 -52.23 -3.66 23.36
N PHE D 187 -52.06 -4.25 24.56
CA PHE D 187 -50.73 -4.40 25.20
C PHE D 187 -49.71 -5.19 24.37
N SER D 188 -50.21 -5.84 23.32
CA SER D 188 -49.37 -6.43 22.30
C SER D 188 -48.65 -5.36 21.50
N PHE D 189 -49.09 -4.10 21.63
CA PHE D 189 -48.46 -2.99 20.93
C PHE D 189 -47.39 -2.31 21.77
N TYR D 190 -47.56 -2.35 23.10
CA TYR D 190 -46.57 -1.81 24.03
C TYR D 190 -45.44 -2.82 24.20
N ASN D 191 -44.25 -2.47 23.70
CA ASN D 191 -43.12 -3.40 23.64
C ASN D 191 -41.85 -2.83 24.27
N PRO D 192 -41.79 -2.80 25.62
CA PRO D 192 -40.73 -2.20 26.40
C PRO D 192 -39.30 -2.49 25.94
N GLU D 193 -38.39 -1.54 26.11
CA GLU D 193 -36.96 -1.76 25.84
C GLU D 193 -36.32 -2.57 26.96
N ASN D 194 -36.86 -2.40 28.18
CA ASN D 194 -36.43 -3.18 29.34
C ASN D 194 -37.08 -4.56 29.27
N LEU D 195 -36.25 -5.60 29.16
CA LEU D 195 -36.70 -6.99 29.05
C LEU D 195 -37.64 -7.41 30.17
N THR D 196 -37.33 -7.07 31.42
CA THR D 196 -38.21 -7.42 32.55
C THR D 196 -39.52 -6.62 32.50
N ARG D 197 -39.45 -5.40 32.01
CA ARG D 197 -40.66 -4.63 31.79
C ARG D 197 -41.49 -5.26 30.69
N ASP D 198 -40.83 -5.75 29.64
CA ASP D 198 -41.46 -6.46 28.52
C ASP D 198 -42.26 -7.65 29.04
N LYS D 199 -41.61 -8.51 29.81
CA LYS D 199 -42.23 -9.73 30.31
C LYS D 199 -43.41 -9.43 31.24
N PHE D 200 -43.24 -8.46 32.13
CA PHE D 200 -44.32 -8.05 33.03
C PHE D 200 -45.63 -7.82 32.27
N TYR D 201 -45.56 -7.08 31.17
CA TYR D 201 -46.74 -6.64 30.39
C TYR D 201 -47.18 -7.58 29.29
N TRP D 202 -46.34 -8.58 28.99
CA TRP D 202 -46.71 -9.69 28.10
C TRP D 202 -47.77 -10.52 28.78
N TRP D 203 -47.61 -10.79 30.06
CA TRP D 203 -48.60 -11.57 30.79
C TRP D 203 -49.97 -10.90 31.00
N TRP D 204 -50.07 -9.62 30.67
CA TRP D 204 -51.35 -8.95 30.68
C TRP D 204 -52.18 -9.37 29.47
N VAL D 205 -51.50 -9.66 28.36
CA VAL D 205 -52.15 -10.28 27.19
C VAL D 205 -52.51 -11.74 27.48
N VAL D 206 -51.50 -12.56 27.76
CA VAL D 206 -51.69 -14.01 27.80
C VAL D 206 -52.48 -14.47 29.02
N HIS D 207 -52.05 -14.10 30.22
CA HIS D 207 -52.69 -14.61 31.45
C HIS D 207 -54.08 -13.99 31.74
N LEU D 208 -54.19 -12.65 31.73
CA LEU D 208 -55.50 -12.00 31.87
C LEU D 208 -56.49 -12.37 30.74
N TRP D 209 -55.99 -12.78 29.57
CA TRP D 209 -56.85 -13.49 28.59
C TRP D 209 -57.31 -14.81 29.17
N VAL D 210 -56.38 -15.76 29.28
CA VAL D 210 -56.76 -17.18 29.43
C VAL D 210 -57.23 -17.54 30.85
N GLU D 211 -56.84 -16.76 31.85
CA GLU D 211 -57.23 -17.02 33.26
C GLU D 211 -58.14 -15.94 33.86
N GLY D 212 -58.46 -14.92 33.07
CA GLY D 212 -59.37 -13.89 33.49
C GLY D 212 -60.49 -13.72 32.49
N VAL D 213 -60.25 -12.87 31.51
CA VAL D 213 -61.27 -12.44 30.56
C VAL D 213 -61.85 -13.57 29.68
N TRP D 214 -61.04 -14.55 29.28
CA TRP D 214 -61.54 -15.67 28.47
C TRP D 214 -62.40 -16.58 29.30
N GLU D 215 -62.14 -16.67 30.60
CA GLU D 215 -63.01 -17.50 31.45
C GLU D 215 -64.43 -16.95 31.48
N LEU D 216 -64.61 -15.65 31.24
CA LEU D 216 -65.94 -15.05 31.10
C LEU D 216 -66.59 -15.48 29.81
N ILE D 217 -65.85 -15.36 28.71
CA ILE D 217 -66.29 -15.91 27.43
C ILE D 217 -66.69 -17.40 27.60
N MET D 218 -65.76 -18.22 28.06
CA MET D 218 -66.01 -19.63 28.23
C MET D 218 -67.22 -19.89 29.11
N GLY D 219 -67.20 -19.36 30.32
CA GLY D 219 -68.30 -19.55 31.25
C GLY D 219 -69.65 -19.23 30.62
N ALA D 220 -69.70 -18.06 29.95
CA ALA D 220 -70.93 -17.53 29.35
C ALA D 220 -71.53 -18.49 28.29
N ILE D 221 -70.68 -18.97 27.38
CA ILE D 221 -71.06 -19.98 26.39
C ILE D 221 -71.56 -21.25 27.07
N LEU D 222 -70.78 -21.81 28.00
CA LEU D 222 -71.21 -23.00 28.74
C LEU D 222 -72.60 -22.82 29.35
N ALA D 223 -72.80 -21.67 29.99
CA ALA D 223 -74.08 -21.36 30.61
C ALA D 223 -75.16 -21.21 29.55
N PHE D 224 -74.88 -20.51 28.46
CA PHE D 224 -75.83 -20.45 27.36
C PHE D 224 -76.18 -21.83 26.79
N VAL D 225 -75.20 -22.73 26.71
CA VAL D 225 -75.46 -24.08 26.20
C VAL D 225 -76.26 -24.89 27.22
N LEU D 226 -75.95 -24.75 28.50
CA LEU D 226 -76.68 -25.47 29.52
C LEU D 226 -78.15 -25.05 29.65
N VAL D 227 -78.47 -23.81 29.29
CA VAL D 227 -79.85 -23.37 29.36
C VAL D 227 -80.67 -24.04 28.25
N LYS D 228 -80.09 -24.22 27.08
CA LYS D 228 -80.82 -24.79 25.94
C LYS D 228 -81.00 -26.30 25.91
N ILE D 229 -80.08 -27.06 26.52
CA ILE D 229 -80.13 -28.52 26.42
C ILE D 229 -80.67 -29.19 27.67
N THR D 230 -80.84 -28.38 28.72
CA THR D 230 -81.29 -28.88 30.02
C THR D 230 -82.60 -28.22 30.46
N GLY D 231 -82.87 -27.03 29.93
CA GLY D 231 -84.12 -26.33 30.16
C GLY D 231 -84.29 -25.88 31.60
N VAL D 232 -83.17 -25.69 32.29
CA VAL D 232 -83.19 -25.32 33.71
C VAL D 232 -83.43 -23.80 33.79
N ASP D 233 -83.86 -23.36 34.97
CA ASP D 233 -84.29 -21.98 35.17
C ASP D 233 -83.15 -20.99 34.94
N ARG D 234 -83.32 -20.13 33.95
CA ARG D 234 -82.34 -19.10 33.62
C ARG D 234 -81.80 -18.38 34.87
N GLU D 235 -82.63 -18.26 35.91
CA GLU D 235 -82.27 -17.50 37.10
C GLU D 235 -81.21 -18.19 38.00
N VAL D 236 -81.20 -19.52 38.06
CA VAL D 236 -80.14 -20.24 38.80
C VAL D 236 -78.88 -20.41 37.96
N ILE D 237 -79.05 -20.54 36.64
CA ILE D 237 -77.93 -20.63 35.74
C ILE D 237 -77.15 -19.34 35.88
N GLU D 238 -77.83 -18.21 35.71
CA GLU D 238 -77.15 -16.89 35.72
C GLU D 238 -76.56 -16.55 37.09
N LYS D 239 -77.14 -17.10 38.14
CA LYS D 239 -76.60 -16.97 39.50
C LYS D 239 -75.22 -17.62 39.52
N TRP D 240 -75.21 -18.89 39.14
CA TRP D 240 -74.00 -19.70 39.16
C TRP D 240 -72.91 -19.17 38.25
N LEU D 241 -73.34 -18.67 37.10
CA LEU D 241 -72.45 -17.98 36.21
C LEU D 241 -71.70 -16.91 36.97
N TYR D 242 -72.42 -15.99 37.61
CA TYR D 242 -71.79 -14.89 38.36
C TYR D 242 -70.84 -15.35 39.47
N VAL D 243 -71.15 -16.48 40.11
CA VAL D 243 -70.25 -17.06 41.10
C VAL D 243 -68.93 -17.44 40.43
N ILE D 244 -69.00 -18.28 39.41
CA ILE D 244 -67.81 -18.74 38.69
C ILE D 244 -66.93 -17.58 38.20
N ILE D 245 -67.55 -16.56 37.61
CA ILE D 245 -66.83 -15.36 37.18
C ILE D 245 -66.16 -14.64 38.36
N ALA D 246 -66.92 -14.40 39.42
CA ALA D 246 -66.35 -13.76 40.60
C ALA D 246 -65.10 -14.52 41.05
N MET D 247 -65.20 -15.83 41.21
CA MET D 247 -64.06 -16.66 41.65
C MET D 247 -62.86 -16.59 40.69
N ALA D 248 -63.15 -16.36 39.41
CA ALA D 248 -62.11 -16.28 38.39
C ALA D 248 -61.26 -15.03 38.57
N LEU D 249 -61.94 -13.89 38.70
CA LEU D 249 -61.25 -12.60 38.82
C LEU D 249 -60.70 -12.33 40.20
N ILE D 250 -61.24 -12.98 41.22
CA ILE D 250 -60.64 -12.92 42.55
C ILE D 250 -59.27 -13.60 42.52
N SER D 251 -59.26 -14.89 42.22
CA SER D 251 -58.00 -15.67 42.15
C SER D 251 -57.01 -15.18 41.09
N GLY D 252 -57.54 -14.86 39.90
CA GLY D 252 -56.73 -14.72 38.69
C GLY D 252 -56.00 -13.40 38.47
N ILE D 253 -56.54 -12.30 38.98
CA ILE D 253 -55.94 -10.97 38.73
C ILE D 253 -54.63 -10.74 39.49
N ILE D 254 -54.60 -11.15 40.76
CA ILE D 254 -53.35 -11.18 41.52
C ILE D 254 -52.60 -12.49 41.24
N GLY D 255 -53.36 -13.55 40.99
CA GLY D 255 -52.79 -14.84 40.60
C GLY D 255 -51.85 -14.76 39.42
N THR D 256 -51.97 -13.69 38.62
CA THR D 256 -51.00 -13.33 37.57
C THR D 256 -49.57 -13.41 38.08
N GLY D 257 -49.41 -13.14 39.37
CA GLY D 257 -48.12 -13.22 40.02
C GLY D 257 -47.37 -14.53 39.92
N HIS D 258 -48.05 -15.62 39.57
CA HIS D 258 -47.37 -16.92 39.39
C HIS D 258 -46.48 -16.92 38.15
N HIS D 259 -46.71 -15.95 37.26
CA HIS D 259 -45.84 -15.69 36.12
C HIS D 259 -44.74 -14.68 36.42
N TYR D 260 -44.80 -14.06 37.59
CA TYR D 260 -43.88 -13.01 38.01
C TYR D 260 -42.82 -13.47 39.05
N PHE D 261 -42.49 -14.75 39.08
CA PHE D 261 -41.49 -15.24 40.04
C PHE D 261 -40.06 -14.88 39.58
N TRP D 262 -39.67 -15.41 38.42
CA TRP D 262 -38.25 -15.40 38.02
C TRP D 262 -37.92 -14.49 36.84
N ILE D 263 -38.63 -13.37 36.69
CA ILE D 263 -38.41 -12.47 35.53
C ILE D 263 -37.75 -11.13 35.90
N GLY D 264 -37.40 -10.95 37.17
CA GLY D 264 -36.73 -9.74 37.62
C GLY D 264 -37.61 -8.71 38.31
N VAL D 265 -38.78 -9.13 38.77
CA VAL D 265 -39.64 -8.26 39.58
C VAL D 265 -39.53 -8.75 41.02
N PRO D 266 -39.90 -7.88 42.01
CA PRO D 266 -39.85 -8.18 43.44
C PRO D 266 -40.22 -9.58 43.87
N GLY D 267 -39.62 -10.02 44.97
CA GLY D 267 -39.90 -11.31 45.54
C GLY D 267 -41.24 -11.41 46.26
N TYR D 268 -41.86 -10.27 46.56
CA TYR D 268 -43.16 -10.32 47.23
C TYR D 268 -44.23 -10.94 46.32
N TRP D 269 -44.02 -10.89 45.00
CA TRP D 269 -44.86 -11.58 44.02
C TRP D 269 -44.86 -13.09 44.20
N LEU D 270 -43.79 -13.63 44.80
CA LEU D 270 -43.69 -15.08 45.07
C LEU D 270 -44.72 -15.54 46.07
N TRP D 271 -44.94 -14.73 47.09
CA TRP D 271 -46.00 -15.03 48.05
C TRP D 271 -47.35 -14.76 47.42
N LEU D 272 -47.53 -13.55 46.90
CA LEU D 272 -48.80 -13.13 46.30
C LEU D 272 -49.24 -14.06 45.16
N GLY D 273 -48.33 -14.33 44.25
CA GLY D 273 -48.60 -15.24 43.15
C GLY D 273 -48.92 -16.65 43.60
N SER D 274 -48.17 -17.17 44.57
CA SER D 274 -48.37 -18.55 45.02
C SER D 274 -49.62 -18.68 45.89
N VAL D 275 -50.01 -17.62 46.60
CA VAL D 275 -51.19 -17.71 47.44
C VAL D 275 -52.43 -17.64 46.58
N PHE D 276 -52.51 -16.62 45.74
CA PHE D 276 -53.69 -16.41 44.89
C PHE D 276 -53.87 -17.48 43.79
N SER D 277 -52.77 -18.00 43.26
CA SER D 277 -52.83 -19.07 42.24
C SER D 277 -53.36 -20.37 42.79
N ALA D 278 -53.15 -20.62 44.07
CA ALA D 278 -53.72 -21.80 44.70
C ALA D 278 -55.26 -21.80 44.54
N LEU D 279 -55.86 -20.61 44.45
CA LEU D 279 -57.31 -20.48 44.30
C LEU D 279 -57.84 -20.62 42.87
N GLU D 280 -56.97 -20.56 41.89
CA GLU D 280 -57.43 -20.53 40.50
C GLU D 280 -58.11 -21.79 39.96
N PRO D 281 -57.85 -22.96 40.57
CA PRO D 281 -58.66 -24.12 40.13
C PRO D 281 -60.16 -24.06 40.57
N LEU D 282 -60.51 -23.17 41.49
CA LEU D 282 -61.89 -23.14 42.02
C LEU D 282 -62.90 -22.89 40.91
N PRO D 283 -62.79 -21.78 40.18
CA PRO D 283 -63.74 -21.57 39.07
C PRO D 283 -63.96 -22.81 38.22
N PHE D 284 -62.88 -23.51 37.90
CA PHE D 284 -62.99 -24.71 37.11
C PHE D 284 -63.74 -25.83 37.82
N PHE D 285 -63.52 -25.95 39.13
CA PHE D 285 -64.29 -26.91 39.91
C PHE D 285 -65.79 -26.57 39.93
N ALA D 286 -66.09 -25.28 40.05
CA ALA D 286 -67.45 -24.78 39.92
C ALA D 286 -68.04 -25.19 38.58
N MET D 287 -67.28 -24.97 37.51
CA MET D 287 -67.75 -25.26 36.16
C MET D 287 -68.24 -26.72 36.01
N VAL D 288 -67.57 -27.69 36.65
CA VAL D 288 -68.03 -29.09 36.53
C VAL D 288 -69.30 -29.34 37.35
N LEU D 289 -69.37 -28.77 38.55
CA LEU D 289 -70.57 -28.90 39.34
C LEU D 289 -71.70 -28.23 38.59
N PHE D 290 -71.39 -27.10 37.95
CA PHE D 290 -72.37 -26.29 37.21
C PHE D 290 -72.92 -27.09 36.04
N ALA D 291 -72.04 -27.68 35.26
CA ALA D 291 -72.44 -28.57 34.20
C ALA D 291 -73.23 -29.75 34.75
N PHE D 292 -72.64 -30.50 35.67
CA PHE D 292 -73.23 -31.77 36.10
C PHE D 292 -74.61 -31.62 36.76
N ASN D 293 -74.78 -30.66 37.66
CA ASN D 293 -76.11 -30.41 38.20
C ASN D 293 -77.10 -30.08 37.11
N THR D 294 -76.95 -28.93 36.46
CA THR D 294 -77.96 -28.49 35.50
C THR D 294 -78.28 -29.57 34.45
N ILE D 295 -77.26 -30.30 34.01
CA ILE D 295 -77.43 -31.42 33.06
C ILE D 295 -78.08 -32.63 33.71
N ASN D 296 -78.02 -32.69 35.04
CA ASN D 296 -78.60 -33.81 35.77
C ASN D 296 -80.02 -33.54 36.23
N ARG D 297 -80.42 -32.26 36.31
CA ARG D 297 -81.78 -31.89 36.69
C ARG D 297 -82.51 -31.29 35.49
N ARG D 298 -82.54 -32.03 34.40
CA ARG D 298 -83.07 -31.48 33.17
C ARG D 298 -84.58 -31.55 33.19
N ARG D 299 -85.20 -30.49 32.67
CA ARG D 299 -86.59 -30.49 32.24
C ARG D 299 -86.71 -31.14 30.86
N ARG D 300 -85.62 -31.70 30.33
CA ARG D 300 -85.70 -32.45 29.07
C ARG D 300 -84.49 -33.35 28.76
N ASP D 301 -84.79 -34.44 28.05
CA ASP D 301 -83.76 -35.25 27.40
C ASP D 301 -83.57 -34.57 26.06
N TYR D 302 -82.32 -34.26 25.70
CA TYR D 302 -82.05 -33.49 24.50
C TYR D 302 -81.63 -34.39 23.31
N PRO D 303 -82.28 -34.22 22.14
CA PRO D 303 -82.05 -35.04 20.95
C PRO D 303 -80.59 -35.15 20.49
N ASN D 304 -79.78 -34.13 20.78
CA ASN D 304 -78.34 -34.18 20.51
C ASN D 304 -77.57 -34.60 21.75
N ARG D 305 -77.30 -35.89 21.86
CA ARG D 305 -76.67 -36.43 23.08
C ARG D 305 -75.21 -36.02 23.21
N ALA D 306 -74.61 -35.63 22.09
CA ALA D 306 -73.19 -35.26 22.04
C ALA D 306 -72.89 -33.99 22.82
N VAL D 307 -73.79 -33.00 22.73
CA VAL D 307 -73.61 -31.72 23.39
C VAL D 307 -73.37 -31.92 24.89
N ALA D 308 -74.26 -32.67 25.53
CA ALA D 308 -74.09 -33.01 26.95
C ALA D 308 -72.71 -33.62 27.26
N LEU D 309 -72.24 -34.50 26.39
CA LEU D 309 -70.91 -35.10 26.55
C LEU D 309 -69.82 -34.02 26.43
N TRP D 310 -69.93 -33.19 25.40
CA TRP D 310 -69.00 -32.07 25.21
C TRP D 310 -68.99 -31.11 26.41
N ALA D 311 -70.17 -30.74 26.91
CA ALA D 311 -70.24 -29.77 28.02
C ALA D 311 -69.65 -30.35 29.29
N MET D 312 -70.02 -31.59 29.62
CA MET D 312 -69.47 -32.26 30.79
C MET D 312 -67.96 -32.48 30.63
N GLY D 313 -67.54 -32.95 29.47
CA GLY D 313 -66.11 -33.19 29.20
C GLY D 313 -65.27 -31.94 29.22
N THR D 314 -65.74 -30.89 28.52
CA THR D 314 -65.07 -29.58 28.55
C THR D 314 -64.73 -29.19 29.96
N THR D 315 -65.76 -29.16 30.82
CA THR D 315 -65.56 -28.74 32.22
C THR D 315 -64.55 -29.63 32.98
N VAL D 316 -64.59 -30.94 32.76
CA VAL D 316 -63.65 -31.85 33.42
C VAL D 316 -62.23 -31.57 32.90
N MET D 317 -62.02 -31.75 31.59
CA MET D 317 -60.72 -31.51 30.98
C MET D 317 -60.10 -30.16 31.35
N ALA D 318 -60.90 -29.11 31.36
CA ALA D 318 -60.43 -27.78 31.80
C ALA D 318 -59.99 -27.81 33.27
N PHE D 319 -60.73 -28.53 34.10
CA PHE D 319 -60.34 -28.67 35.48
C PHE D 319 -58.99 -29.41 35.61
N LEU D 320 -58.82 -30.52 34.92
CA LEU D 320 -57.55 -31.28 34.96
C LEU D 320 -56.38 -30.48 34.41
N GLY D 321 -56.59 -29.86 33.25
CA GLY D 321 -55.52 -29.15 32.56
C GLY D 321 -55.18 -27.85 33.23
N ALA D 322 -56.17 -26.97 33.34
CA ALA D 322 -55.94 -25.70 34.00
C ALA D 322 -55.83 -25.88 35.49
N GLY D 323 -56.79 -26.57 36.10
CA GLY D 323 -56.84 -26.64 37.55
C GLY D 323 -55.77 -27.52 38.22
N VAL D 324 -55.83 -28.83 37.97
CA VAL D 324 -54.94 -29.80 38.62
C VAL D 324 -53.52 -29.58 38.12
N TRP D 325 -53.30 -29.74 36.82
CA TRP D 325 -51.98 -29.48 36.25
C TRP D 325 -51.51 -28.06 36.55
N GLY D 326 -52.43 -27.09 36.60
CA GLY D 326 -52.05 -25.74 36.99
C GLY D 326 -51.50 -25.65 38.40
N PHE D 327 -52.21 -26.26 39.35
CA PHE D 327 -51.83 -26.22 40.75
C PHE D 327 -50.47 -26.89 40.96
N MET D 328 -50.31 -28.09 40.41
CA MET D 328 -49.06 -28.88 40.52
C MET D 328 -47.74 -28.13 40.39
N HIS D 329 -47.73 -26.97 39.74
CA HIS D 329 -46.49 -26.23 39.53
C HIS D 329 -46.65 -24.71 39.64
N THR D 330 -47.70 -24.26 40.32
CA THR D 330 -47.94 -22.83 40.52
C THR D 330 -47.27 -22.32 41.79
N LEU D 331 -46.77 -23.25 42.62
CA LEU D 331 -46.14 -22.90 43.90
C LEU D 331 -44.65 -22.65 43.74
N ALA D 332 -44.24 -21.39 43.95
CA ALA D 332 -42.89 -20.92 43.65
C ALA D 332 -41.82 -21.97 43.94
N PRO D 333 -41.82 -22.56 45.15
CA PRO D 333 -40.91 -23.68 45.44
C PRO D 333 -40.86 -24.79 44.40
N VAL D 334 -42.01 -25.19 43.85
CA VAL D 334 -42.05 -26.18 42.76
C VAL D 334 -41.68 -25.54 41.44
N ASN D 335 -42.33 -24.41 41.15
CA ASN D 335 -42.16 -23.70 39.87
C ASN D 335 -40.70 -23.42 39.51
N TYR D 336 -39.90 -23.16 40.54
CA TYR D 336 -38.47 -22.91 40.43
C TYR D 336 -37.74 -23.97 39.62
N TYR D 337 -38.09 -25.22 39.85
CA TYR D 337 -37.42 -26.33 39.20
C TYR D 337 -38.07 -26.75 37.89
N THR D 338 -39.33 -26.36 37.69
CA THR D 338 -40.08 -26.75 36.50
C THR D 338 -40.20 -25.62 35.47
N HIS D 339 -39.78 -24.41 35.84
CA HIS D 339 -40.00 -23.24 35.02
C HIS D 339 -39.36 -23.43 33.64
N GLY D 340 -40.20 -23.44 32.60
CA GLY D 340 -39.73 -23.56 31.22
C GLY D 340 -39.29 -24.96 30.85
N THR D 341 -40.14 -25.93 31.18
CA THR D 341 -39.81 -27.33 31.09
C THR D 341 -40.86 -28.00 30.22
N GLN D 342 -40.71 -29.28 29.89
CA GLN D 342 -41.78 -30.04 29.21
C GLN D 342 -43.05 -30.18 30.04
N LEU D 343 -42.94 -29.90 31.33
CA LEU D 343 -44.06 -29.91 32.22
C LEU D 343 -44.96 -28.72 31.88
N THR D 344 -44.35 -27.55 31.72
CA THR D 344 -45.07 -26.34 31.29
C THR D 344 -45.83 -26.58 29.97
N ALA D 345 -45.19 -27.25 29.02
CA ALA D 345 -45.83 -27.66 27.76
C ALA D 345 -46.96 -28.69 27.96
N ALA D 346 -46.81 -29.60 28.92
CA ALA D 346 -47.90 -30.55 29.26
C ALA D 346 -49.16 -29.82 29.68
N HIS D 347 -48.98 -28.83 30.58
CA HIS D 347 -50.08 -28.08 31.19
C HIS D 347 -50.77 -27.23 30.18
N GLY D 348 -49.97 -26.41 29.49
CA GLY D 348 -50.49 -25.58 28.41
C GLY D 348 -51.38 -26.34 27.44
N HIS D 349 -50.96 -27.55 27.08
CA HIS D 349 -51.71 -28.31 26.10
C HIS D 349 -53.07 -28.73 26.60
N MET D 350 -53.11 -29.29 27.80
CA MET D 350 -54.40 -29.70 28.36
C MET D 350 -55.30 -28.50 28.73
N ALA D 351 -54.69 -27.46 29.27
CA ALA D 351 -55.41 -26.29 29.74
C ALA D 351 -56.01 -25.53 28.58
N PHE D 352 -55.27 -25.37 27.50
CA PHE D 352 -55.81 -24.75 26.30
C PHE D 352 -56.91 -25.62 25.68
N TYR D 353 -56.61 -26.88 25.46
CA TYR D 353 -57.56 -27.82 24.85
C TYR D 353 -58.83 -27.93 25.69
N GLY D 354 -58.66 -28.34 26.95
CA GLY D 354 -59.80 -28.64 27.83
C GLY D 354 -60.74 -27.47 28.04
N ALA D 355 -60.18 -26.28 28.10
CA ALA D 355 -60.97 -25.10 28.34
C ALA D 355 -61.51 -24.59 27.04
N TYR D 356 -60.66 -24.23 26.10
CA TYR D 356 -61.13 -23.41 25.00
C TYR D 356 -61.38 -24.13 23.69
N ALA D 357 -60.59 -25.15 23.40
CA ALA D 357 -60.84 -25.98 22.22
C ALA D 357 -62.16 -26.74 22.37
N MET D 358 -62.33 -27.39 23.51
CA MET D 358 -63.56 -28.12 23.80
C MET D 358 -64.83 -27.24 23.88
N ILE D 359 -64.73 -26.00 24.41
CA ILE D 359 -65.92 -25.16 24.54
C ILE D 359 -66.38 -24.66 23.17
N VAL D 360 -65.44 -24.37 22.28
CA VAL D 360 -65.80 -24.01 20.92
C VAL D 360 -66.49 -25.20 20.24
N MET D 361 -65.94 -26.40 20.43
CA MET D 361 -66.53 -27.61 19.86
C MET D 361 -67.89 -27.92 20.45
N THR D 362 -68.04 -27.66 21.75
CA THR D 362 -69.34 -27.81 22.40
C THR D 362 -70.40 -26.99 21.68
N ILE D 363 -70.23 -25.66 21.62
CA ILE D 363 -71.27 -24.82 21.01
C ILE D 363 -71.44 -25.06 19.51
N ILE D 364 -70.40 -25.51 18.83
CA ILE D 364 -70.54 -25.94 17.45
C ILE D 364 -71.48 -27.16 17.46
N SER D 365 -71.17 -28.14 18.30
CA SER D 365 -71.96 -29.37 18.37
C SER D 365 -73.44 -29.07 18.61
N TYR D 366 -73.71 -27.97 19.31
CA TYR D 366 -75.08 -27.49 19.53
C TYR D 366 -75.64 -26.83 18.27
N ALA D 367 -74.99 -25.76 17.82
CA ALA D 367 -75.57 -24.88 16.81
C ALA D 367 -75.49 -25.38 15.35
N MET D 368 -74.56 -26.26 15.02
CA MET D 368 -74.32 -26.55 13.60
C MET D 368 -75.52 -27.13 12.86
N PRO D 369 -76.22 -28.11 13.45
CA PRO D 369 -77.39 -28.67 12.78
C PRO D 369 -78.44 -27.59 12.51
N ARG D 370 -78.67 -26.73 13.50
CA ARG D 370 -79.62 -25.64 13.33
C ARG D 370 -78.96 -24.40 12.74
N LEU D 371 -77.90 -24.58 11.97
CA LEU D 371 -77.36 -23.55 11.08
C LEU D 371 -77.44 -24.02 9.63
N ARG D 372 -77.53 -25.34 9.48
CA ARG D 372 -77.78 -26.01 8.21
C ARG D 372 -79.27 -26.35 8.10
N GLY D 373 -80.06 -25.87 9.07
CA GLY D 373 -81.47 -26.18 9.17
C GLY D 373 -81.80 -27.67 9.19
N ILE D 374 -80.89 -28.48 9.71
CA ILE D 374 -81.12 -29.94 9.84
C ILE D 374 -82.08 -30.24 10.97
N GLY D 375 -81.89 -29.59 12.11
CA GLY D 375 -82.75 -29.77 13.28
C GLY D 375 -81.99 -29.41 14.52
N GLU D 376 -82.44 -29.92 15.65
CA GLU D 376 -81.76 -29.70 16.92
C GLU D 376 -80.59 -30.69 17.04
N ALA D 377 -80.73 -31.81 16.33
CA ALA D 377 -79.75 -32.90 16.33
C ALA D 377 -79.54 -33.48 14.93
N MET D 378 -78.41 -34.16 14.75
CA MET D 378 -78.14 -34.93 13.53
C MET D 378 -78.78 -36.29 13.71
N ASP D 379 -78.65 -37.15 12.70
CA ASP D 379 -79.10 -38.53 12.86
C ASP D 379 -78.10 -39.32 13.69
N ASN D 380 -78.38 -40.59 13.94
CA ASN D 380 -77.54 -41.42 14.82
C ASN D 380 -76.17 -41.77 14.24
N ARG D 381 -76.01 -41.65 12.91
CA ARG D 381 -74.69 -41.78 12.27
C ARG D 381 -73.75 -40.69 12.78
N SER D 382 -74.11 -39.45 12.49
CA SER D 382 -73.26 -38.27 12.82
C SER D 382 -73.00 -38.10 14.30
N GLN D 383 -73.80 -38.77 15.12
CA GLN D 383 -73.81 -38.53 16.56
C GLN D 383 -72.82 -39.44 17.24
N VAL D 384 -72.79 -40.70 16.81
CA VAL D 384 -71.83 -41.67 17.34
C VAL D 384 -70.43 -41.41 16.75
N LEU D 385 -70.35 -40.56 15.72
CA LEU D 385 -69.06 -40.09 15.19
C LEU D 385 -68.48 -38.93 15.99
N GLU D 386 -69.25 -37.84 16.12
CA GLU D 386 -68.89 -36.75 17.04
C GLU D 386 -68.32 -37.32 18.32
N MET D 387 -69.04 -38.29 18.88
CA MET D 387 -68.70 -38.83 20.17
C MET D 387 -67.46 -39.69 20.12
N TRP D 388 -67.25 -40.37 19.00
CA TRP D 388 -65.98 -41.08 18.78
C TRP D 388 -64.84 -40.05 18.77
N GLY D 389 -64.99 -39.04 17.91
CA GLY D 389 -64.04 -37.93 17.81
C GLY D 389 -63.73 -37.33 19.17
N PHE D 390 -64.77 -36.92 19.89
CA PHE D 390 -64.62 -36.50 21.27
C PHE D 390 -63.59 -37.35 22.02
N TRP D 391 -63.85 -38.64 22.10
CA TRP D 391 -63.05 -39.55 22.92
C TRP D 391 -61.65 -39.81 22.40
N LEU D 392 -61.50 -39.97 21.09
CA LEU D 392 -60.18 -40.07 20.52
C LEU D 392 -59.37 -38.83 20.93
N MET D 393 -59.85 -37.64 20.54
CA MET D 393 -59.19 -36.37 20.88
C MET D 393 -59.00 -36.19 22.38
N THR D 394 -60.08 -36.25 23.15
CA THR D 394 -59.96 -36.04 24.60
C THR D 394 -58.96 -37.03 25.26
N VAL D 395 -59.04 -38.31 24.90
CA VAL D 395 -58.13 -39.33 25.44
C VAL D 395 -56.74 -39.23 24.81
N ALA D 396 -56.66 -38.84 23.54
CA ALA D 396 -55.34 -38.62 22.89
C ALA D 396 -54.55 -37.60 23.71
N MET D 397 -55.23 -36.50 24.06
CA MET D 397 -54.61 -35.39 24.77
C MET D 397 -54.24 -35.71 26.20
N VAL D 398 -54.95 -36.60 26.90
CA VAL D 398 -54.53 -36.91 28.27
C VAL D 398 -53.19 -37.66 28.21
N PHE D 399 -53.01 -38.45 27.16
CA PHE D 399 -51.72 -39.10 26.94
C PHE D 399 -50.63 -38.06 26.59
N ILE D 400 -50.89 -37.22 25.60
CA ILE D 400 -49.98 -36.12 25.28
C ILE D 400 -49.51 -35.43 26.55
N THR D 401 -50.43 -35.14 27.45
CA THR D 401 -50.09 -34.47 28.71
C THR D 401 -49.25 -35.37 29.62
N LEU D 402 -49.64 -36.65 29.70
CA LEU D 402 -48.89 -37.63 30.50
C LEU D 402 -47.46 -37.79 29.99
N PHE D 403 -47.33 -38.18 28.73
CA PHE D 403 -46.02 -38.34 28.12
C PHE D 403 -45.09 -37.15 28.33
N LEU D 404 -45.61 -35.92 28.18
CA LEU D 404 -44.81 -34.70 28.41
C LEU D 404 -44.56 -34.43 29.89
N SER D 405 -45.51 -34.82 30.73
CA SER D 405 -45.32 -34.68 32.17
C SER D 405 -44.16 -35.55 32.57
N ALA D 406 -44.11 -36.75 32.01
CA ALA D 406 -42.97 -37.67 32.19
C ALA D 406 -41.64 -36.99 31.82
N ALA D 407 -41.54 -36.52 30.57
CA ALA D 407 -40.37 -35.77 30.13
C ALA D 407 -39.97 -34.72 31.17
N GLY D 408 -40.91 -33.87 31.53
CA GLY D 408 -40.65 -32.75 32.42
C GLY D 408 -40.11 -33.14 33.76
N VAL D 409 -40.65 -34.21 34.32
CA VAL D 409 -40.24 -34.71 35.64
C VAL D 409 -38.81 -35.24 35.56
N LEU D 410 -38.56 -36.09 34.59
CA LEU D 410 -37.22 -36.60 34.35
C LEU D 410 -36.25 -35.44 34.06
N GLN D 411 -36.68 -34.52 33.19
CA GLN D 411 -35.89 -33.32 32.88
C GLN D 411 -35.56 -32.45 34.08
N VAL D 412 -36.51 -32.24 34.97
CA VAL D 412 -36.19 -31.52 36.20
C VAL D 412 -35.10 -32.32 36.92
N TRP D 413 -35.26 -33.64 36.96
CA TRP D 413 -34.37 -34.52 37.69
C TRP D 413 -32.95 -34.37 37.20
N LEU D 414 -32.74 -34.52 35.90
CA LEU D 414 -31.39 -34.54 35.33
C LEU D 414 -30.73 -33.18 35.22
N GLN D 415 -31.46 -32.21 34.70
CA GLN D 415 -30.91 -30.93 34.36
C GLN D 415 -30.98 -29.95 35.52
N ARG D 416 -32.11 -29.96 36.24
CA ARG D 416 -32.48 -28.82 37.07
C ARG D 416 -32.05 -28.93 38.54
N MET D 417 -32.20 -30.12 39.09
CA MET D 417 -31.96 -30.31 40.53
C MET D 417 -30.48 -30.42 40.94
N PRO D 418 -29.69 -31.25 40.23
CA PRO D 418 -28.24 -31.32 40.50
C PRO D 418 -27.56 -29.95 40.49
N ALA D 419 -26.41 -29.84 41.15
CA ALA D 419 -25.63 -28.60 41.13
C ALA D 419 -24.62 -28.65 39.99
N ASP D 420 -23.98 -27.51 39.72
CA ASP D 420 -23.04 -27.35 38.60
C ASP D 420 -22.12 -28.56 38.52
N GLY D 421 -22.09 -29.21 37.35
CA GLY D 421 -21.21 -30.37 37.12
C GLY D 421 -21.94 -31.70 37.06
N ALA D 422 -22.89 -31.90 37.98
CA ALA D 422 -23.75 -33.09 37.98
C ALA D 422 -24.99 -32.82 37.12
N ALA D 423 -25.38 -31.56 37.03
CA ALA D 423 -26.47 -31.14 36.15
C ALA D 423 -26.12 -31.50 34.73
N MET D 424 -26.92 -32.39 34.13
CA MET D 424 -26.73 -32.82 32.75
C MET D 424 -27.15 -31.67 31.82
N THR D 425 -26.55 -31.55 30.65
CA THR D 425 -26.77 -30.34 29.80
C THR D 425 -28.16 -30.32 29.18
N PHE D 426 -28.55 -29.18 28.64
CA PHE D 426 -29.86 -29.11 28.01
C PHE D 426 -30.05 -30.17 26.92
N MET D 427 -29.21 -30.13 25.88
CA MET D 427 -29.37 -31.04 24.71
C MET D 427 -29.10 -32.51 25.05
N ALA D 428 -28.44 -32.76 26.18
CA ALA D 428 -28.09 -34.10 26.63
C ALA D 428 -29.24 -34.73 27.36
N THR D 429 -29.89 -33.98 28.24
CA THR D 429 -31.10 -34.49 28.89
C THR D 429 -32.16 -34.74 27.81
N GLN D 430 -32.26 -33.85 26.82
CA GLN D 430 -33.24 -34.00 25.74
C GLN D 430 -33.15 -35.36 25.05
N ASP D 431 -31.96 -35.97 25.05
CA ASP D 431 -31.78 -37.29 24.47
C ASP D 431 -32.41 -38.38 25.31
N GLN D 432 -32.39 -38.21 26.63
CA GLN D 432 -33.06 -39.13 27.54
C GLN D 432 -34.57 -39.10 27.29
N LEU D 433 -35.10 -37.89 27.09
CA LEU D 433 -36.52 -37.65 26.92
C LEU D 433 -37.13 -38.15 25.61
N ALA D 434 -36.30 -38.62 24.69
CA ALA D 434 -36.74 -38.96 23.33
C ALA D 434 -37.89 -39.98 23.21
N ILE D 435 -37.87 -41.03 24.03
CA ILE D 435 -38.93 -42.04 23.99
C ILE D 435 -40.30 -41.38 24.21
N PHE D 436 -40.37 -40.56 25.26
CA PHE D 436 -41.60 -39.82 25.61
C PHE D 436 -42.10 -38.99 24.44
N TYR D 437 -41.15 -38.36 23.76
CA TYR D 437 -41.43 -37.51 22.60
C TYR D 437 -41.96 -38.26 21.38
N TRP D 438 -41.59 -39.54 21.27
CA TRP D 438 -42.10 -40.43 20.24
C TRP D 438 -43.48 -40.90 20.61
N LEU D 439 -43.65 -41.27 21.87
CA LEU D 439 -44.96 -41.63 22.39
C LEU D 439 -45.90 -40.46 22.16
N ARG D 440 -45.43 -39.27 22.46
CA ARG D 440 -46.22 -38.08 22.20
C ARG D 440 -46.61 -37.94 20.73
N GLU D 441 -45.70 -38.22 19.80
CA GLU D 441 -46.07 -38.17 18.37
C GLU D 441 -47.17 -39.16 18.01
N GLY D 442 -47.21 -40.31 18.69
CA GLY D 442 -48.27 -41.28 18.49
C GLY D 442 -49.57 -40.70 19.01
N ALA D 443 -49.54 -40.23 20.25
CA ALA D 443 -50.70 -39.59 20.84
C ALA D 443 -51.20 -38.50 19.91
N GLY D 444 -50.26 -37.75 19.34
CA GLY D 444 -50.58 -36.70 18.41
C GLY D 444 -51.29 -37.21 17.16
N VAL D 445 -50.86 -38.37 16.67
CA VAL D 445 -51.46 -38.98 15.47
C VAL D 445 -52.87 -39.46 15.80
N VAL D 446 -53.03 -40.14 16.94
CA VAL D 446 -54.35 -40.57 17.38
C VAL D 446 -55.27 -39.36 17.46
N PHE D 447 -54.75 -38.25 17.97
CA PHE D 447 -55.50 -37.00 18.05
C PHE D 447 -56.00 -36.55 16.65
N LEU D 448 -55.10 -36.53 15.68
CA LEU D 448 -55.47 -36.11 14.33
C LEU D 448 -56.56 -37.01 13.76
N ILE D 449 -56.47 -38.30 14.05
CA ILE D 449 -57.48 -39.28 13.67
C ILE D 449 -58.84 -38.87 14.28
N GLY D 450 -58.85 -38.71 15.60
CA GLY D 450 -60.03 -38.24 16.35
C GLY D 450 -60.61 -36.89 15.90
N LEU D 451 -59.77 -36.02 15.38
CA LEU D 451 -60.22 -34.75 14.82
C LEU D 451 -60.88 -35.01 13.48
N VAL D 452 -60.33 -35.97 12.74
CA VAL D 452 -60.87 -36.38 11.44
C VAL D 452 -62.16 -37.17 11.63
N ALA D 453 -62.25 -37.94 12.71
CA ALA D 453 -63.50 -38.61 13.06
C ALA D 453 -64.57 -37.57 13.34
N TYR D 454 -64.27 -36.67 14.27
CA TYR D 454 -65.13 -35.53 14.59
C TYR D 454 -65.56 -34.81 13.32
N LEU D 455 -64.64 -34.59 12.39
CA LEU D 455 -64.92 -33.79 11.18
C LEU D 455 -65.83 -34.49 10.18
N LEU D 456 -65.71 -35.81 10.10
CA LEU D 456 -66.55 -36.61 9.22
C LEU D 456 -68.01 -36.63 9.66
N SER D 457 -68.26 -36.25 10.91
CA SER D 457 -69.61 -36.31 11.43
C SER D 457 -70.53 -35.21 10.89
N PHE D 458 -70.10 -34.47 9.87
CA PHE D 458 -70.94 -33.44 9.26
C PHE D 458 -71.41 -33.82 7.84
N ALA E 31 21.11 22.59 6.31
CA ALA E 31 19.99 23.60 6.27
C ALA E 31 18.67 23.00 5.82
N ALA E 32 18.65 22.37 4.65
CA ALA E 32 17.49 21.58 4.22
C ALA E 32 17.27 20.38 5.16
N GLU E 33 18.19 20.20 6.13
CA GLU E 33 18.11 19.19 7.18
C GLU E 33 17.31 19.71 8.37
N GLN E 34 17.48 21.00 8.69
CA GLN E 34 16.60 21.73 9.60
C GLN E 34 15.19 21.81 9.02
N TYR E 35 15.10 22.14 7.75
CA TYR E 35 13.83 22.32 7.06
C TYR E 35 12.91 21.10 7.20
N GLN E 36 13.50 19.91 7.15
CA GLN E 36 12.75 18.68 7.35
C GLN E 36 13.18 18.02 8.66
N GLY E 37 13.49 18.85 9.65
CA GLY E 37 14.00 18.37 10.92
C GLY E 37 12.93 18.10 11.94
N ALA E 38 11.75 18.69 11.76
CA ALA E 38 10.70 18.67 12.77
C ALA E 38 10.04 17.31 12.86
N ALA E 39 9.36 17.06 13.97
CA ALA E 39 8.81 15.74 14.22
C ALA E 39 7.54 15.54 13.40
N SER E 40 7.47 14.40 12.72
CA SER E 40 6.27 13.97 12.04
C SER E 40 5.07 14.16 12.98
N ALA E 41 4.00 14.78 12.47
CA ALA E 41 2.79 14.95 13.26
C ALA E 41 2.13 13.62 13.58
N VAL E 42 2.64 12.53 13.04
CA VAL E 42 2.19 11.19 13.42
C VAL E 42 2.59 10.88 14.85
N ASP E 43 1.60 10.57 15.66
CA ASP E 43 1.77 10.20 17.06
C ASP E 43 2.35 8.78 17.16
N PRO E 44 3.58 8.61 17.68
CA PRO E 44 4.20 7.29 17.77
C PRO E 44 3.41 6.28 18.57
N ALA E 45 2.71 6.74 19.61
CA ALA E 45 1.79 5.88 20.36
C ALA E 45 0.89 5.11 19.41
N HIS E 46 0.16 5.83 18.55
CA HIS E 46 -0.81 5.20 17.67
C HIS E 46 -0.18 4.47 16.49
N VAL E 47 1.14 4.33 16.50
CA VAL E 47 1.85 3.58 15.47
C VAL E 47 2.31 2.26 16.06
N VAL E 48 1.66 1.16 15.68
CA VAL E 48 1.88 -0.11 16.36
C VAL E 48 2.79 -1.07 15.63
N ARG E 49 3.45 -1.89 16.44
CA ARG E 49 4.23 -3.02 15.99
C ARG E 49 3.27 -4.18 16.02
N THR E 50 3.45 -5.15 15.14
CA THR E 50 2.71 -6.39 15.29
C THR E 50 3.54 -7.32 16.16
N ASN E 51 2.99 -7.68 17.31
CA ASN E 51 3.31 -8.96 17.88
C ASN E 51 2.34 -9.42 18.94
N GLY E 52 2.72 -10.50 19.64
CA GLY E 52 1.81 -11.30 20.43
C GLY E 52 1.42 -12.50 19.60
N ALA E 53 2.29 -12.89 18.67
CA ALA E 53 1.97 -13.93 17.69
C ALA E 53 2.50 -15.29 18.12
N PRO E 54 1.63 -16.32 18.15
CA PRO E 54 2.12 -17.66 18.46
C PRO E 54 3.40 -17.95 17.72
N ASP E 55 4.47 -18.18 18.46
CA ASP E 55 5.74 -18.48 17.84
C ASP E 55 5.66 -19.82 17.12
N MET E 56 6.32 -19.85 15.96
CA MET E 56 6.44 -21.05 15.17
C MET E 56 7.78 -20.98 14.42
N SER E 57 8.40 -22.14 14.26
CA SER E 57 9.71 -22.22 13.67
C SER E 57 9.66 -21.86 12.19
N GLU E 58 10.84 -21.67 11.62
CA GLU E 58 11.00 -21.56 10.18
C GLU E 58 10.33 -22.77 9.52
N SER E 59 10.65 -23.95 10.00
CA SER E 59 10.13 -25.19 9.43
C SER E 59 8.61 -25.24 9.35
N GLU E 60 7.94 -24.74 10.38
CA GLU E 60 6.47 -24.78 10.48
C GLU E 60 5.84 -23.69 9.63
N PHE E 61 6.29 -22.45 9.86
CA PHE E 61 5.82 -21.28 9.10
C PHE E 61 5.70 -21.52 7.59
N ASN E 62 6.72 -22.11 6.98
CA ASN E 62 6.69 -22.37 5.54
C ASN E 62 5.71 -23.49 5.17
N GLU E 63 5.59 -24.49 6.04
CA GLU E 63 4.60 -25.56 5.85
C GLU E 63 3.18 -25.00 5.88
N ALA E 64 2.95 -24.07 6.81
CA ALA E 64 1.63 -23.44 6.99
C ALA E 64 1.33 -22.49 5.86
N LYS E 65 2.32 -21.66 5.56
CA LYS E 65 2.27 -20.73 4.44
C LYS E 65 1.90 -21.45 3.13
N GLN E 66 2.50 -22.59 2.86
CA GLN E 66 2.19 -23.28 1.62
C GLN E 66 0.76 -23.78 1.59
N ILE E 67 0.30 -24.39 2.68
CA ILE E 67 -1.11 -24.79 2.76
C ILE E 67 -1.94 -23.56 2.45
N TYR E 68 -1.55 -22.40 2.96
CA TYR E 68 -2.25 -21.17 2.65
C TYR E 68 -2.38 -20.88 1.14
N PHE E 69 -1.30 -20.95 0.40
CA PHE E 69 -1.35 -20.59 -1.01
C PHE E 69 -1.91 -21.70 -1.87
N GLN E 70 -1.96 -22.90 -1.33
CA GLN E 70 -2.61 -24.01 -2.01
C GLN E 70 -4.12 -23.94 -1.82
N ARG E 71 -4.52 -23.75 -0.56
CA ARG E 71 -5.91 -23.90 -0.18
C ARG E 71 -6.68 -22.59 -0.06
N CYS E 72 -6.09 -21.55 0.51
CA CYS E 72 -6.85 -20.37 0.97
C CYS E 72 -6.69 -19.05 0.24
N ALA E 73 -5.47 -18.76 -0.16
CA ALA E 73 -5.16 -17.47 -0.76
C ALA E 73 -5.96 -17.22 -2.04
N GLY E 74 -6.61 -18.25 -2.56
CA GLY E 74 -7.62 -18.05 -3.58
C GLY E 74 -8.70 -17.06 -3.21
N CYS E 75 -9.45 -17.32 -2.14
CA CYS E 75 -10.52 -16.41 -1.69
C CYS E 75 -9.96 -15.24 -0.85
N HIS E 76 -9.09 -15.58 0.10
CA HIS E 76 -8.65 -14.65 1.14
C HIS E 76 -7.56 -13.73 0.61
N GLY E 77 -6.85 -14.18 -0.42
CA GLY E 77 -5.85 -13.36 -1.10
C GLY E 77 -4.49 -13.37 -0.44
N VAL E 78 -3.55 -12.70 -1.06
CA VAL E 78 -2.17 -12.73 -0.62
C VAL E 78 -1.95 -12.01 0.72
N LEU E 79 -2.71 -10.94 0.94
CA LEU E 79 -2.66 -10.17 2.19
C LEU E 79 -3.90 -10.36 3.06
N ARG E 80 -4.71 -11.38 2.73
CA ARG E 80 -5.79 -11.87 3.57
C ARG E 80 -7.02 -10.97 3.73
N LYS E 81 -7.21 -10.02 2.84
CA LYS E 81 -8.36 -9.15 2.95
C LYS E 81 -9.29 -9.30 1.75
N GLY E 82 -9.36 -10.52 1.23
CA GLY E 82 -9.96 -10.75 -0.07
C GLY E 82 -11.35 -11.33 -0.05
N ALA E 83 -11.71 -12.04 1.00
CA ALA E 83 -13.04 -12.61 1.07
C ALA E 83 -13.96 -11.65 1.82
N THR E 84 -15.20 -12.07 2.03
CA THR E 84 -16.13 -11.32 2.88
C THR E 84 -15.84 -11.70 4.32
N GLY E 85 -16.67 -11.26 5.25
CA GLY E 85 -16.41 -11.49 6.67
C GLY E 85 -15.31 -10.56 7.12
N LYS E 86 -14.80 -10.79 8.33
CA LYS E 86 -13.65 -10.01 8.77
C LYS E 86 -12.42 -10.59 8.09
N PRO E 87 -11.38 -9.77 7.93
CA PRO E 87 -10.17 -10.22 7.29
C PRO E 87 -9.27 -11.07 8.19
N LEU E 88 -8.26 -11.74 7.61
CA LEU E 88 -7.41 -12.66 8.39
C LEU E 88 -6.09 -12.03 8.83
N THR E 89 -6.13 -10.74 9.12
CA THR E 89 -4.95 -10.01 9.50
C THR E 89 -4.80 -10.02 11.02
N PRO E 90 -3.55 -10.01 11.52
CA PRO E 90 -3.19 -9.91 12.94
C PRO E 90 -4.10 -9.10 13.88
N ASP E 91 -4.32 -7.83 13.57
CA ASP E 91 -5.25 -6.98 14.35
C ASP E 91 -6.57 -7.71 14.67
N ILE E 92 -7.03 -8.54 13.73
CA ILE E 92 -8.25 -9.29 13.89
C ILE E 92 -7.93 -10.64 14.52
N THR E 93 -7.10 -11.43 13.85
CA THR E 93 -7.00 -12.85 14.17
C THR E 93 -6.41 -13.09 15.57
N GLN E 94 -5.91 -12.02 16.18
CA GLN E 94 -5.28 -12.07 17.50
C GLN E 94 -6.26 -11.68 18.59
N GLN E 95 -7.14 -10.73 18.29
CA GLN E 95 -8.33 -10.47 19.09
C GLN E 95 -9.29 -11.67 19.08
N ARG E 96 -9.20 -12.51 18.05
CA ARG E 96 -10.05 -13.69 17.95
C ARG E 96 -9.55 -14.81 18.81
N GLY E 97 -8.25 -15.08 18.71
CA GLY E 97 -7.64 -16.13 19.48
C GLY E 97 -7.66 -17.48 18.78
N GLN E 98 -6.94 -18.43 19.37
CA GLN E 98 -6.62 -19.70 18.73
C GLN E 98 -7.86 -20.55 18.55
N GLN E 99 -8.59 -20.73 19.65
CA GLN E 99 -9.70 -21.67 19.70
C GLN E 99 -10.80 -21.25 18.74
N TYR E 100 -11.04 -19.93 18.66
CA TYR E 100 -11.97 -19.36 17.67
C TYR E 100 -11.56 -19.69 16.26
N LEU E 101 -10.33 -19.34 15.91
CA LEU E 101 -9.82 -19.49 14.54
C LEU E 101 -9.82 -20.95 14.10
N GLU E 102 -9.40 -21.83 15.02
CA GLU E 102 -9.40 -23.26 14.79
C GLU E 102 -10.81 -23.70 14.54
N ALA E 103 -11.71 -23.25 15.39
CA ALA E 103 -13.14 -23.59 15.27
C ALA E 103 -13.71 -23.27 13.90
N LEU E 104 -13.45 -22.06 13.43
CA LEU E 104 -13.99 -21.64 12.14
C LEU E 104 -13.35 -22.35 10.96
N ILE E 105 -12.08 -22.69 11.05
CA ILE E 105 -11.41 -23.37 9.95
C ILE E 105 -11.89 -24.80 9.98
N THR E 106 -12.26 -25.25 11.16
CA THR E 106 -12.58 -26.65 11.36
C THR E 106 -13.96 -26.92 10.77
N TYR E 107 -14.95 -26.18 11.27
CA TYR E 107 -16.36 -26.43 10.96
C TYR E 107 -16.81 -25.66 9.74
N GLY E 108 -16.15 -24.54 9.46
CA GLY E 108 -16.50 -23.71 8.30
C GLY E 108 -17.86 -23.08 8.50
N THR E 109 -18.24 -22.23 7.55
CA THR E 109 -19.55 -21.57 7.59
C THR E 109 -20.30 -21.83 6.31
N PRO E 110 -21.60 -21.56 6.32
CA PRO E 110 -22.37 -21.72 5.13
C PRO E 110 -22.38 -20.47 4.25
N LEU E 111 -21.39 -19.60 4.38
CA LEU E 111 -21.38 -18.36 3.64
C LEU E 111 -20.13 -18.29 2.79
N GLY E 112 -19.59 -19.45 2.43
CA GLY E 112 -18.49 -19.50 1.47
C GLY E 112 -17.18 -20.01 2.03
N MET E 113 -17.16 -20.29 3.33
CA MET E 113 -15.94 -20.76 3.99
C MET E 113 -16.00 -22.26 4.25
N PRO E 114 -15.21 -23.04 3.51
CA PRO E 114 -15.26 -24.48 3.66
C PRO E 114 -14.82 -25.03 5.01
N ASN E 115 -15.11 -26.32 5.20
CA ASN E 115 -15.01 -26.96 6.49
C ASN E 115 -13.84 -27.93 6.46
N TRP E 116 -12.66 -27.39 6.76
CA TRP E 116 -11.41 -28.14 6.61
C TRP E 116 -11.18 -29.24 7.65
N GLY E 117 -11.88 -29.15 8.79
CA GLY E 117 -11.83 -30.16 9.84
C GLY E 117 -12.87 -31.22 9.55
N SER E 118 -14.14 -30.85 9.73
CA SER E 118 -15.27 -31.71 9.38
C SER E 118 -14.97 -32.63 8.21
N SER E 119 -14.54 -32.07 7.08
CA SER E 119 -14.28 -32.84 5.86
C SER E 119 -13.06 -33.74 5.93
N GLY E 120 -12.21 -33.55 6.94
CA GLY E 120 -10.98 -34.32 7.07
C GLY E 120 -9.91 -33.96 6.06
N GLU E 121 -10.16 -32.91 5.28
CA GLU E 121 -9.24 -32.45 4.27
C GLU E 121 -7.94 -31.95 4.90
N LEU E 122 -8.05 -31.32 6.07
CA LEU E 122 -6.88 -30.98 6.88
C LEU E 122 -6.95 -31.70 8.22
N SER E 123 -5.79 -31.98 8.80
CA SER E 123 -5.70 -32.59 10.13
C SER E 123 -5.99 -31.55 11.22
N LYS E 124 -6.13 -32.01 12.46
CA LYS E 124 -6.26 -31.10 13.60
C LYS E 124 -5.02 -30.21 13.74
N GLU E 125 -3.84 -30.77 13.45
CA GLU E 125 -2.58 -30.07 13.69
C GLU E 125 -2.30 -29.07 12.57
N GLN E 126 -2.56 -29.48 11.33
CA GLN E 126 -2.55 -28.58 10.15
C GLN E 126 -3.42 -27.36 10.39
N ILE E 127 -4.64 -27.60 10.87
CA ILE E 127 -5.57 -26.53 11.24
C ILE E 127 -5.02 -25.66 12.37
N THR E 128 -4.43 -26.28 13.37
CA THR E 128 -3.84 -25.52 14.48
C THR E 128 -2.67 -24.67 13.99
N LEU E 129 -1.95 -25.13 12.96
CA LEU E 129 -0.88 -24.32 12.38
C LEU E 129 -1.44 -23.12 11.66
N MET E 130 -2.36 -23.35 10.73
CA MET E 130 -3.00 -22.27 9.99
C MET E 130 -3.47 -21.18 10.95
N ALA E 131 -4.14 -21.60 12.01
CA ALA E 131 -4.67 -20.67 12.99
C ALA E 131 -3.56 -19.90 13.70
N LYS E 132 -2.40 -20.50 13.80
CA LYS E 132 -1.26 -19.77 14.32
C LYS E 132 -0.73 -18.80 13.27
N TYR E 133 -0.57 -19.31 12.06
CA TYR E 133 0.07 -18.58 10.96
C TYR E 133 -0.64 -17.28 10.55
N ILE E 134 -1.96 -17.24 10.71
CA ILE E 134 -2.74 -16.07 10.29
C ILE E 134 -2.81 -15.01 11.40
N GLN E 135 -2.29 -15.35 12.56
CA GLN E 135 -2.03 -14.39 13.64
C GLN E 135 -0.68 -13.71 13.46
N HIS E 136 0.08 -14.13 12.45
CA HIS E 136 1.32 -13.46 12.08
C HIS E 136 1.10 -12.46 10.96
N THR E 137 2.08 -11.59 10.75
CA THR E 137 2.02 -10.65 9.65
C THR E 137 1.98 -11.43 8.35
N PRO E 138 1.22 -10.94 7.35
CA PRO E 138 1.19 -11.64 6.09
C PRO E 138 2.53 -11.48 5.38
N PRO E 139 3.16 -12.58 5.00
CA PRO E 139 4.40 -12.48 4.26
C PRO E 139 4.12 -11.92 2.88
N GLN E 140 4.87 -10.86 2.54
CA GLN E 140 4.74 -10.17 1.26
C GLN E 140 5.32 -11.05 0.16
N PRO E 141 4.69 -11.05 -1.03
CA PRO E 141 5.38 -11.49 -2.22
C PRO E 141 6.12 -10.31 -2.84
N PRO E 142 6.86 -10.56 -3.92
CA PRO E 142 7.63 -9.48 -4.50
C PRO E 142 6.74 -8.52 -5.30
N GLU E 143 7.33 -7.42 -5.75
CA GLU E 143 6.63 -6.47 -6.60
C GLU E 143 7.01 -6.74 -8.06
N TRP E 144 6.25 -6.17 -8.97
CA TRP E 144 6.52 -6.35 -10.38
C TRP E 144 6.49 -5.00 -11.12
N GLY E 145 7.63 -4.31 -11.08
CA GLY E 145 7.77 -2.99 -11.66
C GLY E 145 8.18 -2.98 -13.11
N MET E 146 8.43 -1.79 -13.62
CA MET E 146 8.83 -1.62 -15.00
C MET E 146 10.12 -2.37 -15.33
N PRO E 147 11.10 -2.40 -14.40
CA PRO E 147 12.30 -3.22 -14.56
C PRO E 147 12.06 -4.70 -14.78
N GLU E 148 11.26 -5.31 -13.90
CA GLU E 148 10.89 -6.72 -14.06
C GLU E 148 10.14 -6.98 -15.36
N MET E 149 9.33 -6.02 -15.80
CA MET E 149 8.60 -6.17 -17.05
C MET E 149 9.52 -6.19 -18.25
N ARG E 150 10.44 -5.24 -18.32
CA ARG E 150 11.32 -5.13 -19.47
C ARG E 150 12.17 -6.37 -19.55
N GLU E 151 12.73 -6.75 -18.40
CA GLU E 151 13.49 -8.01 -18.29
C GLU E 151 12.79 -9.19 -18.95
N SER E 152 11.49 -9.37 -18.67
CA SER E 152 10.67 -10.49 -19.19
C SER E 152 10.23 -10.34 -20.62
N TRP E 153 10.41 -9.14 -21.17
CA TRP E 153 9.88 -8.75 -22.46
C TRP E 153 10.77 -9.26 -23.58
N LYS E 154 10.16 -9.93 -24.56
CA LYS E 154 10.90 -10.51 -25.68
C LYS E 154 10.15 -10.23 -26.96
N VAL E 155 10.76 -9.52 -27.89
CA VAL E 155 10.21 -9.46 -29.26
C VAL E 155 10.83 -10.66 -29.97
N LEU E 156 10.02 -11.66 -30.27
CA LEU E 156 10.52 -12.87 -30.90
C LEU E 156 10.52 -12.77 -32.43
N VAL E 157 9.92 -11.74 -32.98
CA VAL E 157 9.88 -11.51 -34.43
C VAL E 157 9.60 -10.02 -34.63
N LYS E 158 10.60 -9.28 -35.08
CA LYS E 158 10.45 -7.83 -35.23
C LYS E 158 9.24 -7.51 -36.11
N PRO E 159 8.56 -6.38 -35.84
CA PRO E 159 7.30 -6.07 -36.54
C PRO E 159 7.39 -6.01 -38.06
N GLU E 160 8.45 -5.41 -38.60
CA GLU E 160 8.65 -5.39 -40.06
C GLU E 160 9.01 -6.77 -40.60
N ASP E 161 9.70 -7.58 -39.79
CA ASP E 161 10.10 -8.94 -40.17
C ASP E 161 8.95 -9.96 -40.08
N ARG E 162 7.71 -9.48 -40.13
CA ARG E 162 6.53 -10.36 -40.18
C ARG E 162 5.81 -10.24 -41.50
N PRO E 163 4.94 -11.23 -41.80
CA PRO E 163 4.10 -11.19 -42.99
C PRO E 163 3.33 -9.90 -43.08
N LYS E 164 2.93 -9.55 -44.30
CA LYS E 164 2.04 -8.43 -44.55
C LYS E 164 0.72 -8.93 -45.15
N LYS E 165 0.66 -10.24 -45.38
CA LYS E 165 -0.55 -10.94 -45.83
C LYS E 165 -0.56 -12.28 -45.09
N GLN E 166 -1.70 -12.93 -45.05
CA GLN E 166 -1.77 -14.26 -44.46
C GLN E 166 -0.97 -15.26 -45.30
N LEU E 167 0.18 -15.71 -44.80
CA LEU E 167 1.01 -16.68 -45.52
C LEU E 167 0.68 -18.15 -45.18
N ASN E 168 -0.60 -18.45 -45.01
CA ASN E 168 -1.06 -19.84 -44.89
C ASN E 168 -2.52 -19.99 -45.31
N ASP E 169 -2.95 -21.24 -45.48
CA ASP E 169 -4.26 -21.56 -46.06
C ASP E 169 -5.41 -21.59 -45.05
N LEU E 170 -5.08 -21.49 -43.76
CA LEU E 170 -6.03 -21.70 -42.67
C LEU E 170 -7.26 -20.79 -42.71
N ASP E 171 -8.42 -21.35 -42.35
CA ASP E 171 -9.67 -20.58 -42.16
C ASP E 171 -9.66 -19.95 -40.77
N LEU E 172 -8.89 -18.86 -40.65
CA LEU E 172 -8.66 -18.18 -39.39
C LEU E 172 -9.98 -17.94 -38.65
N PRO E 173 -10.89 -17.11 -39.19
CA PRO E 173 -12.14 -16.83 -38.48
C PRO E 173 -12.88 -18.01 -37.83
N ASN E 174 -12.61 -19.25 -38.25
CA ASN E 174 -13.24 -20.42 -37.61
C ASN E 174 -12.32 -21.21 -36.70
N LEU E 175 -11.08 -20.73 -36.53
CA LEU E 175 -10.11 -21.41 -35.68
C LEU E 175 -10.53 -21.33 -34.21
N PHE E 176 -10.17 -22.33 -33.40
CA PHE E 176 -10.51 -22.33 -31.98
C PHE E 176 -9.26 -22.36 -31.14
N SER E 177 -9.09 -21.34 -30.29
CA SER E 177 -7.92 -21.26 -29.42
C SER E 177 -8.21 -21.94 -28.10
N VAL E 178 -7.89 -23.23 -28.03
CA VAL E 178 -8.23 -24.06 -26.90
C VAL E 178 -7.11 -24.07 -25.87
N THR E 179 -7.48 -23.84 -24.61
CA THR E 179 -6.52 -23.84 -23.51
C THR E 179 -6.22 -25.26 -23.02
N LEU E 180 -4.95 -25.67 -23.11
CA LEU E 180 -4.46 -26.92 -22.53
C LEU E 180 -3.85 -26.55 -21.18
N ARG E 181 -4.71 -26.57 -20.18
CA ARG E 181 -4.43 -25.89 -18.90
C ARG E 181 -3.13 -26.31 -18.19
N ASP E 182 -3.08 -27.55 -17.69
CA ASP E 182 -1.94 -27.98 -16.89
C ASP E 182 -0.66 -28.13 -17.73
N ALA E 183 -0.84 -28.23 -19.06
CA ALA E 183 0.27 -28.41 -19.99
C ALA E 183 1.10 -27.16 -20.23
N GLY E 184 0.53 -26.00 -19.93
CA GLY E 184 1.21 -24.70 -20.15
C GLY E 184 1.28 -24.36 -21.63
N GLN E 185 0.13 -24.57 -22.31
CA GLN E 185 0.05 -24.46 -23.76
C GLN E 185 -1.34 -24.03 -24.17
N ILE E 186 -1.46 -23.62 -25.43
CA ILE E 186 -2.75 -23.60 -26.11
C ILE E 186 -2.68 -24.51 -27.33
N ALA E 187 -3.81 -24.72 -27.97
CA ALA E 187 -3.89 -25.58 -29.12
C ALA E 187 -4.89 -24.99 -30.09
N LEU E 188 -4.41 -24.50 -31.23
CA LEU E 188 -5.29 -24.03 -32.30
C LEU E 188 -5.91 -25.23 -32.97
N VAL E 189 -7.14 -25.07 -33.44
CA VAL E 189 -7.95 -26.19 -33.92
C VAL E 189 -8.89 -25.71 -35.00
N ASP E 190 -8.91 -26.39 -36.15
CA ASP E 190 -9.76 -25.96 -37.25
C ASP E 190 -11.18 -26.42 -36.94
N GLY E 191 -12.14 -25.52 -37.17
CA GLY E 191 -13.50 -25.77 -36.73
C GLY E 191 -14.21 -26.84 -37.54
N ASP E 192 -13.84 -27.00 -38.81
CA ASP E 192 -14.49 -27.96 -39.70
C ASP E 192 -13.68 -29.23 -39.77
N SER E 193 -12.37 -29.07 -39.84
CA SER E 193 -11.41 -30.17 -39.80
C SER E 193 -11.45 -30.98 -38.49
N LYS E 194 -11.77 -30.28 -37.40
CA LYS E 194 -11.73 -30.81 -36.03
C LYS E 194 -10.38 -31.44 -35.65
N LYS E 195 -9.30 -30.89 -36.18
CA LYS E 195 -7.96 -31.39 -35.89
C LYS E 195 -7.08 -30.27 -35.37
N ILE E 196 -6.18 -30.64 -34.47
CA ILE E 196 -5.25 -29.68 -33.88
C ILE E 196 -4.27 -29.23 -34.96
N VAL E 197 -4.46 -27.99 -35.42
CA VAL E 197 -3.59 -27.40 -36.41
C VAL E 197 -2.21 -27.15 -35.84
N LYS E 198 -2.15 -26.68 -34.61
CA LYS E 198 -0.87 -26.43 -33.96
C LYS E 198 -1.02 -26.44 -32.46
N VAL E 199 0.08 -26.67 -31.75
CA VAL E 199 0.09 -26.60 -30.28
C VAL E 199 1.26 -25.74 -29.81
N ILE E 200 0.93 -24.61 -29.19
CA ILE E 200 1.90 -23.58 -28.82
C ILE E 200 2.16 -23.54 -27.33
N ASP E 201 3.43 -23.41 -26.96
CA ASP E 201 3.81 -23.29 -25.56
C ASP E 201 3.64 -21.87 -25.05
N THR E 202 3.14 -21.74 -23.80
CA THR E 202 2.65 -20.47 -23.23
C THR E 202 2.95 -20.45 -21.74
N GLY E 203 2.42 -19.44 -21.06
CA GLY E 203 2.42 -19.42 -19.60
C GLY E 203 1.55 -20.53 -19.06
N TYR E 204 1.70 -20.78 -17.77
CA TYR E 204 1.00 -21.87 -17.11
C TYR E 204 -0.49 -21.57 -17.05
N ALA E 205 -1.29 -22.55 -17.46
CA ALA E 205 -2.72 -22.50 -17.24
C ALA E 205 -3.41 -21.24 -17.80
N VAL E 206 -3.26 -21.07 -19.12
CA VAL E 206 -3.82 -19.92 -19.85
C VAL E 206 -5.30 -19.69 -19.56
N HIS E 207 -5.65 -18.51 -19.03
CA HIS E 207 -7.02 -18.26 -18.56
C HIS E 207 -8.00 -17.90 -19.66
N ILE E 208 -7.64 -16.91 -20.47
CA ILE E 208 -8.40 -16.63 -21.66
C ILE E 208 -7.51 -16.34 -22.85
N SER E 209 -8.16 -16.24 -24.00
CA SER E 209 -7.58 -15.72 -25.21
C SER E 209 -8.45 -14.54 -25.66
N ARG E 210 -7.82 -13.52 -26.23
CA ARG E 210 -8.54 -12.46 -26.95
C ARG E 210 -7.87 -12.20 -28.31
N MET E 211 -8.71 -11.88 -29.29
CA MET E 211 -8.25 -11.54 -30.61
C MET E 211 -8.07 -10.04 -30.72
N SER E 212 -7.11 -9.62 -31.55
CA SER E 212 -6.95 -8.21 -31.87
C SER E 212 -8.04 -7.76 -32.83
N ALA E 213 -8.26 -6.46 -32.93
CA ALA E 213 -9.32 -5.90 -33.76
C ALA E 213 -9.11 -6.22 -35.26
N SER E 214 -7.85 -6.38 -35.67
CA SER E 214 -7.47 -6.69 -37.05
C SER E 214 -7.71 -8.15 -37.43
N GLY E 215 -7.86 -9.01 -36.43
CA GLY E 215 -8.14 -10.42 -36.65
C GLY E 215 -6.90 -11.23 -36.93
N ARG E 216 -5.74 -10.58 -36.77
CA ARG E 216 -4.48 -11.18 -37.11
C ARG E 216 -3.82 -11.82 -35.90
N TYR E 217 -3.83 -11.12 -34.76
CA TYR E 217 -3.08 -11.56 -33.58
C TYR E 217 -3.97 -12.19 -32.51
N LEU E 218 -3.46 -13.29 -31.96
CA LEU E 218 -4.11 -13.99 -30.87
C LEU E 218 -3.34 -13.65 -29.63
N LEU E 219 -4.06 -13.27 -28.59
CA LEU E 219 -3.45 -12.99 -27.30
C LEU E 219 -3.93 -14.00 -26.29
N VAL E 220 -3.04 -14.40 -25.41
CA VAL E 220 -3.40 -15.35 -24.37
C VAL E 220 -2.66 -14.95 -23.11
N ILE E 221 -3.30 -15.08 -21.96
CA ILE E 221 -2.62 -14.79 -20.71
C ILE E 221 -2.70 -15.98 -19.78
N GLY E 222 -1.58 -16.33 -19.18
CA GLY E 222 -1.55 -17.42 -18.23
C GLY E 222 -1.80 -16.85 -16.87
N ARG E 223 -2.36 -17.67 -15.98
CA ARG E 223 -2.60 -17.27 -14.59
C ARG E 223 -1.31 -16.83 -13.88
N ASP E 224 -0.18 -17.28 -14.41
CA ASP E 224 1.12 -16.84 -13.90
C ASP E 224 1.57 -15.47 -14.44
N ALA E 225 0.67 -14.75 -15.10
CA ALA E 225 0.88 -13.36 -15.54
C ALA E 225 1.71 -13.24 -16.82
N ARG E 226 1.80 -14.32 -17.61
CA ARG E 226 2.65 -14.32 -18.80
C ARG E 226 1.88 -14.24 -20.12
N ILE E 227 1.97 -13.08 -20.76
CA ILE E 227 1.29 -12.81 -22.02
C ILE E 227 2.13 -13.35 -23.18
N ASP E 228 1.49 -14.05 -24.11
CA ASP E 228 2.09 -14.52 -25.36
C ASP E 228 1.26 -14.00 -26.51
N MET E 229 1.93 -13.31 -27.44
CA MET E 229 1.26 -12.70 -28.59
C MET E 229 1.61 -13.49 -29.83
N ILE E 230 0.57 -13.93 -30.56
CA ILE E 230 0.71 -14.89 -31.65
C ILE E 230 0.21 -14.35 -33.00
N ASP E 231 1.08 -14.45 -34.01
CA ASP E 231 0.77 -14.03 -35.38
C ASP E 231 0.04 -15.18 -36.06
N LEU E 232 -1.16 -14.93 -36.54
CA LEU E 232 -1.90 -15.96 -37.30
C LEU E 232 -1.68 -15.84 -38.82
N TRP E 233 -0.74 -15.00 -39.21
CA TRP E 233 -0.47 -14.77 -40.62
C TRP E 233 0.80 -15.46 -41.10
N ALA E 234 1.61 -15.98 -40.17
CA ALA E 234 2.86 -16.65 -40.52
C ALA E 234 2.55 -18.06 -41.04
N LYS E 235 3.48 -18.63 -41.80
CA LYS E 235 3.32 -19.97 -42.36
C LYS E 235 2.59 -20.86 -41.36
N GLU E 236 3.20 -21.03 -40.18
CA GLU E 236 2.50 -21.55 -39.03
C GLU E 236 2.28 -20.40 -38.08
N PRO E 237 1.05 -20.23 -37.60
CA PRO E 237 0.86 -19.20 -36.60
C PRO E 237 1.85 -19.38 -35.43
N THR E 238 2.62 -18.35 -35.15
CA THR E 238 3.71 -18.45 -34.21
C THR E 238 3.85 -17.20 -33.33
N LYS E 239 4.45 -17.36 -32.15
CA LYS E 239 4.70 -16.27 -31.23
C LYS E 239 5.60 -15.23 -31.85
N VAL E 240 5.21 -13.97 -31.70
CA VAL E 240 6.05 -12.86 -32.14
C VAL E 240 6.52 -12.02 -30.98
N ALA E 241 5.84 -12.10 -29.84
CA ALA E 241 6.29 -11.40 -28.64
C ALA E 241 5.73 -12.03 -27.37
N GLU E 242 6.46 -11.87 -26.27
CA GLU E 242 5.95 -12.23 -24.95
C GLU E 242 6.47 -11.34 -23.83
N ILE E 243 5.72 -11.32 -22.73
CA ILE E 243 6.03 -10.49 -21.57
C ILE E 243 5.30 -11.00 -20.34
N LYS E 244 5.87 -10.70 -19.19
CA LYS E 244 5.29 -11.04 -17.91
C LYS E 244 4.88 -9.74 -17.17
N ILE E 245 3.60 -9.65 -16.78
CA ILE E 245 3.03 -8.40 -16.26
C ILE E 245 2.67 -8.42 -14.77
N GLY E 246 3.23 -9.37 -14.04
CA GLY E 246 2.96 -9.50 -12.61
C GLY E 246 3.41 -10.86 -12.15
N ILE E 247 2.75 -11.37 -11.13
CA ILE E 247 3.05 -12.67 -10.56
C ILE E 247 1.87 -13.59 -10.85
N GLU E 248 0.65 -13.07 -10.70
CA GLU E 248 -0.60 -13.79 -10.97
C GLU E 248 -1.52 -12.86 -11.74
N ALA E 249 -2.25 -13.39 -12.72
CA ALA E 249 -3.13 -12.56 -13.57
C ALA E 249 -4.27 -13.38 -14.14
N ARG E 250 -5.14 -12.74 -14.91
CA ARG E 250 -6.32 -13.41 -15.49
C ARG E 250 -6.80 -12.87 -16.85
N SER E 251 -6.54 -11.60 -17.15
CA SER E 251 -7.16 -10.96 -18.29
C SER E 251 -6.16 -10.22 -19.16
N VAL E 252 -6.53 -10.07 -20.43
CA VAL E 252 -5.71 -9.37 -21.40
C VAL E 252 -6.73 -8.89 -22.43
N GLU E 253 -6.43 -7.81 -23.15
CA GLU E 253 -7.37 -7.23 -24.10
C GLU E 253 -6.64 -6.29 -25.02
N SER E 254 -7.17 -6.11 -26.24
CA SER E 254 -6.61 -5.17 -27.19
C SER E 254 -7.57 -4.00 -27.41
N SER E 255 -7.02 -2.82 -27.69
CA SER E 255 -7.82 -1.66 -28.04
C SER E 255 -8.67 -1.94 -29.27
N LYS E 256 -9.97 -1.63 -29.19
CA LYS E 256 -10.91 -1.95 -30.27
C LYS E 256 -11.73 -0.76 -30.75
N PHE E 257 -11.37 0.44 -30.31
CA PHE E 257 -12.06 1.65 -30.74
C PHE E 257 -11.61 1.99 -32.13
N LYS E 258 -12.54 2.34 -33.00
CA LYS E 258 -12.21 2.48 -34.42
C LYS E 258 -11.02 3.44 -34.60
N GLY E 259 -9.98 2.96 -35.30
CA GLY E 259 -8.80 3.75 -35.58
C GLY E 259 -7.60 3.47 -34.70
N TYR E 260 -7.78 2.64 -33.70
CA TYR E 260 -6.68 2.23 -32.80
C TYR E 260 -6.48 0.72 -32.83
N GLU E 261 -6.70 0.13 -34.01
CA GLU E 261 -6.54 -1.28 -34.20
C GLU E 261 -5.08 -1.68 -33.97
N ASP E 262 -4.87 -2.69 -33.13
CA ASP E 262 -3.52 -3.20 -32.80
C ASP E 262 -2.58 -2.12 -32.25
N ARG E 263 -3.11 -1.19 -31.46
CA ARG E 263 -2.34 -0.07 -30.95
C ARG E 263 -1.85 -0.31 -29.57
N TYR E 264 -2.78 -0.74 -28.70
CA TYR E 264 -2.48 -1.06 -27.28
C TYR E 264 -3.02 -2.40 -26.84
N THR E 265 -2.20 -3.06 -26.04
CA THR E 265 -2.63 -4.24 -25.36
C THR E 265 -2.55 -3.90 -23.89
N ILE E 266 -3.55 -4.41 -23.16
CA ILE E 266 -3.66 -4.17 -21.73
C ILE E 266 -3.95 -5.49 -21.03
N ALA E 267 -3.37 -5.64 -19.85
CA ALA E 267 -3.56 -6.83 -19.03
C ALA E 267 -3.73 -6.46 -17.56
N GLY E 268 -4.34 -7.36 -16.80
CA GLY E 268 -4.61 -7.12 -15.39
C GLY E 268 -4.04 -8.21 -14.46
N ALA E 269 -3.28 -7.76 -13.47
CA ALA E 269 -2.74 -8.65 -12.46
C ALA E 269 -3.58 -8.73 -11.18
N TYR E 270 -3.50 -9.90 -10.56
CA TYR E 270 -4.03 -10.15 -9.24
C TYR E 270 -2.92 -9.85 -8.24
N TRP E 271 -1.68 -10.16 -8.63
CA TRP E 271 -0.52 -9.74 -7.85
C TRP E 271 0.63 -9.36 -8.74
N PRO E 272 1.19 -8.17 -8.57
CA PRO E 272 0.66 -7.13 -7.68
C PRO E 272 -0.76 -6.70 -8.06
N PRO E 273 -1.41 -5.93 -7.23
CA PRO E 273 -2.65 -5.33 -7.66
C PRO E 273 -2.33 -4.21 -8.63
N GLN E 274 -2.64 -4.43 -9.91
CA GLN E 274 -2.30 -3.49 -10.98
C GLN E 274 -2.75 -3.94 -12.37
N PHE E 275 -2.79 -2.98 -13.29
CA PHE E 275 -2.89 -3.28 -14.70
C PHE E 275 -1.76 -2.61 -15.43
N ALA E 276 -1.51 -3.07 -16.65
CA ALA E 276 -0.37 -2.61 -17.43
C ALA E 276 -0.80 -2.37 -18.85
N ILE E 277 -0.33 -1.28 -19.45
CA ILE E 277 -0.61 -0.97 -20.85
C ILE E 277 0.67 -1.11 -21.69
N MET E 278 0.53 -1.80 -22.82
CA MET E 278 1.67 -2.19 -23.66
C MET E 278 1.41 -1.90 -25.12
N ASP E 279 2.51 -1.72 -25.85
CA ASP E 279 2.46 -1.47 -27.27
C ASP E 279 1.85 -2.65 -27.97
N GLY E 280 0.69 -2.46 -28.60
CA GLY E 280 -0.04 -3.55 -29.25
C GLY E 280 0.67 -4.34 -30.34
N GLU E 281 1.83 -3.85 -30.78
CA GLU E 281 2.64 -4.45 -31.84
C GLU E 281 3.83 -5.25 -31.29
N THR E 282 4.47 -4.73 -30.24
CA THR E 282 5.67 -5.34 -29.68
C THR E 282 5.55 -5.81 -28.23
N LEU E 283 4.40 -5.57 -27.58
CA LEU E 283 4.17 -5.83 -26.15
C LEU E 283 5.06 -5.02 -25.20
N GLU E 284 5.67 -3.96 -25.71
CA GLU E 284 6.60 -3.17 -24.92
C GLU E 284 5.84 -2.47 -23.82
N PRO E 285 6.31 -2.62 -22.57
CA PRO E 285 5.60 -2.00 -21.45
C PRO E 285 5.70 -0.47 -21.49
N LYS E 286 4.56 0.21 -21.53
CA LYS E 286 4.51 1.67 -21.48
C LYS E 286 4.06 2.18 -20.12
N GLN E 287 2.97 1.61 -19.62
CA GLN E 287 2.32 2.11 -18.42
C GLN E 287 1.98 1.02 -17.42
N ILE E 288 2.25 1.28 -16.15
CA ILE E 288 1.74 0.44 -15.07
C ILE E 288 1.00 1.31 -14.05
N VAL E 289 -0.13 0.81 -13.57
CA VAL E 289 -1.02 1.63 -12.79
C VAL E 289 -1.61 0.80 -11.67
N SER E 290 -1.37 1.24 -10.43
CA SER E 290 -1.76 0.46 -9.25
C SER E 290 -3.29 0.47 -9.03
N THR E 291 -3.86 -0.65 -8.61
CA THR E 291 -5.26 -0.68 -8.27
C THR E 291 -5.54 -0.52 -6.77
N ARG E 292 -4.49 -0.41 -5.95
CA ARG E 292 -4.72 -0.26 -4.51
C ARG E 292 -5.50 1.00 -4.24
N GLY E 293 -6.40 0.96 -3.27
CA GLY E 293 -7.19 2.12 -2.93
C GLY E 293 -8.50 1.87 -2.22
N MET E 294 -9.35 2.90 -2.23
CA MET E 294 -10.54 2.90 -1.40
C MET E 294 -11.62 2.10 -2.10
N THR E 295 -12.45 1.47 -1.29
CA THR E 295 -13.57 0.65 -1.75
C THR E 295 -14.71 1.55 -2.21
N VAL E 296 -15.72 0.93 -2.83
CA VAL E 296 -16.90 1.67 -3.30
C VAL E 296 -17.84 1.93 -2.13
N ASP E 297 -18.22 0.86 -1.44
CA ASP E 297 -19.24 0.86 -0.38
C ASP E 297 -18.77 1.50 0.94
N THR E 298 -17.80 0.90 1.62
CA THR E 298 -17.35 1.37 2.94
C THR E 298 -16.41 2.58 2.89
N GLN E 299 -15.86 2.86 1.70
CA GLN E 299 -14.87 3.95 1.48
C GLN E 299 -13.70 3.90 2.45
N THR E 300 -13.13 2.70 2.56
CA THR E 300 -11.90 2.46 3.29
C THR E 300 -10.85 1.87 2.34
N TYR E 301 -9.57 2.05 2.68
CA TYR E 301 -8.46 1.54 1.86
C TYR E 301 -8.45 0.03 1.82
N HIS E 302 -7.92 -0.50 0.73
CA HIS E 302 -7.80 -1.93 0.54
C HIS E 302 -6.47 -2.25 -0.16
N PRO E 303 -5.62 -3.09 0.44
CA PRO E 303 -4.28 -3.19 -0.04
C PRO E 303 -4.11 -4.23 -1.13
N GLU E 304 -5.19 -4.73 -1.69
CA GLU E 304 -5.07 -5.75 -2.71
C GLU E 304 -6.33 -5.88 -3.59
N PRO E 305 -6.69 -4.79 -4.29
CA PRO E 305 -7.82 -4.80 -5.21
C PRO E 305 -7.42 -5.44 -6.53
N ARG E 306 -7.73 -6.73 -6.67
CA ARG E 306 -7.35 -7.52 -7.83
C ARG E 306 -8.09 -7.08 -9.09
N VAL E 307 -7.55 -7.43 -10.24
CA VAL E 307 -8.12 -7.01 -11.50
C VAL E 307 -8.74 -8.18 -12.27
N ALA E 308 -10.07 -8.25 -12.17
CA ALA E 308 -10.86 -9.25 -12.88
C ALA E 308 -11.00 -8.82 -14.34
N ALA E 309 -12.22 -8.61 -14.81
CA ALA E 309 -12.43 -8.60 -16.26
C ALA E 309 -11.97 -7.32 -16.89
N ILE E 310 -11.53 -7.40 -18.14
CA ILE E 310 -11.29 -6.21 -18.93
C ILE E 310 -12.05 -6.37 -20.23
N ILE E 311 -12.47 -5.26 -20.79
CA ILE E 311 -13.20 -5.25 -22.03
C ILE E 311 -12.91 -3.91 -22.67
N ALA E 312 -12.87 -3.85 -24.00
CA ALA E 312 -12.50 -2.62 -24.66
C ALA E 312 -13.74 -1.95 -25.18
N SER E 313 -13.78 -0.62 -25.03
CA SER E 313 -14.93 0.16 -25.40
C SER E 313 -14.94 0.37 -26.90
N HIS E 314 -16.14 0.32 -27.47
CA HIS E 314 -16.34 0.66 -28.87
C HIS E 314 -16.75 2.12 -29.04
N GLU E 315 -17.18 2.74 -27.94
CA GLU E 315 -17.72 4.09 -27.98
C GLU E 315 -16.63 5.13 -27.83
N HIS E 316 -15.62 4.86 -27.02
CA HIS E 316 -14.48 5.78 -26.86
C HIS E 316 -13.19 5.00 -26.81
N PRO E 317 -12.05 5.66 -27.06
CA PRO E 317 -10.78 4.96 -26.98
C PRO E 317 -10.42 4.69 -25.52
N GLU E 318 -10.99 3.60 -25.00
CA GLU E 318 -10.90 3.27 -23.58
C GLU E 318 -10.99 1.80 -23.30
N PHE E 319 -10.29 1.38 -22.24
CA PHE E 319 -10.42 0.04 -21.71
C PHE E 319 -11.29 0.12 -20.50
N ILE E 320 -12.25 -0.79 -20.38
CA ILE E 320 -13.07 -0.87 -19.19
C ILE E 320 -12.47 -1.96 -18.30
N VAL E 321 -12.04 -1.59 -17.10
CA VAL E 321 -11.31 -2.49 -16.23
C VAL E 321 -12.06 -2.66 -14.93
N ASN E 322 -12.38 -3.91 -14.59
CA ASN E 322 -13.03 -4.24 -13.30
C ASN E 322 -12.01 -4.44 -12.21
N VAL E 323 -12.24 -3.79 -11.07
CA VAL E 323 -11.37 -3.95 -9.93
C VAL E 323 -12.16 -4.52 -8.75
N LYS E 324 -11.89 -5.79 -8.49
CA LYS E 324 -12.71 -6.68 -7.68
C LYS E 324 -13.09 -6.15 -6.30
N GLU E 325 -12.13 -6.04 -5.39
CA GLU E 325 -12.47 -5.78 -4.00
C GLU E 325 -12.98 -4.37 -3.74
N THR E 326 -12.48 -3.41 -4.49
CA THR E 326 -12.90 -2.03 -4.27
C THR E 326 -14.17 -1.74 -5.01
N GLY E 327 -14.57 -2.67 -5.87
CA GLY E 327 -15.81 -2.54 -6.63
C GLY E 327 -15.87 -1.40 -7.64
N LYS E 328 -14.72 -1.00 -8.18
CA LYS E 328 -14.66 0.08 -9.14
C LYS E 328 -14.49 -0.45 -10.55
N VAL E 329 -15.17 0.23 -11.48
CA VAL E 329 -14.98 0.02 -12.90
C VAL E 329 -14.23 1.22 -13.46
N LEU E 330 -12.98 0.99 -13.89
CA LEU E 330 -12.15 2.04 -14.40
C LEU E 330 -12.27 2.12 -15.90
N LEU E 331 -12.62 3.31 -16.38
CA LEU E 331 -12.55 3.64 -17.81
C LEU E 331 -11.21 4.36 -18.12
N VAL E 332 -10.23 3.55 -18.50
CA VAL E 332 -8.87 3.97 -18.77
C VAL E 332 -8.75 4.35 -20.26
N ASN E 333 -8.32 5.58 -20.51
CA ASN E 333 -8.38 6.18 -21.84
C ASN E 333 -7.00 6.26 -22.48
N TYR E 334 -6.86 5.67 -23.68
CA TYR E 334 -5.54 5.56 -24.33
C TYR E 334 -5.26 6.57 -25.46
N LYS E 335 -6.22 7.46 -25.74
CA LYS E 335 -5.99 8.59 -26.64
C LYS E 335 -4.61 9.22 -26.45
N ASP E 336 -4.17 9.30 -25.19
CA ASP E 336 -2.81 9.76 -24.83
C ASP E 336 -2.32 8.93 -23.65
N ILE E 337 -1.35 8.07 -23.93
CA ILE E 337 -0.95 7.08 -22.94
C ILE E 337 0.04 7.66 -21.90
N ASP E 338 0.71 8.73 -22.27
CA ASP E 338 1.77 9.32 -21.44
C ASP E 338 1.20 10.08 -20.26
N ASN E 339 0.08 10.77 -20.48
CA ASN E 339 -0.69 11.43 -19.42
C ASN E 339 -2.05 10.76 -19.28
N LEU E 340 -2.08 9.68 -18.50
CA LEU E 340 -3.20 8.73 -18.49
C LEU E 340 -4.39 9.33 -17.79
N THR E 341 -5.56 9.17 -18.39
CA THR E 341 -6.79 9.74 -17.84
C THR E 341 -7.77 8.61 -17.56
N VAL E 342 -8.07 8.41 -16.27
CA VAL E 342 -8.90 7.29 -15.79
C VAL E 342 -10.19 7.76 -15.06
N THR E 343 -11.35 7.52 -15.67
CA THR E 343 -12.62 7.76 -14.98
C THR E 343 -13.01 6.54 -14.14
N SER E 344 -13.19 6.76 -12.85
CA SER E 344 -13.40 5.69 -11.88
C SER E 344 -14.87 5.54 -11.47
N ILE E 345 -15.59 4.60 -12.08
CA ILE E 345 -17.03 4.47 -11.83
C ILE E 345 -17.21 3.48 -10.69
N GLY E 346 -18.00 3.87 -9.69
CA GLY E 346 -18.28 3.02 -8.53
C GLY E 346 -19.47 2.11 -8.78
N ALA E 347 -19.36 0.83 -8.43
CA ALA E 347 -20.39 -0.15 -8.73
C ALA E 347 -20.74 -0.94 -7.47
N ALA E 348 -20.23 -2.16 -7.32
CA ALA E 348 -20.51 -2.95 -6.12
C ALA E 348 -19.37 -3.89 -5.90
N PRO E 349 -19.19 -4.38 -4.67
CA PRO E 349 -17.98 -5.16 -4.42
C PRO E 349 -17.97 -6.56 -5.05
N PHE E 350 -16.77 -7.03 -5.38
CA PHE E 350 -16.55 -8.33 -5.97
C PHE E 350 -16.94 -8.44 -7.44
N LEU E 351 -16.82 -7.33 -8.16
CA LEU E 351 -16.77 -7.38 -9.61
C LEU E 351 -15.88 -8.56 -10.10
N HIS E 352 -16.37 -9.25 -11.13
CA HIS E 352 -15.62 -10.37 -11.65
C HIS E 352 -15.63 -10.36 -13.14
N ASP E 353 -16.56 -11.10 -13.75
CA ASP E 353 -16.62 -11.24 -15.20
C ASP E 353 -17.83 -10.57 -15.78
N GLY E 354 -17.78 -10.33 -17.08
CA GLY E 354 -18.87 -9.63 -17.74
C GLY E 354 -18.69 -9.64 -19.22
N GLY E 355 -19.64 -9.06 -19.93
CA GLY E 355 -19.60 -8.99 -21.37
C GLY E 355 -20.68 -8.05 -21.83
N TRP E 356 -20.66 -7.69 -23.12
CA TRP E 356 -21.58 -6.68 -23.65
C TRP E 356 -23.00 -7.16 -23.76
N ASP E 357 -23.92 -6.21 -23.85
CA ASP E 357 -25.29 -6.50 -24.24
C ASP E 357 -25.29 -6.69 -25.74
N SER E 358 -26.47 -6.84 -26.33
CA SER E 358 -26.64 -6.99 -27.79
C SER E 358 -26.04 -5.84 -28.60
N SER E 359 -26.22 -4.61 -28.12
CA SER E 359 -25.77 -3.39 -28.84
C SER E 359 -24.27 -3.04 -28.69
N HIS E 360 -23.59 -3.68 -27.74
CA HIS E 360 -22.16 -3.43 -27.44
C HIS E 360 -21.93 -2.06 -26.86
N ARG E 361 -22.92 -1.62 -26.08
CA ARG E 361 -22.88 -0.33 -25.41
C ARG E 361 -22.87 -0.45 -23.89
N TYR E 362 -23.48 -1.51 -23.36
CA TYR E 362 -23.60 -1.67 -21.93
C TYR E 362 -22.85 -2.90 -21.45
N PHE E 363 -21.81 -2.67 -20.65
CA PHE E 363 -21.02 -3.76 -20.07
C PHE E 363 -21.74 -4.32 -18.86
N MET E 364 -22.24 -5.54 -19.04
CA MET E 364 -23.04 -6.26 -18.05
C MET E 364 -22.12 -7.18 -17.27
N THR E 365 -21.84 -6.76 -16.03
CA THR E 365 -20.80 -7.39 -15.21
C THR E 365 -21.29 -7.84 -13.81
N ALA E 366 -20.90 -9.06 -13.41
CA ALA E 366 -21.31 -9.63 -12.15
C ALA E 366 -20.40 -9.19 -11.01
N ALA E 367 -20.99 -8.55 -10.02
CA ALA E 367 -20.39 -8.47 -8.70
C ALA E 367 -20.87 -9.72 -7.96
N ASN E 368 -20.09 -10.79 -8.08
CA ASN E 368 -20.56 -12.14 -7.72
C ASN E 368 -20.98 -12.27 -6.28
N ASN E 369 -20.08 -12.05 -5.34
CA ASN E 369 -20.43 -12.21 -3.91
C ASN E 369 -21.32 -11.09 -3.36
N SER E 370 -21.76 -10.19 -4.24
CA SER E 370 -22.73 -9.18 -3.91
C SER E 370 -24.07 -9.49 -4.57
N ASN E 371 -24.18 -10.66 -5.20
CA ASN E 371 -25.39 -11.07 -5.93
C ASN E 371 -26.06 -10.00 -6.75
N LYS E 372 -25.23 -9.20 -7.43
CA LYS E 372 -25.74 -8.18 -8.32
C LYS E 372 -25.05 -8.25 -9.68
N VAL E 373 -25.72 -7.65 -10.66
CA VAL E 373 -25.11 -7.35 -11.95
C VAL E 373 -25.10 -5.84 -12.11
N ALA E 374 -23.92 -5.27 -12.33
CA ALA E 374 -23.79 -3.83 -12.61
C ALA E 374 -23.91 -3.64 -14.10
N VAL E 375 -24.41 -2.49 -14.50
CA VAL E 375 -24.58 -2.20 -15.89
C VAL E 375 -23.79 -0.93 -16.19
N ILE E 376 -22.66 -1.06 -16.90
CA ILE E 376 -21.87 0.13 -17.29
C ILE E 376 -22.21 0.57 -18.69
N ASP E 377 -22.67 1.82 -18.76
CA ASP E 377 -22.95 2.51 -20.00
C ASP E 377 -21.63 3.01 -20.55
N SER E 378 -21.18 2.36 -21.62
CA SER E 378 -19.93 2.66 -22.27
C SER E 378 -19.88 4.06 -22.86
N LYS E 379 -21.04 4.52 -23.35
CA LYS E 379 -21.11 5.78 -24.11
C LYS E 379 -21.16 6.99 -23.20
N ASP E 380 -22.21 7.10 -22.40
CA ASP E 380 -22.31 8.16 -21.41
C ASP E 380 -21.32 7.98 -20.26
N ARG E 381 -20.62 6.84 -20.24
CA ARG E 381 -19.52 6.57 -19.32
C ARG E 381 -20.00 6.67 -17.90
N ARG E 382 -20.96 5.83 -17.56
CA ARG E 382 -21.58 5.83 -16.24
C ARG E 382 -22.25 4.49 -15.86
N LEU E 383 -22.68 4.41 -14.60
CA LEU E 383 -23.43 3.27 -14.10
C LEU E 383 -24.92 3.46 -14.38
N SER E 384 -25.48 2.57 -15.19
CA SER E 384 -26.88 2.64 -15.55
C SER E 384 -27.81 1.92 -14.57
N ALA E 385 -27.27 0.99 -13.77
CA ALA E 385 -28.06 0.26 -12.76
C ALA E 385 -27.28 -0.79 -11.99
N LEU E 386 -27.82 -1.17 -10.84
CA LEU E 386 -27.40 -2.37 -10.15
C LEU E 386 -28.62 -3.30 -10.08
N VAL E 387 -28.52 -4.43 -10.76
CA VAL E 387 -29.62 -5.38 -10.85
C VAL E 387 -29.39 -6.57 -9.90
N ASP E 388 -30.34 -6.84 -9.02
CA ASP E 388 -30.22 -7.96 -8.08
C ASP E 388 -30.66 -9.24 -8.77
N VAL E 389 -29.80 -10.25 -8.69
CA VAL E 389 -30.05 -11.53 -9.35
C VAL E 389 -29.91 -12.63 -8.29
N GLY E 390 -29.56 -13.84 -8.69
CA GLY E 390 -29.41 -14.98 -7.79
C GLY E 390 -28.09 -15.05 -7.06
N LYS E 391 -27.82 -16.20 -6.44
CA LYS E 391 -26.63 -16.38 -5.60
C LYS E 391 -25.34 -16.67 -6.37
N THR E 392 -24.41 -15.71 -6.33
CA THR E 392 -23.14 -15.82 -7.02
C THR E 392 -23.34 -16.00 -8.53
N PRO E 393 -23.76 -14.92 -9.22
CA PRO E 393 -23.84 -14.94 -10.66
C PRO E 393 -22.48 -15.10 -11.33
N HIS E 394 -22.45 -16.04 -12.29
CA HIS E 394 -21.30 -16.30 -13.12
C HIS E 394 -21.67 -16.29 -14.60
N PRO E 395 -21.73 -15.11 -15.19
CA PRO E 395 -22.20 -15.00 -16.56
C PRO E 395 -21.13 -15.28 -17.62
N GLY E 396 -19.87 -15.12 -17.23
CA GLY E 396 -18.80 -15.04 -18.21
C GLY E 396 -19.04 -13.78 -19.01
N ARG E 397 -19.26 -13.93 -20.31
CA ARG E 397 -19.61 -12.79 -21.13
C ARG E 397 -21.13 -12.66 -21.31
N GLY E 398 -21.86 -13.71 -20.89
CA GLY E 398 -23.32 -13.73 -20.95
C GLY E 398 -23.86 -14.33 -22.24
N ALA E 399 -25.18 -14.29 -22.40
CA ALA E 399 -25.81 -14.77 -23.61
C ALA E 399 -26.96 -13.86 -23.95
N ASN E 400 -26.88 -13.24 -25.11
CA ASN E 400 -27.89 -12.28 -25.54
C ASN E 400 -28.92 -12.89 -26.47
N PHE E 401 -30.17 -12.47 -26.30
CA PHE E 401 -31.24 -12.87 -27.20
C PHE E 401 -32.41 -11.93 -27.03
N VAL E 402 -33.47 -12.18 -27.80
CA VAL E 402 -34.68 -11.39 -27.76
C VAL E 402 -35.82 -12.27 -27.25
N HIS E 403 -36.29 -11.98 -26.04
CA HIS E 403 -37.48 -12.65 -25.52
C HIS E 403 -38.64 -12.14 -26.37
N PRO E 404 -39.57 -13.03 -26.77
CA PRO E 404 -40.71 -12.51 -27.52
C PRO E 404 -41.41 -11.36 -26.80
N LYS E 405 -41.68 -11.52 -25.51
CA LYS E 405 -42.39 -10.52 -24.71
C LYS E 405 -41.54 -9.33 -24.24
N TYR E 406 -40.33 -9.61 -23.76
CA TYR E 406 -39.49 -8.61 -23.10
C TYR E 406 -38.48 -7.93 -24.02
N GLY E 407 -38.30 -8.50 -25.20
CA GLY E 407 -37.42 -7.92 -26.18
C GLY E 407 -35.99 -8.30 -25.86
N PRO E 408 -35.05 -7.40 -26.15
CA PRO E 408 -33.66 -7.78 -25.94
C PRO E 408 -33.35 -7.96 -24.46
N VAL E 409 -32.78 -9.11 -24.14
CA VAL E 409 -32.32 -9.40 -22.80
C VAL E 409 -30.87 -9.89 -22.84
N TRP E 410 -30.25 -9.82 -21.66
CA TRP E 410 -28.96 -10.42 -21.38
C TRP E 410 -29.15 -11.39 -20.21
N SER E 411 -28.59 -12.57 -20.35
CA SER E 411 -28.85 -13.67 -19.46
C SER E 411 -27.58 -14.17 -18.81
N THR E 412 -27.72 -14.61 -17.56
CA THR E 412 -26.61 -15.10 -16.78
C THR E 412 -27.07 -16.26 -15.91
N SER E 413 -26.22 -17.26 -15.80
CA SER E 413 -26.43 -18.39 -14.91
C SER E 413 -25.73 -18.07 -13.57
N HIS E 414 -25.83 -18.98 -12.62
CA HIS E 414 -25.29 -18.74 -11.30
C HIS E 414 -24.56 -19.97 -10.79
N LEU E 415 -23.68 -19.72 -9.83
CA LEU E 415 -22.89 -20.75 -9.18
C LEU E 415 -23.60 -21.27 -7.97
N GLY E 416 -24.43 -20.43 -7.35
CA GLY E 416 -25.05 -20.78 -6.08
C GLY E 416 -26.48 -21.27 -6.19
N ASP E 417 -26.97 -21.41 -7.41
CA ASP E 417 -28.31 -21.95 -7.64
C ASP E 417 -28.59 -22.15 -9.13
N GLY E 418 -29.56 -23.00 -9.43
CA GLY E 418 -29.92 -23.26 -10.83
C GLY E 418 -30.73 -22.16 -11.54
N SER E 419 -30.92 -21.01 -10.91
CA SER E 419 -31.65 -19.90 -11.54
C SER E 419 -30.88 -19.32 -12.71
N ILE E 420 -31.59 -18.57 -13.54
CA ILE E 420 -31.02 -17.93 -14.70
C ILE E 420 -31.74 -16.62 -14.88
N SER E 421 -31.02 -15.53 -14.66
CA SER E 421 -31.64 -14.22 -14.73
C SER E 421 -31.65 -13.72 -16.16
N LEU E 422 -32.81 -13.22 -16.58
CA LEU E 422 -32.95 -12.47 -17.84
C LEU E 422 -33.10 -10.98 -17.54
N ILE E 423 -32.21 -10.15 -18.10
CA ILE E 423 -32.22 -8.74 -17.80
C ILE E 423 -32.44 -7.97 -19.08
N GLY E 424 -33.45 -7.11 -19.10
CA GLY E 424 -33.75 -6.30 -20.28
C GLY E 424 -32.64 -5.33 -20.59
N THR E 425 -32.25 -5.22 -21.86
CA THR E 425 -31.10 -4.38 -22.26
C THR E 425 -31.45 -3.30 -23.29
N ASP E 426 -32.71 -2.88 -23.31
CA ASP E 426 -33.21 -1.90 -24.28
C ASP E 426 -33.91 -0.72 -23.60
N PRO E 427 -33.15 0.35 -23.29
CA PRO E 427 -33.76 1.54 -22.69
C PRO E 427 -34.51 2.42 -23.70
N LYS E 428 -34.40 2.10 -24.98
CA LYS E 428 -35.00 2.90 -26.05
C LYS E 428 -36.44 2.48 -26.29
N ASN E 429 -36.64 1.18 -26.52
CA ASN E 429 -37.93 0.64 -26.93
C ASN E 429 -38.71 -0.14 -25.87
N HIS E 430 -38.01 -0.61 -24.83
CA HIS E 430 -38.65 -1.33 -23.74
C HIS E 430 -38.13 -0.81 -22.41
N PRO E 431 -38.17 0.52 -22.18
CA PRO E 431 -37.68 1.05 -20.88
C PRO E 431 -38.36 0.44 -19.65
N GLN E 432 -39.61 0.01 -19.80
CA GLN E 432 -40.33 -0.67 -18.72
C GLN E 432 -39.69 -2.00 -18.31
N TYR E 433 -38.72 -2.49 -19.10
CA TYR E 433 -38.00 -3.76 -18.81
C TYR E 433 -36.47 -3.59 -18.68
N ALA E 434 -35.91 -2.53 -19.26
CA ALA E 434 -34.48 -2.29 -19.18
C ALA E 434 -33.94 -2.28 -17.74
N TRP E 435 -32.85 -3.00 -17.54
CA TRP E 435 -32.14 -3.08 -16.27
C TRP E 435 -33.03 -3.62 -15.18
N LYS E 436 -33.90 -4.55 -15.55
CA LYS E 436 -34.80 -5.22 -14.61
C LYS E 436 -34.61 -6.71 -14.78
N LYS E 437 -34.53 -7.45 -13.68
CA LYS E 437 -34.57 -8.90 -13.80
C LYS E 437 -35.98 -9.25 -14.26
N VAL E 438 -36.19 -9.31 -15.56
CA VAL E 438 -37.55 -9.31 -16.13
C VAL E 438 -38.23 -10.66 -16.05
N ALA E 439 -37.45 -11.72 -16.12
CA ALA E 439 -37.97 -13.07 -16.02
C ALA E 439 -36.82 -13.98 -15.61
N GLU E 440 -37.10 -15.26 -15.40
CA GLU E 440 -36.11 -16.13 -14.77
C GLU E 440 -36.34 -17.64 -15.01
N LEU E 441 -35.41 -18.29 -15.71
CA LEU E 441 -35.52 -19.72 -16.00
C LEU E 441 -34.86 -20.58 -14.93
N GLN E 442 -34.93 -21.90 -15.12
CA GLN E 442 -34.43 -22.90 -14.18
C GLN E 442 -33.70 -24.04 -14.88
N GLY E 443 -32.55 -24.42 -14.33
CA GLY E 443 -31.65 -25.41 -14.92
C GLY E 443 -31.38 -26.57 -13.99
N GLN E 444 -30.35 -27.36 -14.30
CA GLN E 444 -30.11 -28.62 -13.59
C GLN E 444 -29.78 -28.40 -12.12
N GLY E 445 -29.26 -27.23 -11.79
CA GLY E 445 -28.90 -26.88 -10.42
C GLY E 445 -27.73 -25.91 -10.34
N GLY E 446 -27.20 -25.78 -9.12
CA GLY E 446 -26.09 -24.88 -8.83
C GLY E 446 -24.81 -25.38 -9.46
N GLY E 447 -23.77 -24.56 -9.43
CA GLY E 447 -22.45 -24.94 -9.92
C GLY E 447 -22.18 -24.46 -11.32
N SER E 448 -23.13 -23.75 -11.93
CA SER E 448 -23.00 -23.33 -13.33
C SER E 448 -22.06 -22.16 -13.52
N LEU E 449 -21.38 -22.23 -14.65
CA LEU E 449 -20.25 -21.39 -14.95
C LEU E 449 -20.47 -20.60 -16.23
N PHE E 450 -21.25 -21.12 -17.19
CA PHE E 450 -21.35 -20.49 -18.49
C PHE E 450 -22.68 -20.71 -19.18
N ILE E 451 -23.34 -19.61 -19.54
CA ILE E 451 -24.56 -19.64 -20.38
C ILE E 451 -24.17 -19.14 -21.77
N LYS E 452 -24.85 -19.62 -22.82
CA LYS E 452 -24.45 -19.31 -24.21
C LYS E 452 -25.55 -19.46 -25.26
N THR E 453 -25.46 -18.63 -26.31
CA THR E 453 -26.31 -18.73 -27.49
C THR E 453 -25.65 -17.96 -28.65
N HIS E 454 -26.25 -18.00 -29.83
CA HIS E 454 -25.76 -17.32 -31.04
C HIS E 454 -26.95 -16.56 -31.69
N PRO E 455 -26.67 -15.55 -32.54
CA PRO E 455 -27.77 -14.93 -33.31
C PRO E 455 -28.50 -15.90 -34.26
N LYS E 456 -27.74 -16.78 -34.93
CA LYS E 456 -28.27 -17.79 -35.87
C LYS E 456 -28.81 -19.03 -35.18
N SER E 457 -28.59 -19.16 -33.87
CA SER E 457 -29.11 -20.31 -33.13
C SER E 457 -30.44 -19.99 -32.48
N SER E 458 -31.19 -21.04 -32.16
CA SER E 458 -32.44 -20.93 -31.39
C SER E 458 -32.35 -21.66 -30.08
N HIS E 459 -31.15 -22.10 -29.71
CA HIS E 459 -30.94 -22.81 -28.46
C HIS E 459 -30.12 -22.01 -27.43
N LEU E 460 -30.34 -22.32 -26.15
CA LEU E 460 -29.65 -21.66 -25.05
C LEU E 460 -29.00 -22.74 -24.20
N TYR E 461 -27.68 -22.87 -24.30
CA TYR E 461 -26.96 -23.91 -23.56
C TYR E 461 -26.36 -23.33 -22.28
N VAL E 462 -26.60 -24.00 -21.15
CA VAL E 462 -25.91 -23.64 -19.89
C VAL E 462 -25.24 -24.87 -19.27
N ASP E 463 -23.97 -24.72 -18.87
CA ASP E 463 -23.21 -25.83 -18.31
C ASP E 463 -23.36 -25.86 -16.81
N THR E 464 -22.78 -26.87 -16.17
CA THR E 464 -22.96 -27.03 -14.72
C THR E 464 -21.68 -27.52 -14.02
N THR E 465 -20.53 -27.06 -14.53
CA THR E 465 -19.23 -27.63 -14.21
C THR E 465 -19.00 -28.02 -12.76
N PHE E 466 -19.26 -27.11 -11.83
CA PHE E 466 -18.91 -27.33 -10.44
C PHE E 466 -20.09 -27.74 -9.56
N ASN E 467 -21.04 -28.50 -10.11
CA ASN E 467 -22.07 -29.12 -9.27
C ASN E 467 -21.50 -30.39 -8.67
N PRO E 468 -21.73 -30.62 -7.36
CA PRO E 468 -21.14 -31.79 -6.75
C PRO E 468 -21.75 -33.09 -7.22
N ASP E 469 -22.84 -33.04 -7.99
CA ASP E 469 -23.36 -34.24 -8.67
C ASP E 469 -22.63 -34.47 -10.00
N ALA E 470 -22.15 -35.70 -10.19
CA ALA E 470 -21.29 -36.03 -11.32
C ALA E 470 -22.07 -36.14 -12.61
N ARG E 471 -23.31 -36.62 -12.52
CA ARG E 471 -24.17 -36.75 -13.70
C ARG E 471 -24.46 -35.36 -14.25
N ILE E 472 -24.78 -34.43 -13.34
CA ILE E 472 -25.07 -33.02 -13.65
C ILE E 472 -23.86 -32.31 -14.23
N SER E 473 -22.77 -32.28 -13.48
CA SER E 473 -21.53 -31.63 -13.93
C SER E 473 -21.01 -32.16 -15.26
N GLN E 474 -21.43 -33.39 -15.61
CA GLN E 474 -21.02 -34.03 -16.87
C GLN E 474 -21.97 -33.76 -18.05
N SER E 475 -23.00 -32.97 -17.80
CA SER E 475 -23.98 -32.65 -18.82
C SER E 475 -24.23 -31.13 -18.88
N VAL E 476 -25.11 -30.73 -19.80
CA VAL E 476 -25.53 -29.34 -19.97
C VAL E 476 -27.00 -29.33 -20.30
N ALA E 477 -27.72 -28.31 -19.84
CA ALA E 477 -29.12 -28.13 -20.20
C ALA E 477 -29.19 -27.30 -21.48
N VAL E 478 -30.24 -27.54 -22.28
CA VAL E 478 -30.53 -26.69 -23.45
C VAL E 478 -31.97 -26.22 -23.41
N PHE E 479 -32.19 -24.96 -23.71
CA PHE E 479 -33.54 -24.42 -23.77
C PHE E 479 -33.91 -24.17 -25.21
N ASP E 480 -35.22 -24.15 -25.49
CA ASP E 480 -35.72 -23.72 -26.78
C ASP E 480 -36.15 -22.26 -26.66
N LEU E 481 -35.49 -21.37 -27.40
CA LEU E 481 -35.80 -19.93 -27.35
C LEU E 481 -37.19 -19.60 -27.89
N LYS E 482 -37.68 -20.42 -28.80
CA LYS E 482 -39.02 -20.27 -29.36
C LYS E 482 -40.11 -20.66 -28.37
N ASN E 483 -39.73 -21.44 -27.35
CA ASN E 483 -40.65 -21.77 -26.24
C ASN E 483 -39.90 -21.97 -24.92
N LEU E 484 -39.81 -20.90 -24.13
CA LEU E 484 -39.04 -20.93 -22.89
C LEU E 484 -39.80 -21.53 -21.71
N ASP E 485 -41.13 -21.69 -21.83
CA ASP E 485 -41.93 -22.33 -20.78
C ASP E 485 -41.60 -23.83 -20.74
N ALA E 486 -41.19 -24.35 -21.89
CA ALA E 486 -40.73 -25.72 -22.01
C ALA E 486 -39.46 -25.95 -21.19
N LYS E 487 -39.47 -27.00 -20.38
CA LYS E 487 -38.29 -27.45 -19.68
C LYS E 487 -37.13 -27.68 -20.64
N TYR E 488 -35.92 -27.56 -20.11
CA TYR E 488 -34.68 -27.83 -20.83
C TYR E 488 -34.49 -29.32 -21.12
N GLN E 489 -33.73 -29.63 -22.17
CA GLN E 489 -33.23 -30.99 -22.39
C GLN E 489 -31.77 -31.10 -21.94
N VAL E 490 -31.44 -32.23 -21.31
CA VAL E 490 -30.08 -32.53 -20.90
C VAL E 490 -29.31 -33.14 -22.06
N LEU E 491 -28.02 -32.84 -22.15
CA LEU E 491 -27.15 -33.39 -23.17
C LEU E 491 -25.97 -34.02 -22.44
N PRO E 492 -25.91 -35.36 -22.40
CA PRO E 492 -24.81 -36.02 -21.67
C PRO E 492 -23.49 -35.92 -22.44
N ILE E 493 -22.89 -34.74 -22.39
CA ILE E 493 -21.71 -34.42 -23.18
C ILE E 493 -20.52 -35.33 -22.81
N ALA E 494 -20.36 -35.64 -21.53
CA ALA E 494 -19.21 -36.44 -21.08
C ALA E 494 -19.35 -37.93 -21.41
N GLU E 495 -20.57 -38.39 -21.54
CA GLU E 495 -20.84 -39.71 -22.08
C GLU E 495 -20.44 -39.73 -23.56
N TRP E 496 -21.01 -38.81 -24.36
CA TRP E 496 -20.78 -38.75 -25.82
C TRP E 496 -19.30 -38.63 -26.16
N ALA E 497 -18.51 -38.18 -25.19
CA ALA E 497 -17.06 -38.11 -25.34
C ALA E 497 -16.46 -39.48 -25.19
N ASP E 498 -16.99 -40.27 -24.24
CA ASP E 498 -16.56 -41.65 -24.08
C ASP E 498 -15.10 -41.66 -23.65
N LEU E 499 -14.88 -41.46 -22.35
CA LEU E 499 -13.52 -41.37 -21.83
C LEU E 499 -13.21 -42.41 -20.78
N GLY E 500 -14.20 -42.78 -19.97
CA GLY E 500 -13.98 -43.71 -18.88
C GLY E 500 -13.86 -42.98 -17.57
N GLU E 501 -12.87 -43.35 -16.76
CA GLU E 501 -12.72 -42.80 -15.41
C GLU E 501 -12.23 -41.36 -15.40
N GLY E 502 -12.49 -40.69 -14.27
CA GLY E 502 -12.21 -39.27 -14.10
C GLY E 502 -13.52 -38.53 -13.91
N ALA E 503 -13.45 -37.33 -13.35
CA ALA E 503 -14.65 -36.55 -13.12
C ALA E 503 -15.28 -36.17 -14.45
N LYS E 504 -14.46 -35.78 -15.41
CA LYS E 504 -14.93 -35.40 -16.74
C LYS E 504 -15.92 -34.25 -16.65
N ARG E 505 -15.54 -33.19 -15.92
CA ARG E 505 -16.40 -32.01 -15.75
C ARG E 505 -16.55 -31.35 -17.10
N VAL E 506 -17.77 -30.99 -17.46
CA VAL E 506 -17.99 -30.32 -18.73
C VAL E 506 -18.10 -28.82 -18.50
N VAL E 507 -17.43 -28.02 -19.34
CA VAL E 507 -17.41 -26.56 -19.20
C VAL E 507 -17.45 -25.78 -20.52
N GLN E 508 -18.21 -24.67 -20.50
CA GLN E 508 -18.09 -23.56 -21.46
C GLN E 508 -18.47 -23.89 -22.88
N PRO E 509 -19.75 -23.70 -23.24
CA PRO E 509 -20.16 -23.77 -24.64
C PRO E 509 -19.48 -22.71 -25.48
N GLU E 510 -19.11 -23.02 -26.72
CA GLU E 510 -18.67 -22.00 -27.69
C GLU E 510 -19.07 -22.44 -29.10
N TYR E 511 -19.50 -21.48 -29.91
CA TYR E 511 -19.96 -21.74 -31.28
C TYR E 511 -18.85 -21.63 -32.32
N ASN E 512 -19.10 -22.19 -33.49
CA ASN E 512 -18.27 -21.93 -34.67
C ASN E 512 -18.78 -20.68 -35.36
N LYS E 513 -18.04 -20.20 -36.36
CA LYS E 513 -18.42 -18.98 -37.06
C LYS E 513 -19.89 -18.99 -37.49
N ARG E 514 -20.25 -20.00 -38.27
CA ARG E 514 -21.62 -20.14 -38.79
C ARG E 514 -22.69 -20.15 -37.70
N GLY E 515 -22.37 -20.79 -36.58
CA GLY E 515 -23.27 -20.80 -35.44
C GLY E 515 -24.12 -22.05 -35.40
N ASP E 516 -23.70 -23.06 -36.15
CA ASP E 516 -24.43 -24.32 -36.20
C ASP E 516 -23.76 -25.39 -35.35
N GLU E 517 -22.52 -25.13 -34.95
CA GLU E 517 -21.82 -26.03 -34.04
C GLU E 517 -21.77 -25.43 -32.65
N VAL E 518 -21.70 -26.30 -31.64
CA VAL E 518 -21.52 -25.88 -30.25
C VAL E 518 -20.51 -26.83 -29.61
N TRP E 519 -19.34 -26.28 -29.28
CA TRP E 519 -18.24 -27.08 -28.76
C TRP E 519 -18.30 -27.08 -27.25
N PHE E 520 -17.76 -28.13 -26.65
CA PHE E 520 -17.70 -28.26 -25.20
C PHE E 520 -16.40 -28.94 -24.88
N SER E 521 -15.80 -28.61 -23.76
CA SER E 521 -14.61 -29.32 -23.33
C SER E 521 -14.99 -30.21 -22.16
N VAL E 522 -14.47 -31.44 -22.19
CA VAL E 522 -14.70 -32.42 -21.14
C VAL E 522 -13.39 -32.46 -20.35
N TRP E 523 -13.41 -31.80 -19.19
CA TRP E 523 -12.17 -31.37 -18.53
C TRP E 523 -11.83 -32.32 -17.40
N ASN E 524 -10.81 -33.10 -17.65
CA ASN E 524 -10.45 -34.23 -16.81
C ASN E 524 -9.01 -34.01 -16.34
N GLY E 525 -8.52 -34.86 -15.44
CA GLY E 525 -7.13 -34.76 -14.95
C GLY E 525 -6.10 -34.78 -16.06
N LYS E 526 -4.87 -34.43 -15.73
CA LYS E 526 -3.78 -34.48 -16.71
C LYS E 526 -3.31 -35.93 -16.95
N ASN E 527 -3.57 -36.81 -15.98
CA ASN E 527 -3.28 -38.24 -16.09
C ASN E 527 -4.42 -39.07 -16.65
N ASP E 528 -5.55 -38.44 -16.93
CA ASP E 528 -6.68 -39.10 -17.57
C ASP E 528 -6.75 -38.60 -19.02
N SER E 529 -7.81 -38.92 -19.75
CA SER E 529 -7.98 -38.45 -21.12
C SER E 529 -9.16 -37.51 -21.20
N SER E 530 -9.05 -36.53 -22.10
CA SER E 530 -10.07 -35.49 -22.25
C SER E 530 -10.51 -35.38 -23.72
N ALA E 531 -11.53 -34.57 -23.98
CA ALA E 531 -12.02 -34.39 -25.35
C ALA E 531 -12.76 -33.09 -25.57
N LEU E 532 -12.98 -32.75 -26.83
CA LEU E 532 -13.80 -31.61 -27.21
C LEU E 532 -15.01 -32.14 -27.97
N VAL E 533 -16.10 -32.39 -27.24
CA VAL E 533 -17.36 -32.75 -27.88
C VAL E 533 -17.97 -31.61 -28.69
N VAL E 534 -18.33 -31.87 -29.94
CA VAL E 534 -19.10 -30.92 -30.75
C VAL E 534 -20.55 -31.37 -30.80
N VAL E 535 -21.46 -30.42 -30.99
CA VAL E 535 -22.87 -30.74 -31.16
C VAL E 535 -23.43 -30.00 -32.38
N ASP E 536 -24.33 -30.67 -33.10
CA ASP E 536 -25.11 -30.03 -34.15
C ASP E 536 -26.21 -29.19 -33.49
N ASP E 537 -26.11 -27.87 -33.64
CA ASP E 537 -27.08 -26.97 -33.04
C ASP E 537 -28.49 -27.22 -33.58
N LYS E 538 -28.60 -27.46 -34.89
CA LYS E 538 -29.89 -27.68 -35.52
C LYS E 538 -30.62 -28.90 -34.92
N THR E 539 -29.91 -30.01 -34.74
CA THR E 539 -30.54 -31.26 -34.27
C THR E 539 -30.30 -31.60 -32.79
N LEU E 540 -29.33 -30.95 -32.16
CA LEU E 540 -28.89 -31.33 -30.80
C LEU E 540 -28.37 -32.77 -30.75
N LYS E 541 -27.65 -33.16 -31.80
CA LYS E 541 -27.11 -34.50 -31.94
C LYS E 541 -25.59 -34.42 -32.00
N LEU E 542 -24.92 -35.41 -31.42
CA LEU E 542 -23.46 -35.44 -31.39
C LEU E 542 -22.92 -35.31 -32.80
N LYS E 543 -22.04 -34.34 -33.03
CA LYS E 543 -21.47 -34.17 -34.36
C LYS E 543 -20.02 -34.66 -34.44
N ALA E 544 -19.27 -34.53 -33.36
CA ALA E 544 -17.90 -35.05 -33.35
C ALA E 544 -17.32 -35.15 -31.95
N VAL E 545 -16.16 -35.77 -31.87
CA VAL E 545 -15.43 -35.87 -30.62
C VAL E 545 -13.94 -35.77 -30.94
N VAL E 546 -13.34 -34.67 -30.51
CA VAL E 546 -11.92 -34.41 -30.75
C VAL E 546 -11.10 -34.95 -29.58
N LYS E 547 -10.30 -35.99 -29.85
CA LYS E 547 -9.34 -36.48 -28.87
C LYS E 547 -7.94 -36.38 -29.44
N ASP E 548 -6.95 -36.58 -28.58
CA ASP E 548 -5.56 -36.50 -28.99
C ASP E 548 -4.71 -36.71 -27.74
N PRO E 549 -3.54 -37.38 -27.86
CA PRO E 549 -2.64 -37.51 -26.69
C PRO E 549 -2.19 -36.20 -26.05
N ARG E 550 -2.23 -35.10 -26.82
CA ARG E 550 -1.79 -33.76 -26.37
C ARG E 550 -2.95 -32.93 -25.79
N LEU E 551 -4.19 -33.29 -26.08
CA LEU E 551 -5.35 -32.57 -25.53
C LEU E 551 -5.45 -32.74 -24.01
N ILE E 552 -4.56 -32.06 -23.28
CA ILE E 552 -4.41 -32.25 -21.84
C ILE E 552 -5.18 -31.19 -21.10
N THR E 553 -6.07 -31.59 -20.21
CA THR E 553 -6.88 -30.65 -19.39
C THR E 553 -7.42 -29.46 -20.19
N PRO E 554 -8.27 -29.72 -21.19
CA PRO E 554 -8.77 -28.60 -21.98
C PRO E 554 -9.92 -27.88 -21.25
N THR E 555 -9.84 -26.53 -21.20
CA THR E 555 -10.83 -25.73 -20.51
C THR E 555 -11.43 -24.71 -21.48
N GLY E 556 -10.97 -23.47 -21.42
CA GLY E 556 -11.52 -22.40 -22.27
C GLY E 556 -11.32 -22.67 -23.75
N LYS E 557 -12.28 -22.23 -24.56
CA LYS E 557 -12.19 -22.36 -26.02
C LYS E 557 -12.71 -21.08 -26.65
N PHE E 558 -12.00 -20.57 -27.64
CA PHE E 558 -12.33 -19.27 -28.19
C PHE E 558 -12.26 -19.26 -29.70
N ASN E 559 -13.45 -19.17 -30.31
CA ASN E 559 -13.55 -19.11 -31.75
C ASN E 559 -13.04 -17.75 -32.18
N VAL E 560 -12.23 -17.72 -33.23
CA VAL E 560 -11.52 -16.51 -33.59
C VAL E 560 -12.52 -15.43 -33.95
N TYR E 561 -13.44 -15.74 -34.86
CA TYR E 561 -14.39 -14.73 -35.33
C TYR E 561 -15.32 -14.30 -34.22
N ASN E 562 -15.96 -15.27 -33.59
CA ASN E 562 -16.92 -15.00 -32.54
C ASN E 562 -16.35 -14.15 -31.41
N THR E 563 -15.15 -14.47 -30.99
CA THR E 563 -14.49 -13.79 -29.90
C THR E 563 -14.17 -12.37 -30.31
N GLN E 564 -13.55 -12.26 -31.49
CA GLN E 564 -13.10 -10.98 -32.02
C GLN E 564 -14.25 -10.00 -32.14
N HIS E 565 -15.39 -10.52 -32.58
CA HIS E 565 -16.54 -9.69 -32.90
C HIS E 565 -17.63 -9.71 -31.82
N ASP E 566 -17.26 -10.22 -30.64
CA ASP E 566 -18.10 -10.14 -29.45
C ASP E 566 -19.51 -10.61 -29.78
N VAL E 567 -19.55 -11.81 -30.35
CA VAL E 567 -20.77 -12.46 -30.77
C VAL E 567 -21.21 -13.42 -29.66
N TYR E 568 -22.07 -12.93 -28.79
CA TYR E 568 -22.69 -13.77 -27.78
C TYR E 568 -24.13 -13.31 -27.55
N ALA F 31 -19.76 -25.54 -3.88
CA ALA F 31 -19.63 -25.43 -5.40
C ALA F 31 -18.83 -24.21 -5.87
N ALA F 32 -19.16 -23.03 -5.34
CA ALA F 32 -18.30 -21.83 -5.46
C ALA F 32 -17.01 -21.98 -4.64
N GLU F 33 -16.91 -23.07 -3.88
CA GLU F 33 -15.73 -23.43 -3.09
C GLU F 33 -14.75 -24.22 -3.93
N GLN F 34 -15.28 -25.09 -4.80
CA GLN F 34 -14.50 -25.72 -5.85
C GLN F 34 -14.00 -24.66 -6.86
N TYR F 35 -14.91 -23.79 -7.26
CA TYR F 35 -14.62 -22.76 -8.25
C TYR F 35 -13.38 -21.93 -7.88
N GLN F 36 -13.22 -21.65 -6.59
CA GLN F 36 -12.06 -20.92 -6.12
C GLN F 36 -11.19 -21.84 -5.26
N GLY F 37 -11.15 -23.12 -5.66
CA GLY F 37 -10.43 -24.12 -4.89
C GLY F 37 -8.97 -24.25 -5.27
N ALA F 38 -8.64 -23.85 -6.50
CA ALA F 38 -7.30 -24.09 -7.07
C ALA F 38 -6.26 -23.19 -6.45
N ALA F 39 -5.00 -23.58 -6.58
CA ALA F 39 -3.93 -22.91 -5.86
C ALA F 39 -3.55 -21.62 -6.55
N SER F 40 -3.45 -20.57 -5.74
CA SER F 40 -2.93 -19.28 -6.19
C SER F 40 -1.66 -19.51 -7.02
N ALA F 41 -1.59 -18.87 -8.18
CA ALA F 41 -0.41 -18.97 -9.04
C ALA F 41 0.81 -18.37 -8.37
N VAL F 42 0.65 -17.74 -7.23
CA VAL F 42 1.80 -17.27 -6.44
C VAL F 42 2.55 -18.45 -5.81
N ASP F 43 3.83 -18.52 -6.14
CA ASP F 43 4.76 -19.52 -5.63
C ASP F 43 5.13 -19.20 -4.19
N PRO F 44 4.78 -20.08 -3.23
CA PRO F 44 5.07 -19.80 -1.81
C PRO F 44 6.55 -19.60 -1.50
N ALA F 45 7.42 -20.28 -2.24
CA ALA F 45 8.86 -20.05 -2.13
C ALA F 45 9.16 -18.56 -2.18
N HIS F 46 8.73 -17.92 -3.26
CA HIS F 46 9.07 -16.51 -3.49
C HIS F 46 8.28 -15.56 -2.58
N VAL F 47 7.53 -16.10 -1.63
CA VAL F 47 6.79 -15.29 -0.67
C VAL F 47 7.48 -15.34 0.68
N VAL F 48 8.16 -14.26 1.05
CA VAL F 48 9.08 -14.29 2.19
C VAL F 48 8.53 -13.66 3.45
N ARG F 49 9.03 -14.17 4.55
CA ARG F 49 8.82 -13.65 5.89
C ARG F 49 9.98 -12.73 6.18
N THR F 50 9.77 -11.70 6.97
CA THR F 50 10.91 -10.92 7.46
C THR F 50 11.36 -11.55 8.75
N ASN F 51 12.61 -12.00 8.80
CA ASN F 51 13.31 -12.01 10.07
C ASN F 51 14.81 -12.20 9.93
N GLY F 52 15.47 -12.39 11.08
CA GLY F 52 16.89 -12.18 11.24
C GLY F 52 17.12 -10.81 11.85
N ALA F 53 16.14 -10.33 12.61
CA ALA F 53 16.15 -8.98 13.14
C ALA F 53 16.68 -8.91 14.58
N PRO F 54 17.68 -8.05 14.83
CA PRO F 54 18.17 -7.90 16.19
C PRO F 54 17.02 -7.78 17.18
N ASP F 55 16.96 -8.70 18.12
CA ASP F 55 15.92 -8.68 19.13
C ASP F 55 16.03 -7.42 19.96
N MET F 56 14.87 -6.87 20.28
CA MET F 56 14.76 -5.76 21.21
C MET F 56 13.40 -5.84 21.91
N SER F 57 13.39 -5.46 23.19
CA SER F 57 12.19 -5.54 24.01
C SER F 57 11.14 -4.53 23.56
N GLU F 58 9.94 -4.69 24.09
CA GLU F 58 8.88 -3.69 23.99
C GLU F 58 9.45 -2.34 24.44
N SER F 59 10.06 -2.33 25.62
CA SER F 59 10.60 -1.10 26.23
C SER F 59 11.55 -0.33 25.30
N GLU F 60 12.39 -1.07 24.57
CA GLU F 60 13.40 -0.47 23.69
C GLU F 60 12.80 -0.01 22.37
N PHE F 61 12.11 -0.95 21.72
CA PHE F 61 11.43 -0.69 20.45
C PHE F 61 10.67 0.64 20.43
N ASN F 62 9.91 0.91 21.48
CA ASN F 62 9.11 2.15 21.51
C ASN F 62 10.00 3.37 21.69
N GLU F 63 11.06 3.22 22.48
CA GLU F 63 12.04 4.30 22.67
C GLU F 63 12.71 4.64 21.35
N ALA F 64 13.04 3.60 20.58
CA ALA F 64 13.71 3.76 19.28
C ALA F 64 12.75 4.32 18.25
N LYS F 65 11.57 3.72 18.20
CA LYS F 65 10.47 4.20 17.37
C LYS F 65 10.19 5.68 17.55
N GLN F 66 10.12 6.15 18.79
CA GLN F 66 9.84 7.56 19.01
C GLN F 66 10.95 8.45 18.46
N ILE F 67 12.20 8.11 18.74
CA ILE F 67 13.32 8.86 18.18
C ILE F 67 13.11 8.92 16.67
N TYR F 68 12.67 7.81 16.09
CA TYR F 68 12.38 7.78 14.66
C TYR F 68 11.36 8.86 14.22
N PHE F 69 10.23 8.97 14.90
CA PHE F 69 9.20 9.92 14.47
C PHE F 69 9.49 11.34 14.92
N GLN F 70 10.40 11.46 15.88
CA GLN F 70 10.91 12.74 16.35
C GLN F 70 11.89 13.29 15.31
N ARG F 71 12.86 12.45 14.93
CA ARG F 71 14.02 12.87 14.16
C ARG F 71 13.96 12.54 12.66
N CYS F 72 13.57 11.31 12.31
CA CYS F 72 13.86 10.77 10.98
C CYS F 72 12.69 10.64 10.01
N ALA F 73 11.53 10.27 10.53
CA ALA F 73 10.39 9.99 9.69
C ALA F 73 9.97 11.23 8.87
N GLY F 74 10.51 12.40 9.20
CA GLY F 74 10.40 13.56 8.32
C GLY F 74 10.86 13.32 6.89
N CYS F 75 12.13 12.95 6.70
CA CYS F 75 12.66 12.67 5.36
C CYS F 75 12.31 11.25 4.91
N HIS F 76 12.55 10.28 5.80
CA HIS F 76 12.52 8.85 5.47
C HIS F 76 11.09 8.35 5.41
N GLY F 77 10.19 9.02 6.14
CA GLY F 77 8.75 8.71 6.08
C GLY F 77 8.34 7.60 7.01
N VAL F 78 7.05 7.32 7.04
CA VAL F 78 6.48 6.37 7.97
C VAL F 78 6.90 4.93 7.67
N LEU F 79 7.03 4.61 6.37
CA LEU F 79 7.46 3.29 5.92
C LEU F 79 8.88 3.28 5.34
N ARG F 80 9.62 4.36 5.61
CA ARG F 80 11.06 4.42 5.37
C ARG F 80 11.54 4.44 3.92
N LYS F 81 10.66 4.78 2.98
CA LYS F 81 11.07 4.82 1.59
C LYS F 81 10.96 6.23 1.01
N GLY F 82 11.21 7.22 1.86
CA GLY F 82 10.83 8.59 1.55
C GLY F 82 11.96 9.52 1.13
N ALA F 83 13.18 9.19 1.52
CA ALA F 83 14.32 9.97 1.11
C ALA F 83 14.95 9.37 -0.14
N THR F 84 16.06 9.95 -0.58
CA THR F 84 16.87 9.38 -1.65
C THR F 84 17.81 8.37 -1.01
N GLY F 85 18.74 7.83 -1.78
CA GLY F 85 19.58 6.72 -1.29
C GLY F 85 18.77 5.44 -1.25
N LYS F 86 19.34 4.39 -0.67
CA LYS F 86 18.56 3.18 -0.50
C LYS F 86 17.58 3.38 0.64
N PRO F 87 16.48 2.61 0.67
CA PRO F 87 15.48 2.79 1.69
C PRO F 87 15.86 2.11 2.99
N LEU F 88 15.18 2.42 4.09
CA LEU F 88 15.52 1.86 5.41
C LEU F 88 14.70 0.64 5.79
N THR F 89 14.35 -0.17 4.80
CA THR F 89 13.53 -1.36 5.00
C THR F 89 14.45 -2.57 5.25
N PRO F 90 14.02 -3.52 6.10
CA PRO F 90 14.65 -4.81 6.36
C PRO F 90 15.46 -5.47 5.25
N ASP F 91 14.84 -5.74 4.11
CA ASP F 91 15.56 -6.29 2.95
C ASP F 91 16.91 -5.58 2.71
N ILE F 92 16.94 -4.28 2.97
CA ILE F 92 18.14 -3.48 2.81
C ILE F 92 18.95 -3.46 4.10
N THR F 93 18.35 -2.97 5.17
CA THR F 93 19.09 -2.63 6.38
C THR F 93 19.68 -3.85 7.06
N GLN F 94 19.32 -5.04 6.58
CA GLN F 94 19.81 -6.31 7.14
C GLN F 94 20.98 -6.85 6.34
N GLN F 95 20.93 -6.66 5.02
CA GLN F 95 22.09 -6.87 4.18
C GLN F 95 23.21 -5.89 4.54
N ARG F 96 22.85 -4.75 5.10
CA ARG F 96 23.81 -3.74 5.46
C ARG F 96 24.53 -4.11 6.74
N GLY F 97 23.75 -4.52 7.75
CA GLY F 97 24.33 -4.94 9.01
C GLY F 97 24.50 -3.79 9.96
N GLN F 98 24.84 -4.13 11.21
CA GLN F 98 24.77 -3.20 12.33
C GLN F 98 25.81 -2.11 12.19
N GLN F 99 27.06 -2.54 11.97
CA GLN F 99 28.21 -1.64 12.02
C GLN F 99 28.10 -0.60 10.91
N TYR F 100 27.63 -1.03 9.74
CA TYR F 100 27.35 -0.11 8.64
C TYR F 100 26.34 0.94 9.05
N LEU F 101 25.18 0.49 9.51
CA LEU F 101 24.05 1.37 9.81
C LEU F 101 24.40 2.38 10.88
N GLU F 102 25.09 1.89 11.91
CA GLU F 102 25.57 2.73 12.99
C GLU F 102 26.50 3.78 12.42
N ALA F 103 27.43 3.32 11.59
CA ALA F 103 28.41 4.20 10.97
C ALA F 103 27.75 5.36 10.26
N LEU F 104 26.76 5.05 9.43
CA LEU F 104 26.08 6.08 8.63
C LEU F 104 25.19 7.01 9.44
N ILE F 105 24.59 6.52 10.51
CA ILE F 105 23.79 7.39 11.37
C ILE F 105 24.72 8.25 12.18
N THR F 106 25.91 7.72 12.44
CA THR F 106 26.88 8.36 13.34
C THR F 106 27.49 9.55 12.63
N TYR F 107 28.12 9.28 11.50
CA TYR F 107 28.91 10.27 10.77
C TYR F 107 28.08 11.06 9.76
N GLY F 108 27.00 10.45 9.26
CA GLY F 108 26.13 11.11 8.28
C GLY F 108 26.84 11.28 6.96
N THR F 109 26.12 11.77 5.94
CA THR F 109 26.69 12.02 4.60
C THR F 109 26.45 13.42 4.16
N PRO F 110 27.13 13.84 3.08
CA PRO F 110 26.93 15.18 2.56
C PRO F 110 25.78 15.28 1.56
N LEU F 111 24.85 14.35 1.58
CA LEU F 111 23.81 14.31 0.58
C LEU F 111 22.46 14.44 1.25
N GLY F 112 22.44 15.02 2.44
CA GLY F 112 21.18 15.28 3.13
C GLY F 112 20.92 14.44 4.35
N MET F 113 21.87 13.58 4.72
CA MET F 113 21.74 12.73 5.90
C MET F 113 22.61 13.28 7.02
N PRO F 114 21.98 13.86 8.07
CA PRO F 114 22.74 14.45 9.18
C PRO F 114 23.55 13.47 10.02
N ASN F 115 24.38 14.04 10.89
CA ASN F 115 25.44 13.33 11.60
C ASN F 115 25.11 13.26 13.08
N TRP F 116 24.33 12.25 13.43
CA TRP F 116 23.73 12.14 14.76
C TRP F 116 24.73 11.78 15.86
N GLY F 117 25.85 11.18 15.48
CA GLY F 117 26.92 10.80 16.40
C GLY F 117 27.89 11.94 16.59
N SER F 118 28.67 12.21 15.54
CA SER F 118 29.57 13.36 15.49
C SER F 118 29.03 14.53 16.29
N SER F 119 27.83 14.97 15.98
CA SER F 119 27.23 16.16 16.59
C SER F 119 26.81 15.97 18.03
N GLY F 120 26.80 14.74 18.52
CA GLY F 120 26.39 14.46 19.89
C GLY F 120 24.89 14.59 20.14
N GLU F 121 24.12 14.81 19.07
CA GLU F 121 22.67 14.96 19.16
C GLU F 121 22.03 13.65 19.65
N LEU F 122 22.59 12.51 19.23
CA LEU F 122 22.24 11.20 19.79
C LEU F 122 23.44 10.54 20.44
N SER F 123 23.16 9.68 21.44
CA SER F 123 24.19 8.89 22.13
C SER F 123 24.71 7.74 21.30
N LYS F 124 25.73 7.07 21.84
CA LYS F 124 26.26 5.83 21.28
C LYS F 124 25.17 4.76 21.22
N GLU F 125 24.42 4.67 22.32
CA GLU F 125 23.46 3.59 22.51
C GLU F 125 22.18 3.88 21.72
N GLN F 126 21.71 5.12 21.79
CA GLN F 126 20.58 5.59 20.98
C GLN F 126 20.75 5.24 19.50
N ILE F 127 21.93 5.55 18.97
CA ILE F 127 22.29 5.21 17.59
C ILE F 127 22.30 3.69 17.36
N THR F 128 22.84 2.94 18.31
CA THR F 128 22.86 1.48 18.20
C THR F 128 21.43 0.90 18.24
N LEU F 129 20.50 1.56 18.93
CA LEU F 129 19.09 1.15 18.91
C LEU F 129 18.45 1.41 17.56
N MET F 130 18.55 2.65 17.08
CA MET F 130 18.02 3.01 15.78
C MET F 130 18.45 1.99 14.75
N ALA F 131 19.73 1.68 14.74
CA ALA F 131 20.29 0.76 13.77
C ALA F 131 19.71 -0.64 13.94
N LYS F 132 19.30 -0.97 15.14
CA LYS F 132 18.59 -2.23 15.34
C LYS F 132 17.15 -2.12 14.82
N TYR F 133 16.49 -1.03 15.19
CA TYR F 133 15.08 -0.81 14.92
C TYR F 133 14.69 -0.77 13.44
N ILE F 134 15.61 -0.31 12.59
CA ILE F 134 15.35 -0.18 11.15
C ILE F 134 15.64 -1.46 10.40
N GLN F 135 16.20 -2.45 11.10
CA GLN F 135 16.31 -3.83 10.62
C GLN F 135 15.04 -4.63 10.94
N HIS F 136 14.10 -4.01 11.64
CA HIS F 136 12.77 -4.60 11.85
C HIS F 136 11.77 -4.10 10.84
N THR F 137 10.65 -4.79 10.77
CA THR F 137 9.57 -4.35 9.90
C THR F 137 9.11 -2.96 10.36
N PRO F 138 8.75 -2.07 9.41
CA PRO F 138 8.22 -0.78 9.82
C PRO F 138 6.85 -0.93 10.46
N PRO F 139 6.69 -0.42 11.69
CA PRO F 139 5.38 -0.47 12.33
C PRO F 139 4.41 0.43 11.60
N GLN F 140 3.27 -0.14 11.21
CA GLN F 140 2.24 0.59 10.49
C GLN F 140 1.54 1.56 11.43
N PRO F 141 1.17 2.75 10.95
CA PRO F 141 0.18 3.56 11.65
C PRO F 141 -1.21 3.18 11.18
N PRO F 142 -2.25 3.80 11.76
CA PRO F 142 -3.59 3.43 11.38
C PRO F 142 -3.98 4.02 10.03
N GLU F 143 -5.13 3.61 9.53
CA GLU F 143 -5.67 4.16 8.31
C GLU F 143 -6.71 5.20 8.65
N TRP F 144 -7.08 5.99 7.66
CA TRP F 144 -8.07 7.03 7.87
C TRP F 144 -9.12 6.98 6.77
N GLY F 145 -10.12 6.12 6.99
CA GLY F 145 -11.21 5.92 6.04
C GLY F 145 -12.39 6.87 6.20
N MET F 146 -13.42 6.63 5.40
CA MET F 146 -14.62 7.44 5.45
C MET F 146 -15.29 7.44 6.83
N PRO F 147 -15.32 6.29 7.54
CA PRO F 147 -15.77 6.25 8.92
C PRO F 147 -15.05 7.21 9.86
N GLU F 148 -13.72 7.15 9.87
CA GLU F 148 -12.93 8.06 10.70
C GLU F 148 -13.17 9.51 10.34
N MET F 149 -13.41 9.78 9.07
CA MET F 149 -13.69 11.14 8.62
C MET F 149 -15.01 11.67 9.15
N ARG F 150 -16.07 10.89 9.02
CA ARG F 150 -17.38 11.33 9.46
C ARG F 150 -17.36 11.54 10.94
N GLU F 151 -16.82 10.57 11.67
CA GLU F 151 -16.60 10.71 13.12
C GLU F 151 -16.03 12.05 13.53
N SER F 152 -14.98 12.50 12.84
CA SER F 152 -14.31 13.78 13.12
C SER F 152 -15.03 15.04 12.62
N TRP F 153 -16.04 14.83 11.79
CA TRP F 153 -16.73 15.89 11.07
C TRP F 153 -17.74 16.57 11.98
N LYS F 154 -17.71 17.90 12.02
CA LYS F 154 -18.61 18.68 12.84
C LYS F 154 -19.07 19.90 12.08
N VAL F 155 -20.38 20.02 11.84
CA VAL F 155 -20.93 21.28 11.36
C VAL F 155 -21.22 22.08 12.61
N LEU F 156 -20.46 23.14 12.83
CA LEU F 156 -20.59 23.95 14.04
C LEU F 156 -21.61 25.08 13.87
N VAL F 157 -22.07 25.30 12.65
CA VAL F 157 -23.07 26.31 12.35
C VAL F 157 -23.72 25.91 11.03
N LYS F 158 -24.97 25.46 11.07
CA LYS F 158 -25.66 25.01 9.85
C LYS F 158 -25.61 26.09 8.77
N PRO F 159 -25.54 25.69 7.49
CA PRO F 159 -25.36 26.67 6.40
C PRO F 159 -26.41 27.78 6.32
N GLU F 160 -27.69 27.44 6.52
CA GLU F 160 -28.73 28.48 6.58
C GLU F 160 -28.64 29.35 7.83
N ASP F 161 -28.17 28.76 8.93
CA ASP F 161 -28.04 29.47 10.20
C ASP F 161 -26.80 30.39 10.27
N ARG F 162 -26.26 30.82 9.13
CA ARG F 162 -25.19 31.80 9.16
C ARG F 162 -25.63 33.06 8.44
N PRO F 163 -24.86 34.15 8.62
CA PRO F 163 -25.10 35.41 7.93
C PRO F 163 -25.30 35.26 6.42
N LYS F 164 -26.02 36.22 5.84
CA LYS F 164 -26.15 36.33 4.38
C LYS F 164 -25.51 37.62 3.88
N LYS F 165 -25.00 38.41 4.83
CA LYS F 165 -24.19 39.61 4.55
C LYS F 165 -23.09 39.64 5.59
N GLN F 166 -22.04 40.42 5.35
CA GLN F 166 -21.00 40.58 6.35
C GLN F 166 -21.55 41.33 7.59
N LEU F 167 -21.72 40.63 8.70
CA LEU F 167 -22.25 41.24 9.94
C LEU F 167 -21.16 41.81 10.87
N ASN F 168 -20.12 42.41 10.29
CA ASN F 168 -19.12 43.14 11.04
C ASN F 168 -18.42 44.20 10.20
N ASP F 169 -17.66 45.07 10.86
CA ASP F 169 -17.07 46.25 10.23
C ASP F 169 -15.72 46.00 9.55
N LEU F 170 -15.15 44.82 9.75
CA LEU F 170 -13.77 44.51 9.35
C LEU F 170 -13.47 44.68 7.86
N ASP F 171 -12.26 45.17 7.55
CA ASP F 171 -11.77 45.26 6.16
C ASP F 171 -11.18 43.91 5.77
N LEU F 172 -12.08 42.98 5.46
CA LEU F 172 -11.71 41.61 5.18
C LEU F 172 -10.54 41.53 4.20
N PRO F 173 -10.71 42.01 2.95
CA PRO F 173 -9.63 41.90 1.96
C PRO F 173 -8.20 42.26 2.41
N ASN F 174 -8.06 43.02 3.49
CA ASN F 174 -6.72 43.33 4.02
C ASN F 174 -6.34 42.56 5.29
N LEU F 175 -7.20 41.65 5.74
CA LEU F 175 -6.94 40.86 6.95
C LEU F 175 -5.77 39.89 6.71
N PHE F 176 -5.04 39.55 7.76
CA PHE F 176 -3.91 38.62 7.65
C PHE F 176 -4.12 37.41 8.55
N SER F 177 -4.17 36.23 7.94
CA SER F 177 -4.37 34.99 8.69
C SER F 177 -3.02 34.42 9.09
N VAL F 178 -2.57 34.83 10.28
CA VAL F 178 -1.25 34.48 10.78
C VAL F 178 -1.28 33.18 11.59
N THR F 179 -0.36 32.27 11.27
CA THR F 179 -0.27 30.95 11.95
C THR F 179 0.52 31.06 13.25
N LEU F 180 -0.15 30.75 14.36
CA LEU F 180 0.50 30.65 15.66
C LEU F 180 0.80 29.17 15.85
N ARG F 181 2.00 28.80 15.42
CA ARG F 181 2.33 27.39 15.18
C ARG F 181 2.16 26.47 16.40
N ASP F 182 3.02 26.60 17.40
CA ASP F 182 3.04 25.65 18.52
C ASP F 182 1.79 25.80 19.38
N ALA F 183 1.12 26.94 19.25
CA ALA F 183 -0.09 27.25 20.02
C ALA F 183 -1.33 26.48 19.60
N GLY F 184 -1.34 25.98 18.36
CA GLY F 184 -2.50 25.29 17.82
C GLY F 184 -3.64 26.25 17.51
N GLN F 185 -3.27 27.36 16.88
CA GLN F 185 -4.18 28.47 16.62
C GLN F 185 -3.80 29.21 15.36
N ILE F 186 -4.72 30.06 14.90
CA ILE F 186 -4.37 31.15 14.02
C ILE F 186 -4.77 32.46 14.68
N ALA F 187 -4.38 33.57 14.07
CA ALA F 187 -4.68 34.87 14.59
C ALA F 187 -4.96 35.79 13.42
N LEU F 188 -6.19 36.23 13.30
CA LEU F 188 -6.54 37.26 12.31
C LEU F 188 -6.04 38.62 12.79
N VAL F 189 -5.66 39.47 11.84
CA VAL F 189 -4.94 40.70 12.13
C VAL F 189 -5.27 41.72 11.06
N ASP F 190 -5.65 42.92 11.47
CA ASP F 190 -6.00 43.95 10.49
C ASP F 190 -4.73 44.57 9.93
N GLY F 191 -4.70 44.80 8.62
CA GLY F 191 -3.48 45.23 7.95
C GLY F 191 -3.06 46.67 8.26
N ASP F 192 -4.03 47.52 8.54
CA ASP F 192 -3.75 48.93 8.81
C ASP F 192 -3.70 49.21 10.31
N SER F 193 -4.64 48.61 11.05
CA SER F 193 -4.66 48.74 12.51
C SER F 193 -3.47 48.00 13.17
N LYS F 194 -2.94 46.98 12.50
CA LYS F 194 -1.86 46.13 13.04
C LYS F 194 -2.13 45.52 14.42
N LYS F 195 -3.39 45.16 14.66
CA LYS F 195 -3.77 44.56 15.93
C LYS F 195 -4.50 43.25 15.69
N ILE F 196 -4.30 42.32 16.62
CA ILE F 196 -4.94 41.02 16.53
C ILE F 196 -6.44 41.18 16.77
N VAL F 197 -7.19 41.07 15.68
CA VAL F 197 -8.64 41.18 15.72
C VAL F 197 -9.25 40.01 16.48
N LYS F 198 -8.72 38.82 16.23
CA LYS F 198 -9.20 37.63 16.90
C LYS F 198 -8.14 36.55 16.91
N VAL F 199 -8.25 35.60 17.84
CA VAL F 199 -7.37 34.42 17.86
C VAL F 199 -8.19 33.15 18.01
N ILE F 200 -8.12 32.31 16.97
CA ILE F 200 -8.97 31.13 16.82
C ILE F 200 -8.20 29.84 17.05
N ASP F 201 -8.80 28.92 17.79
CA ASP F 201 -8.19 27.62 18.04
C ASP F 201 -8.41 26.66 16.86
N THR F 202 -7.37 25.89 16.53
CA THR F 202 -7.31 25.08 15.30
C THR F 202 -6.57 23.79 15.58
N GLY F 203 -6.28 23.04 14.51
CA GLY F 203 -5.37 21.92 14.62
C GLY F 203 -3.97 22.39 14.95
N TYR F 204 -3.13 21.43 15.35
CA TYR F 204 -1.77 21.75 15.75
C TYR F 204 -0.96 22.24 14.56
N ALA F 205 -0.27 23.36 14.75
CA ALA F 205 0.74 23.82 13.81
C ALA F 205 0.20 23.97 12.39
N VAL F 206 -0.81 24.83 12.26
CA VAL F 206 -1.46 25.15 10.97
C VAL F 206 -0.46 25.49 9.85
N HIS F 207 -0.46 24.70 8.76
CA HIS F 207 0.58 24.86 7.73
C HIS F 207 0.30 25.99 6.75
N ILE F 208 -0.89 25.99 6.18
CA ILE F 208 -1.32 27.12 5.36
C ILE F 208 -2.77 27.48 5.62
N SER F 209 -3.15 28.61 5.05
CA SER F 209 -4.54 29.00 4.96
C SER F 209 -4.83 29.27 3.49
N ARG F 210 -6.07 28.98 3.06
CA ARG F 210 -6.56 29.36 1.73
C ARG F 210 -7.94 29.98 1.85
N MET F 211 -8.20 30.97 1.02
CA MET F 211 -9.48 31.64 0.98
C MET F 211 -10.36 30.96 -0.05
N SER F 212 -11.67 30.98 0.19
CA SER F 212 -12.63 30.53 -0.81
C SER F 212 -12.76 31.56 -1.95
N ALA F 213 -13.30 31.12 -3.08
CA ALA F 213 -13.44 31.99 -4.25
C ALA F 213 -14.36 33.19 -3.99
N SER F 214 -15.32 33.00 -3.08
CA SER F 214 -16.29 34.05 -2.70
C SER F 214 -15.70 35.13 -1.79
N GLY F 215 -14.58 34.82 -1.14
CA GLY F 215 -13.91 35.75 -0.23
C GLY F 215 -14.47 35.76 1.16
N ARG F 216 -15.38 34.83 1.44
CA ARG F 216 -16.09 34.80 2.70
C ARG F 216 -15.42 33.86 3.70
N TYR F 217 -15.03 32.67 3.23
CA TYR F 217 -14.53 31.64 4.13
C TYR F 217 -13.02 31.51 4.12
N LEU F 218 -12.48 31.34 5.32
CA LEU F 218 -11.06 31.11 5.50
C LEU F 218 -10.88 29.64 5.83
N LEU F 219 -9.95 28.99 5.14
CA LEU F 219 -9.65 27.59 5.40
C LEU F 219 -8.25 27.50 5.92
N VAL F 220 -8.04 26.60 6.87
CA VAL F 220 -6.72 26.38 7.44
C VAL F 220 -6.57 24.88 7.71
N ILE F 221 -5.38 24.34 7.48
CA ILE F 221 -5.13 22.93 7.76
C ILE F 221 -3.93 22.80 8.68
N GLY F 222 -4.08 21.99 9.72
CA GLY F 222 -2.98 21.74 10.64
C GLY F 222 -2.22 20.54 10.14
N ARG F 223 -0.93 20.48 10.44
CA ARG F 223 -0.10 19.33 10.09
C ARG F 223 -0.64 18.04 10.63
N ASP F 224 -1.47 18.13 11.66
CA ASP F 224 -2.15 16.96 12.21
C ASP F 224 -3.41 16.55 11.43
N ALA F 225 -3.61 17.14 10.26
CA ALA F 225 -4.65 16.74 9.29
C ALA F 225 -6.02 17.29 9.64
N ARG F 226 -6.09 18.33 10.46
CA ARG F 226 -7.37 18.85 10.92
C ARG F 226 -7.75 20.18 10.26
N ILE F 227 -8.76 20.12 9.40
CA ILE F 227 -9.28 21.29 8.69
C ILE F 227 -10.28 22.04 9.55
N ASP F 228 -10.14 23.37 9.60
CA ASP F 228 -11.09 24.25 10.26
C ASP F 228 -11.57 25.30 9.27
N MET F 229 -12.89 25.41 9.11
CA MET F 229 -13.49 26.33 8.13
C MET F 229 -14.13 27.48 8.85
N ILE F 230 -13.75 28.69 8.47
CA ILE F 230 -14.09 29.90 9.22
C ILE F 230 -14.89 30.92 8.41
N ASP F 231 -16.02 31.35 8.98
CA ASP F 231 -16.90 32.37 8.38
C ASP F 231 -16.35 33.74 8.74
N LEU F 232 -16.03 34.55 7.74
CA LEU F 232 -15.57 35.92 7.99
C LEU F 232 -16.72 36.93 7.95
N TRP F 233 -17.95 36.44 7.91
CA TRP F 233 -19.11 37.29 7.83
C TRP F 233 -19.86 37.39 9.15
N ALA F 234 -19.53 36.53 10.12
CA ALA F 234 -20.20 36.53 11.42
C ALA F 234 -19.69 37.71 12.25
N LYS F 235 -20.48 38.12 13.25
CA LYS F 235 -20.12 39.24 14.14
C LYS F 235 -18.62 39.22 14.42
N GLU F 236 -18.17 38.12 15.01
CA GLU F 236 -16.76 37.78 15.02
C GLU F 236 -16.56 36.62 14.05
N PRO F 237 -15.57 36.73 13.15
CA PRO F 237 -15.32 35.58 12.31
C PRO F 237 -15.10 34.32 13.14
N THR F 238 -15.89 33.27 12.88
CA THR F 238 -15.89 32.06 13.73
C THR F 238 -16.01 30.81 12.90
N LYS F 239 -15.57 29.71 13.50
CA LYS F 239 -15.66 28.39 12.88
C LYS F 239 -17.08 28.00 12.62
N VAL F 240 -17.33 27.48 11.43
CA VAL F 240 -18.63 26.94 11.09
C VAL F 240 -18.57 25.44 10.82
N ALA F 241 -17.38 24.91 10.53
CA ALA F 241 -17.22 23.47 10.36
C ALA F 241 -15.77 23.04 10.58
N GLU F 242 -15.59 21.79 11.00
CA GLU F 242 -14.26 21.17 11.04
C GLU F 242 -14.29 19.65 10.79
N ILE F 243 -13.15 19.14 10.36
CA ILE F 243 -12.99 17.74 10.00
C ILE F 243 -11.52 17.34 10.01
N LYS F 244 -11.27 16.06 10.22
CA LYS F 244 -9.93 15.50 10.20
C LYS F 244 -9.81 14.54 8.98
N ILE F 245 -8.82 14.78 8.11
CA ILE F 245 -8.71 14.07 6.84
C ILE F 245 -7.56 13.09 6.72
N GLY F 246 -6.98 12.71 7.85
CA GLY F 246 -5.85 11.81 7.88
C GLY F 246 -5.19 11.87 9.24
N ILE F 247 -3.90 11.60 9.26
CA ILE F 247 -3.12 11.62 10.49
C ILE F 247 -2.15 12.78 10.43
N GLU F 248 -1.57 12.98 9.24
CA GLU F 248 -0.65 14.07 8.97
C GLU F 248 -0.97 14.66 7.60
N ALA F 249 -0.88 15.99 7.46
CA ALA F 249 -1.28 16.67 6.22
C ALA F 249 -0.55 17.99 6.06
N ARG F 250 -0.81 18.70 4.96
CA ARG F 250 -0.14 19.98 4.67
C ARG F 250 -0.96 21.00 3.88
N SER F 251 -1.91 20.55 3.06
CA SER F 251 -2.55 21.44 2.10
C SER F 251 -4.07 21.32 2.12
N VAL F 252 -4.72 22.38 1.67
CA VAL F 252 -6.16 22.45 1.59
C VAL F 252 -6.43 23.48 0.50
N GLU F 253 -7.57 23.40 -0.17
CA GLU F 253 -7.86 24.28 -1.29
C GLU F 253 -9.34 24.23 -1.61
N SER F 254 -9.87 25.31 -2.19
CA SER F 254 -11.26 25.36 -2.62
C SER F 254 -11.34 25.43 -4.14
N SER F 255 -12.40 24.87 -4.71
CA SER F 255 -12.66 24.96 -6.14
C SER F 255 -12.79 26.41 -6.55
N LYS F 256 -12.11 26.79 -7.62
CA LYS F 256 -12.08 28.18 -8.07
C LYS F 256 -12.45 28.38 -9.55
N PHE F 257 -12.93 27.33 -10.20
CA PHE F 257 -13.32 27.41 -11.60
C PHE F 257 -14.64 28.10 -11.68
N LYS F 258 -14.79 29.02 -12.63
CA LYS F 258 -15.98 29.86 -12.67
C LYS F 258 -17.25 29.02 -12.61
N GLY F 259 -18.11 29.31 -11.63
CA GLY F 259 -19.39 28.65 -11.50
C GLY F 259 -19.42 27.53 -10.48
N TYR F 260 -18.28 27.27 -9.85
CA TYR F 260 -18.19 26.30 -8.74
C TYR F 260 -17.61 26.94 -7.47
N GLU F 261 -17.97 28.21 -7.26
CA GLU F 261 -17.53 28.93 -6.07
C GLU F 261 -18.11 28.28 -4.79
N ASP F 262 -17.23 28.03 -3.80
CA ASP F 262 -17.61 27.41 -2.53
C ASP F 262 -18.34 26.07 -2.72
N ARG F 263 -17.94 25.28 -3.72
CA ARG F 263 -18.62 24.02 -4.02
C ARG F 263 -17.93 22.83 -3.42
N TYR F 264 -16.61 22.77 -3.64
CA TYR F 264 -15.75 21.70 -3.10
C TYR F 264 -14.53 22.22 -2.39
N THR F 265 -14.21 21.56 -1.29
CA THR F 265 -12.96 21.75 -0.63
C THR F 265 -12.22 20.43 -0.73
N ILE F 266 -10.91 20.54 -0.94
CA ILE F 266 -10.04 19.39 -1.08
C ILE F 266 -8.81 19.57 -0.20
N ALA F 267 -8.35 18.48 0.38
CA ALA F 267 -7.16 18.49 1.22
C ALA F 267 -6.28 17.26 0.95
N GLY F 268 -5.00 17.38 1.28
CA GLY F 268 -4.04 16.31 1.01
C GLY F 268 -3.29 15.83 2.25
N ALA F 269 -3.33 14.51 2.49
CA ALA F 269 -2.61 13.90 3.58
C ALA F 269 -1.25 13.36 3.18
N TYR F 270 -0.36 13.37 4.18
CA TYR F 270 0.93 12.69 4.11
C TYR F 270 0.74 11.29 4.66
N TRP F 271 -0.14 11.15 5.66
CA TRP F 271 -0.55 9.84 6.13
C TRP F 271 -2.00 9.84 6.54
N PRO F 272 -2.78 8.90 6.00
CA PRO F 272 -2.37 7.99 4.93
C PRO F 272 -1.94 8.73 3.67
N PRO F 273 -1.35 8.02 2.72
CA PRO F 273 -1.11 8.65 1.45
C PRO F 273 -2.44 8.75 0.75
N GLN F 274 -2.96 9.97 0.62
CA GLN F 274 -4.28 10.22 0.02
C GLN F 274 -4.69 11.69 -0.01
N PHE F 275 -5.70 11.98 -0.83
CA PHE F 275 -6.40 13.25 -0.77
C PHE F 275 -7.89 12.99 -0.60
N ALA F 276 -8.61 14.01 -0.16
CA ALA F 276 -10.03 13.90 0.15
C ALA F 276 -10.79 15.07 -0.40
N ILE F 277 -11.96 14.82 -0.96
CA ILE F 277 -12.82 15.89 -1.48
C ILE F 277 -14.06 16.01 -0.61
N MET F 278 -14.39 17.27 -0.26
CA MET F 278 -15.45 17.57 0.69
C MET F 278 -16.37 18.67 0.20
N ASP F 279 -17.60 18.65 0.72
CA ASP F 279 -18.60 19.65 0.38
C ASP F 279 -18.11 21.00 0.85
N GLY F 280 -17.89 21.92 -0.08
CA GLY F 280 -17.33 23.25 0.22
C GLY F 280 -18.09 24.12 1.22
N GLU F 281 -19.32 23.71 1.56
CA GLU F 281 -20.20 24.44 2.46
C GLU F 281 -20.23 23.85 3.88
N THR F 282 -20.19 22.51 3.97
CA THR F 282 -20.30 21.82 5.26
C THR F 282 -19.08 20.97 5.64
N LEU F 283 -18.09 20.89 4.76
CA LEU F 283 -16.91 20.01 4.91
C LEU F 283 -17.21 18.50 4.91
N GLU F 284 -18.41 18.14 4.47
CA GLU F 284 -18.85 16.76 4.51
C GLU F 284 -17.99 15.93 3.57
N PRO F 285 -17.43 14.82 4.07
CA PRO F 285 -16.57 14.00 3.23
C PRO F 285 -17.37 13.30 2.14
N LYS F 286 -16.99 13.54 0.89
CA LYS F 286 -17.59 12.85 -0.26
C LYS F 286 -16.66 11.77 -0.81
N GLN F 287 -15.40 12.14 -1.05
CA GLN F 287 -14.48 11.30 -1.78
C GLN F 287 -13.12 11.18 -1.13
N ILE F 288 -12.60 9.96 -1.08
CA ILE F 288 -11.22 9.74 -0.68
C ILE F 288 -10.51 8.87 -1.74
N VAL F 289 -9.29 9.23 -2.06
CA VAL F 289 -8.60 8.68 -3.19
C VAL F 289 -7.14 8.46 -2.84
N SER F 290 -6.69 7.21 -2.94
CA SER F 290 -5.33 6.84 -2.52
C SER F 290 -4.27 7.37 -3.50
N THR F 291 -3.13 7.81 -2.97
CA THR F 291 -1.98 8.19 -3.82
C THR F 291 -0.91 7.10 -3.97
N ARG F 292 -1.08 5.94 -3.33
CA ARG F 292 -0.09 4.88 -3.48
C ARG F 292 -0.01 4.47 -4.92
N GLY F 293 1.20 4.16 -5.40
CA GLY F 293 1.38 3.72 -6.78
C GLY F 293 2.76 3.89 -7.37
N MET F 294 2.80 3.81 -8.69
CA MET F 294 4.07 3.72 -9.39
C MET F 294 4.66 5.10 -9.51
N THR F 295 5.99 5.14 -9.50
CA THR F 295 6.75 6.37 -9.63
C THR F 295 6.74 6.83 -11.07
N VAL F 296 7.24 8.05 -11.29
CA VAL F 296 7.34 8.63 -12.64
C VAL F 296 8.56 8.06 -13.36
N ASP F 297 9.72 8.19 -12.71
CA ASP F 297 11.03 7.84 -13.28
C ASP F 297 11.30 6.32 -13.36
N THR F 298 11.41 5.63 -12.23
CA THR F 298 11.77 4.21 -12.20
C THR F 298 10.61 3.27 -12.53
N GLN F 299 9.38 3.79 -12.50
CA GLN F 299 8.14 3.02 -12.72
C GLN F 299 8.07 1.75 -11.87
N THR F 300 8.33 1.95 -10.58
CA THR F 300 8.15 0.93 -9.55
C THR F 300 7.16 1.46 -8.50
N TYR F 301 6.49 0.54 -7.81
CA TYR F 301 5.50 0.89 -6.79
C TYR F 301 6.15 1.61 -5.64
N HIS F 302 5.35 2.42 -4.96
CA HIS F 302 5.83 3.14 -3.80
C HIS F 302 4.72 3.21 -2.76
N PRO F 303 4.98 2.74 -1.54
CA PRO F 303 3.89 2.56 -0.64
C PRO F 303 3.55 3.78 0.21
N GLU F 304 4.09 4.94 -0.14
CA GLU F 304 3.80 6.15 0.62
C GLU F 304 4.07 7.45 -0.14
N PRO F 305 3.34 7.67 -1.25
CA PRO F 305 3.44 8.89 -2.04
C PRO F 305 2.63 10.02 -1.42
N ARG F 306 3.33 10.87 -0.66
CA ARG F 306 2.70 11.95 0.08
C ARG F 306 2.16 13.05 -0.82
N VAL F 307 1.23 13.85 -0.29
CA VAL F 307 0.56 14.87 -1.07
C VAL F 307 0.99 16.27 -0.65
N ALA F 308 1.90 16.83 -1.44
CA ALA F 308 2.44 18.16 -1.19
C ALA F 308 1.46 19.27 -1.54
N ALA F 309 1.58 19.93 -2.68
CA ALA F 309 0.86 21.17 -2.92
C ALA F 309 -0.40 20.88 -3.66
N ILE F 310 -1.43 21.68 -3.41
CA ILE F 310 -2.63 21.62 -4.23
C ILE F 310 -2.92 23.03 -4.69
N ILE F 311 -3.55 23.14 -5.85
CA ILE F 311 -3.89 24.41 -6.42
C ILE F 311 -5.10 24.16 -7.29
N ALA F 312 -6.00 25.12 -7.40
CA ALA F 312 -7.22 24.90 -8.16
C ALA F 312 -7.10 25.54 -9.53
N SER F 313 -7.59 24.84 -10.54
CA SER F 313 -7.48 25.29 -11.91
C SER F 313 -8.53 26.35 -12.17
N HIS F 314 -8.14 27.35 -12.96
CA HIS F 314 -9.07 28.35 -13.47
C HIS F 314 -9.58 27.97 -14.85
N GLU F 315 -8.89 27.04 -15.53
CA GLU F 315 -9.19 26.69 -16.91
C GLU F 315 -10.24 25.61 -17.00
N HIS F 316 -10.23 24.64 -16.08
CA HIS F 316 -11.26 23.60 -16.05
C HIS F 316 -11.66 23.32 -14.62
N PRO F 317 -12.81 22.68 -14.40
CA PRO F 317 -13.24 22.40 -13.04
C PRO F 317 -12.41 21.27 -12.46
N GLU F 318 -11.23 21.63 -11.95
CA GLU F 318 -10.21 20.64 -11.55
C GLU F 318 -9.30 21.15 -10.46
N PHE F 319 -8.86 20.22 -9.61
CA PHE F 319 -7.82 20.49 -8.64
C PHE F 319 -6.54 19.92 -9.18
N ILE F 320 -5.46 20.66 -9.10
CA ILE F 320 -4.16 20.16 -9.47
C ILE F 320 -3.46 19.71 -8.18
N VAL F 321 -3.11 18.43 -8.12
CA VAL F 321 -2.58 17.85 -6.89
C VAL F 321 -1.19 17.27 -7.13
N ASN F 322 -0.20 17.73 -6.36
CA ASN F 322 1.17 17.19 -6.43
C ASN F 322 1.34 15.98 -5.55
N VAL F 323 1.92 14.92 -6.10
CA VAL F 323 2.21 13.73 -5.33
C VAL F 323 3.72 13.45 -5.31
N LYS F 324 4.29 13.70 -4.14
CA LYS F 324 5.73 13.83 -3.91
C LYS F 324 6.65 12.72 -4.44
N GLU F 325 6.60 11.53 -3.85
CA GLU F 325 7.59 10.50 -4.17
C GLU F 325 7.40 9.88 -5.56
N THR F 326 6.15 9.76 -6.02
CA THR F 326 5.92 9.18 -7.33
C THR F 326 6.07 10.22 -8.42
N GLY F 327 6.18 11.49 -8.03
CA GLY F 327 6.40 12.59 -8.97
C GLY F 327 5.27 12.87 -9.96
N LYS F 328 4.03 12.58 -9.56
CA LYS F 328 2.87 12.80 -10.43
C LYS F 328 2.11 14.03 -10.04
N VAL F 329 1.62 14.74 -11.05
CA VAL F 329 0.67 15.83 -10.88
C VAL F 329 -0.71 15.37 -11.35
N LEU F 330 -1.63 15.23 -10.40
CA LEU F 330 -2.97 14.76 -10.71
C LEU F 330 -3.90 15.93 -10.98
N LEU F 331 -4.54 15.91 -12.14
CA LEU F 331 -5.63 16.82 -12.46
C LEU F 331 -6.98 16.16 -12.18
N VAL F 332 -7.46 16.38 -10.96
CA VAL F 332 -8.68 15.79 -10.43
C VAL F 332 -9.88 16.67 -10.79
N ASN F 333 -10.88 16.10 -11.45
CA ASN F 333 -11.98 16.87 -12.05
C ASN F 333 -13.30 16.69 -11.28
N TYR F 334 -13.88 17.82 -10.83
CA TYR F 334 -15.06 17.78 -9.92
C TYR F 334 -16.43 18.02 -10.59
N LYS F 335 -16.44 18.24 -11.91
CA LYS F 335 -17.68 18.30 -12.71
C LYS F 335 -18.71 17.23 -12.32
N ASP F 336 -18.22 16.05 -11.96
CA ASP F 336 -19.02 14.97 -11.37
C ASP F 336 -18.20 14.28 -10.30
N ILE F 337 -18.56 14.45 -9.04
CA ILE F 337 -17.72 13.96 -7.96
C ILE F 337 -17.92 12.47 -7.65
N ASP F 338 -19.08 11.94 -8.02
CA ASP F 338 -19.44 10.56 -7.70
C ASP F 338 -18.68 9.56 -8.56
N ASN F 339 -18.46 9.91 -9.83
CA ASN F 339 -17.61 9.17 -10.76
C ASN F 339 -16.40 10.01 -11.15
N LEU F 340 -15.38 9.93 -10.32
CA LEU F 340 -14.26 10.84 -10.35
C LEU F 340 -13.34 10.56 -11.53
N THR F 341 -12.92 11.61 -12.22
CA THR F 341 -12.06 11.47 -13.41
C THR F 341 -10.73 12.21 -13.17
N VAL F 342 -9.63 11.46 -13.12
CA VAL F 342 -8.30 11.97 -12.74
C VAL F 342 -7.22 11.77 -13.83
N THR F 343 -6.75 12.86 -14.42
CA THR F 343 -5.64 12.80 -15.37
C THR F 343 -4.33 12.90 -14.64
N SER F 344 -3.49 11.89 -14.81
CA SER F 344 -2.24 11.77 -14.08
C SER F 344 -1.04 12.22 -14.91
N ILE F 345 -0.52 13.41 -14.67
CA ILE F 345 0.62 13.92 -15.47
C ILE F 345 1.92 13.59 -14.77
N GLY F 346 2.86 12.98 -15.50
CA GLY F 346 4.18 12.61 -14.95
C GLY F 346 5.16 13.75 -15.06
N ALA F 347 5.90 14.01 -13.99
CA ALA F 347 6.80 15.19 -13.91
C ALA F 347 8.20 14.77 -13.44
N ALA F 348 8.54 14.96 -12.16
CA ALA F 348 9.83 14.52 -11.64
C ALA F 348 9.69 14.25 -10.17
N PRO F 349 10.60 13.47 -9.58
CA PRO F 349 10.39 13.07 -8.20
C PRO F 349 10.63 14.19 -7.18
N PHE F 350 9.89 14.09 -6.08
CA PHE F 350 9.93 15.05 -4.98
C PHE F 350 9.27 16.41 -5.27
N LEU F 351 8.22 16.39 -6.09
CA LEU F 351 7.27 17.50 -6.16
C LEU F 351 6.95 18.02 -4.75
N HIS F 352 6.91 19.33 -4.60
CA HIS F 352 6.65 19.90 -3.30
C HIS F 352 5.69 21.06 -3.42
N ASP F 353 6.21 22.27 -3.52
CA ASP F 353 5.39 23.48 -3.55
C ASP F 353 5.46 24.16 -4.90
N GLY F 354 4.50 25.03 -5.14
CA GLY F 354 4.42 25.72 -6.42
C GLY F 354 3.35 26.78 -6.40
N GLY F 355 3.21 27.48 -7.52
CA GLY F 355 2.21 28.53 -7.65
C GLY F 355 2.13 28.91 -9.11
N TRP F 356 1.13 29.70 -9.46
CA TRP F 356 0.89 30.09 -10.85
C TRP F 356 1.94 31.03 -11.44
N ASP F 357 1.99 31.08 -12.77
CA ASP F 357 2.71 32.13 -13.47
C ASP F 357 1.81 33.38 -13.44
N SER F 358 2.25 34.43 -14.14
CA SER F 358 1.51 35.68 -14.26
C SER F 358 0.09 35.49 -14.76
N SER F 359 -0.09 34.66 -15.78
CA SER F 359 -1.39 34.47 -16.43
C SER F 359 -2.36 33.51 -15.73
N HIS F 360 -1.86 32.76 -14.74
CA HIS F 360 -2.66 31.77 -13.99
C HIS F 360 -3.07 30.59 -14.86
N ARG F 361 -2.18 30.23 -15.78
CA ARG F 361 -2.35 29.09 -16.69
C ARG F 361 -1.32 27.98 -16.46
N TYR F 362 -0.12 28.34 -16.01
CA TYR F 362 0.96 27.38 -15.86
C TYR F 362 1.38 27.25 -14.39
N PHE F 363 1.14 26.07 -13.84
CA PHE F 363 1.51 25.77 -12.46
C PHE F 363 2.99 25.45 -12.40
N MET F 364 3.73 26.38 -11.80
CA MET F 364 5.18 26.30 -11.70
C MET F 364 5.54 25.69 -10.34
N THR F 365 5.99 24.44 -10.37
CA THR F 365 6.17 23.63 -9.16
C THR F 365 7.57 22.98 -9.03
N ALA F 366 8.14 23.06 -7.84
CA ALA F 366 9.48 22.55 -7.59
C ALA F 366 9.46 21.07 -7.22
N ALA F 367 10.17 20.29 -8.01
CA ALA F 367 10.61 18.98 -7.58
C ALA F 367 11.94 19.24 -6.89
N ASN F 368 11.88 19.45 -5.58
CA ASN F 368 13.03 19.99 -4.85
C ASN F 368 14.28 19.14 -4.91
N ASN F 369 14.24 17.91 -4.40
CA ASN F 369 15.45 17.07 -4.38
C ASN F 369 15.83 16.54 -5.75
N SER F 370 15.12 17.00 -6.78
CA SER F 370 15.46 16.71 -8.16
C SER F 370 15.98 17.96 -8.87
N ASN F 371 16.19 19.03 -8.11
CA ASN F 371 16.67 20.31 -8.64
C ASN F 371 16.05 20.76 -9.95
N LYS F 372 14.74 20.56 -10.06
CA LYS F 372 14.01 20.99 -11.24
C LYS F 372 12.76 21.76 -10.87
N VAL F 373 12.25 22.51 -11.83
CA VAL F 373 10.91 23.09 -11.75
C VAL F 373 10.10 22.51 -12.91
N ALA F 374 8.96 21.88 -12.59
CA ALA F 374 8.05 21.38 -13.60
C ALA F 374 7.06 22.47 -13.93
N VAL F 375 6.59 22.46 -15.17
CA VAL F 375 5.65 23.49 -15.61
C VAL F 375 4.41 22.78 -16.09
N ILE F 376 3.32 22.86 -15.32
CA ILE F 376 2.06 22.24 -15.74
C ILE F 376 1.17 23.26 -16.40
N ASP F 377 0.84 22.96 -17.65
CA ASP F 377 -0.14 23.70 -18.42
C ASP F 377 -1.53 23.25 -17.97
N SER F 378 -2.21 24.11 -17.22
CA SER F 378 -3.54 23.76 -16.71
C SER F 378 -4.59 23.70 -17.83
N LYS F 379 -4.39 24.39 -18.95
CA LYS F 379 -5.38 24.42 -20.03
C LYS F 379 -5.34 23.20 -20.94
N ASP F 380 -4.22 23.03 -21.64
CA ASP F 380 -3.99 21.85 -22.47
C ASP F 380 -3.80 20.59 -21.61
N ARG F 381 -3.71 20.80 -20.29
CA ARG F 381 -3.68 19.71 -19.31
C ARG F 381 -2.49 18.80 -19.57
N ARG F 382 -1.30 19.38 -19.50
CA ARG F 382 -0.06 18.66 -19.78
C ARG F 382 1.20 19.29 -19.17
N LEU F 383 2.31 18.57 -19.28
CA LEU F 383 3.61 19.06 -18.86
C LEU F 383 4.26 19.86 -19.98
N SER F 384 4.50 21.15 -19.75
CA SER F 384 5.10 22.03 -20.75
C SER F 384 6.63 22.04 -20.72
N ALA F 385 7.24 21.63 -19.60
CA ALA F 385 8.70 21.55 -19.49
C ALA F 385 9.21 21.08 -18.12
N LEU F 386 10.46 20.61 -18.09
CA LEU F 386 11.19 20.46 -16.85
C LEU F 386 12.40 21.37 -16.91
N VAL F 387 12.44 22.37 -16.04
CA VAL F 387 13.48 23.39 -16.07
C VAL F 387 14.49 23.14 -14.95
N ASP F 388 15.76 23.01 -15.31
CA ASP F 388 16.80 22.75 -14.32
C ASP F 388 17.19 24.06 -13.68
N VAL F 389 17.18 24.07 -12.35
CA VAL F 389 17.51 25.25 -11.58
C VAL F 389 18.62 24.85 -10.60
N GLY F 390 18.71 25.56 -9.48
CA GLY F 390 19.75 25.31 -8.47
C GLY F 390 19.42 24.19 -7.51
N LYS F 391 20.16 24.14 -6.41
CA LYS F 391 20.06 23.05 -5.43
C LYS F 391 18.91 23.21 -4.43
N THR F 392 17.91 22.33 -4.54
CA THR F 392 16.75 22.31 -3.67
C THR F 392 15.99 23.62 -3.79
N PRO F 393 15.32 23.85 -4.93
CA PRO F 393 14.45 25.01 -5.07
C PRO F 393 13.27 24.99 -4.12
N HIS F 394 13.06 26.12 -3.44
CA HIS F 394 11.93 26.31 -2.56
C HIS F 394 11.21 27.62 -2.92
N PRO F 395 10.33 27.57 -3.91
CA PRO F 395 9.69 28.79 -4.39
C PRO F 395 8.48 29.22 -3.56
N GLY F 396 7.88 28.28 -2.85
CA GLY F 396 6.55 28.51 -2.30
C GLY F 396 5.61 28.65 -3.47
N ARG F 397 4.98 29.81 -3.59
CA ARG F 397 4.13 30.11 -4.75
C ARG F 397 4.89 30.87 -5.84
N GLY F 398 6.08 31.35 -5.49
CA GLY F 398 6.96 32.05 -6.42
C GLY F 398 6.75 33.56 -6.39
N ALA F 399 7.43 34.25 -7.29
CA ALA F 399 7.26 35.69 -7.42
C ALA F 399 7.31 36.04 -8.89
N ASN F 400 6.23 36.60 -9.41
CA ASN F 400 6.12 36.95 -10.81
C ASN F 400 6.44 38.42 -11.07
N PHE F 401 7.13 38.67 -12.17
CA PHE F 401 7.38 40.04 -12.63
C PHE F 401 7.78 40.02 -14.09
N VAL F 402 8.05 41.19 -14.63
CA VAL F 402 8.45 41.34 -16.01
C VAL F 402 9.88 41.87 -16.03
N HIS F 403 10.81 41.03 -16.48
CA HIS F 403 12.18 41.48 -16.72
C HIS F 403 12.10 42.43 -17.92
N PRO F 404 12.83 43.56 -17.88
CA PRO F 404 12.81 44.43 -19.07
C PRO F 404 13.16 43.66 -20.35
N LYS F 405 14.23 42.87 -20.31
CA LYS F 405 14.70 42.13 -21.48
C LYS F 405 13.92 40.86 -21.79
N TYR F 406 13.62 40.06 -20.77
CA TYR F 406 13.07 38.72 -20.93
C TYR F 406 11.55 38.65 -20.87
N GLY F 407 10.94 39.74 -20.43
CA GLY F 407 9.50 39.81 -20.34
C GLY F 407 9.01 39.10 -19.11
N PRO F 408 7.83 38.49 -19.19
CA PRO F 408 7.31 37.85 -17.99
C PRO F 408 8.16 36.66 -17.54
N VAL F 409 8.54 36.68 -16.27
CA VAL F 409 9.25 35.57 -15.67
C VAL F 409 8.56 35.16 -14.38
N TRP F 410 8.91 33.95 -13.95
CA TRP F 410 8.58 33.42 -12.63
C TRP F 410 9.89 33.05 -11.92
N SER F 411 9.99 33.45 -10.66
CA SER F 411 11.26 33.39 -9.93
C SER F 411 11.13 32.56 -8.67
N THR F 412 12.22 31.87 -8.34
CA THR F 412 12.28 31.00 -7.18
C THR F 412 13.64 31.07 -6.54
N SER F 413 13.65 31.06 -5.21
CA SER F 413 14.87 30.98 -4.43
C SER F 413 15.14 29.51 -4.10
N HIS F 414 16.24 29.25 -3.40
CA HIS F 414 16.66 27.88 -3.15
C HIS F 414 17.11 27.70 -1.72
N LEU F 415 17.08 26.46 -1.28
CA LEU F 415 17.49 26.07 0.06
C LEU F 415 18.95 25.68 0.09
N GLY F 416 19.46 25.21 -1.04
CA GLY F 416 20.82 24.67 -1.08
C GLY F 416 21.84 25.64 -1.64
N ASP F 417 21.43 26.86 -1.97
CA ASP F 417 22.36 27.87 -2.46
C ASP F 417 21.66 29.24 -2.58
N GLY F 418 22.46 30.30 -2.60
CA GLY F 418 21.93 31.65 -2.75
C GLY F 418 21.47 32.06 -4.15
N SER F 419 21.45 31.13 -5.11
CA SER F 419 20.97 31.43 -6.46
C SER F 419 19.46 31.72 -6.48
N ILE F 420 19.03 32.35 -7.56
CA ILE F 420 17.63 32.70 -7.76
C ILE F 420 17.33 32.56 -9.24
N SER F 421 16.52 31.57 -9.59
CA SER F 421 16.26 31.29 -10.97
C SER F 421 15.10 32.14 -11.48
N LEU F 422 15.30 32.78 -12.64
CA LEU F 422 14.23 33.46 -13.36
C LEU F 422 13.84 32.62 -14.57
N ILE F 423 12.55 32.28 -14.67
CA ILE F 423 12.10 31.40 -15.73
C ILE F 423 11.05 32.09 -16.56
N GLY F 424 11.27 32.18 -17.87
CA GLY F 424 10.33 32.87 -18.76
C GLY F 424 9.00 32.17 -18.81
N THR F 425 7.90 32.91 -18.73
CA THR F 425 6.55 32.30 -18.67
C THR F 425 5.60 32.70 -19.79
N ASP F 426 6.17 33.10 -20.93
CA ASP F 426 5.38 33.65 -22.04
C ASP F 426 5.70 32.90 -23.35
N PRO F 427 4.94 31.84 -23.64
CA PRO F 427 5.16 31.13 -24.90
C PRO F 427 4.56 31.83 -26.13
N LYS F 428 3.78 32.89 -25.90
CA LYS F 428 3.08 33.60 -27.00
C LYS F 428 3.98 34.65 -27.62
N ASN F 429 4.54 35.52 -26.77
CA ASN F 429 5.32 36.68 -27.25
C ASN F 429 6.84 36.57 -27.09
N HIS F 430 7.31 35.68 -26.19
CA HIS F 430 8.75 35.48 -25.97
C HIS F 430 9.06 33.99 -25.93
N PRO F 431 8.65 33.24 -26.97
CA PRO F 431 8.92 31.80 -26.96
C PRO F 431 10.41 31.46 -26.83
N GLN F 432 11.28 32.34 -27.32
CA GLN F 432 12.73 32.15 -27.18
C GLN F 432 13.23 32.16 -25.72
N TYR F 433 12.35 32.54 -24.79
CA TYR F 433 12.67 32.56 -23.34
C TYR F 433 11.77 31.66 -22.48
N ALA F 434 10.57 31.36 -22.98
CA ALA F 434 9.64 30.53 -22.22
C ALA F 434 10.25 29.19 -21.76
N TRP F 435 10.03 28.88 -20.49
CA TRP F 435 10.45 27.63 -19.87
C TRP F 435 11.95 27.45 -19.97
N LYS F 436 12.67 28.56 -19.85
CA LYS F 436 14.12 28.56 -19.83
C LYS F 436 14.57 29.26 -18.58
N LYS F 437 15.59 28.74 -17.90
CA LYS F 437 16.20 29.50 -16.83
C LYS F 437 16.92 30.64 -17.51
N VAL F 438 16.22 31.75 -17.68
CA VAL F 438 16.60 32.81 -18.59
C VAL F 438 17.72 33.68 -18.05
N ALA F 439 17.71 33.86 -16.74
CA ALA F 439 18.74 34.63 -16.05
C ALA F 439 18.72 34.22 -14.58
N GLU F 440 19.63 34.78 -13.78
CA GLU F 440 19.85 34.25 -12.43
C GLU F 440 20.53 35.23 -11.45
N LEU F 441 19.82 35.62 -10.40
CA LEU F 441 20.35 36.54 -9.40
C LEU F 441 21.05 35.83 -8.26
N GLN F 442 21.59 36.62 -7.32
CA GLN F 442 22.35 36.13 -6.17
C GLN F 442 21.96 36.84 -4.88
N GLY F 443 21.81 36.05 -3.80
CA GLY F 443 21.35 36.54 -2.50
C GLY F 443 22.32 36.23 -1.38
N GLN F 444 21.85 36.34 -0.15
CA GLN F 444 22.73 36.25 1.02
C GLN F 444 23.36 34.87 1.19
N GLY F 445 22.71 33.86 0.65
CA GLY F 445 23.23 32.49 0.70
C GLY F 445 22.12 31.45 0.71
N GLY F 446 22.52 30.23 1.05
CA GLY F 446 21.60 29.11 1.12
C GLY F 446 20.65 29.24 2.30
N GLY F 447 19.66 28.35 2.35
CA GLY F 447 18.70 28.32 3.46
C GLY F 447 17.41 29.07 3.18
N SER F 448 17.28 29.66 1.99
CA SER F 448 16.11 30.47 1.64
C SER F 448 14.87 29.65 1.36
N LEU F 449 13.76 30.24 1.76
CA LEU F 449 12.49 29.57 1.84
C LEU F 449 11.44 30.28 0.99
N PHE F 450 11.55 31.59 0.82
CA PHE F 450 10.47 32.37 0.19
C PHE F 450 10.93 33.60 -0.55
N ILE F 451 10.60 33.68 -1.83
CA ILE F 451 10.83 34.89 -2.65
C ILE F 451 9.47 35.54 -2.88
N LYS F 452 9.44 36.87 -3.05
CA LYS F 452 8.18 37.60 -3.11
C LYS F 452 8.25 38.96 -3.81
N THR F 453 7.15 39.33 -4.45
CA THR F 453 6.93 40.67 -5.02
C THR F 453 5.42 40.90 -5.26
N HIS F 454 5.08 42.11 -5.71
CA HIS F 454 3.70 42.51 -5.98
C HIS F 454 3.67 43.18 -7.36
N PRO F 455 2.49 43.24 -8.02
CA PRO F 455 2.40 44.04 -9.26
C PRO F 455 2.69 45.55 -9.08
N LYS F 456 2.19 46.13 -7.99
CA LYS F 456 2.40 47.55 -7.66
C LYS F 456 3.77 47.84 -7.05
N SER F 457 4.50 46.80 -6.66
CA SER F 457 5.80 46.98 -6.03
C SER F 457 6.87 46.94 -7.09
N SER F 458 8.02 47.50 -6.77
CA SER F 458 9.21 47.43 -7.61
C SER F 458 10.35 46.71 -6.89
N HIS F 459 10.06 46.10 -5.75
CA HIS F 459 11.07 45.38 -4.98
C HIS F 459 10.85 43.87 -5.02
N LEU F 460 11.94 43.13 -4.82
CA LEU F 460 11.90 41.67 -4.78
C LEU F 460 12.56 41.21 -3.47
N TYR F 461 11.74 40.75 -2.52
CA TYR F 461 12.26 40.33 -1.22
C TYR F 461 12.44 38.82 -1.16
N VAL F 462 13.60 38.37 -0.73
CA VAL F 462 13.83 36.93 -0.47
C VAL F 462 14.38 36.73 0.96
N ASP F 463 13.80 35.79 1.69
CA ASP F 463 14.22 35.50 3.07
C ASP F 463 15.29 34.44 3.09
N THR F 464 15.82 34.14 4.28
CA THR F 464 16.91 33.18 4.39
C THR F 464 16.81 32.31 5.65
N THR F 465 15.58 31.98 6.02
CA THR F 465 15.25 31.39 7.33
C THR F 465 16.22 30.34 7.87
N PHE F 466 16.53 29.33 7.08
CA PHE F 466 17.32 28.20 7.57
C PHE F 466 18.80 28.24 7.17
N ASN F 467 19.39 29.43 7.10
CA ASN F 467 20.84 29.53 6.96
C ASN F 467 21.47 29.39 8.33
N PRO F 468 22.56 28.60 8.45
CA PRO F 468 23.14 28.39 9.77
C PRO F 468 23.82 29.64 10.33
N ASP F 469 23.98 30.68 9.52
CA ASP F 469 24.42 31.98 10.04
C ASP F 469 23.24 32.77 10.60
N ALA F 470 23.39 33.26 11.83
CA ALA F 470 22.30 33.86 12.57
C ALA F 470 21.99 35.25 12.06
N ARG F 471 23.02 35.97 11.61
CA ARG F 471 22.84 37.31 11.06
C ARG F 471 22.00 37.23 9.81
N ILE F 472 22.38 36.26 8.97
CA ILE F 472 21.71 35.98 7.69
C ILE F 472 20.26 35.58 7.88
N SER F 473 20.05 34.49 8.62
CA SER F 473 18.69 33.98 8.89
C SER F 473 17.78 35.01 9.55
N GLN F 474 18.38 36.02 10.18
CA GLN F 474 17.63 37.09 10.85
C GLN F 474 17.33 38.30 9.95
N SER F 475 17.75 38.22 8.68
CA SER F 475 17.55 39.30 7.73
C SER F 475 16.94 38.78 6.41
N VAL F 476 16.71 39.70 5.47
CA VAL F 476 16.23 39.39 4.13
C VAL F 476 16.93 40.30 3.12
N ALA F 477 17.16 39.80 1.92
CA ALA F 477 17.69 40.65 0.85
C ALA F 477 16.53 41.28 0.08
N VAL F 478 16.77 42.48 -0.48
CA VAL F 478 15.82 43.12 -1.40
C VAL F 478 16.51 43.52 -2.69
N PHE F 479 15.85 43.30 -3.83
CA PHE F 479 16.38 43.72 -5.11
C PHE F 479 15.56 44.90 -5.66
N ASP F 480 16.15 45.68 -6.55
CA ASP F 480 15.45 46.71 -7.28
C ASP F 480 15.09 46.14 -8.66
N LEU F 481 13.80 46.01 -8.95
CA LEU F 481 13.35 45.44 -10.25
C LEU F 481 13.69 46.30 -11.45
N LYS F 482 13.78 47.62 -11.24
CA LYS F 482 14.14 48.54 -12.31
C LYS F 482 15.64 48.46 -12.63
N ASN F 483 16.42 47.90 -11.71
CA ASN F 483 17.84 47.62 -11.95
C ASN F 483 18.33 46.38 -11.21
N LEU F 484 18.31 45.25 -11.89
CA LEU F 484 18.66 43.97 -11.28
C LEU F 484 20.17 43.70 -11.23
N ASP F 485 20.96 44.47 -11.97
CA ASP F 485 22.44 44.35 -11.93
C ASP F 485 22.93 44.81 -10.57
N ALA F 486 22.18 45.74 -9.98
CA ALA F 486 22.46 46.26 -8.64
C ALA F 486 22.31 45.17 -7.60
N LYS F 487 23.33 45.04 -6.75
CA LYS F 487 23.27 44.16 -5.59
C LYS F 487 22.03 44.45 -4.76
N TYR F 488 21.62 43.43 -4.01
CA TYR F 488 20.53 43.53 -3.04
C TYR F 488 20.92 44.34 -1.80
N GLN F 489 19.93 44.93 -1.15
CA GLN F 489 20.12 45.50 0.19
C GLN F 489 19.59 44.55 1.26
N VAL F 490 20.33 44.44 2.37
CA VAL F 490 19.91 43.63 3.51
C VAL F 490 18.99 44.45 4.40
N LEU F 491 18.02 43.77 5.02
CA LEU F 491 17.09 44.40 5.95
C LEU F 491 17.12 43.58 7.24
N PRO F 492 17.74 44.12 8.31
CA PRO F 492 17.83 43.36 9.55
C PRO F 492 16.48 43.32 10.28
N ILE F 493 15.59 42.49 9.77
CA ILE F 493 14.21 42.42 10.25
C ILE F 493 14.13 42.00 11.73
N ALA F 494 14.99 41.09 12.17
CA ALA F 494 14.94 40.56 13.54
C ALA F 494 15.51 41.55 14.58
N GLU F 495 16.39 42.43 14.11
CA GLU F 495 16.83 43.57 14.90
C GLU F 495 15.67 44.53 15.07
N TRP F 496 15.09 45.00 13.97
CA TRP F 496 13.97 45.97 13.99
C TRP F 496 12.78 45.51 14.82
N ALA F 497 12.70 44.21 15.04
CA ALA F 497 11.69 43.63 15.90
C ALA F 497 12.10 43.85 17.34
N ASP F 498 13.41 43.66 17.62
CA ASP F 498 14.00 43.95 18.92
C ASP F 498 13.37 43.04 19.98
N LEU F 499 13.91 41.84 20.08
CA LEU F 499 13.34 40.80 20.94
C LEU F 499 14.32 40.30 22.00
N GLY F 500 15.61 40.31 21.69
CA GLY F 500 16.63 39.81 22.61
C GLY F 500 17.07 38.42 22.22
N GLU F 501 17.20 37.52 23.20
CA GLU F 501 17.72 36.17 22.95
C GLU F 501 16.71 35.25 22.26
N GLY F 502 17.23 34.18 21.65
CA GLY F 502 16.46 33.30 20.77
C GLY F 502 17.01 33.41 19.36
N ALA F 503 16.76 32.41 18.52
CA ALA F 503 17.27 32.43 17.17
C ALA F 503 16.63 33.57 16.37
N LYS F 504 15.33 33.77 16.56
CA LYS F 504 14.60 34.82 15.84
C LYS F 504 14.74 34.68 14.33
N ARG F 505 14.48 33.48 13.82
CA ARG F 505 14.57 33.21 12.39
C ARG F 505 13.49 34.02 11.68
N VAL F 506 13.84 34.70 10.59
CA VAL F 506 12.85 35.47 9.83
C VAL F 506 12.37 34.66 8.64
N VAL F 507 11.05 34.65 8.40
CA VAL F 507 10.44 33.86 7.32
C VAL F 507 9.26 34.54 6.60
N GLN F 508 9.22 34.36 5.28
CA GLN F 508 8.03 34.54 4.45
C GLN F 508 7.49 35.95 4.35
N PRO F 509 7.96 36.71 3.35
CA PRO F 509 7.35 37.99 3.04
C PRO F 509 5.90 37.82 2.62
N GLU F 510 5.02 38.77 2.99
CA GLU F 510 3.67 38.85 2.42
C GLU F 510 3.22 40.31 2.39
N TYR F 511 2.51 40.69 1.31
CA TYR F 511 2.06 42.08 1.12
C TYR F 511 0.66 42.33 1.68
N ASN F 512 0.32 43.59 1.86
CA ASN F 512 -1.05 44.01 2.12
C ASN F 512 -1.77 44.19 0.78
N LYS F 513 -3.09 44.40 0.82
CA LYS F 513 -3.85 44.55 -0.44
C LYS F 513 -3.20 45.59 -1.36
N ARG F 514 -3.01 46.80 -0.82
CA ARG F 514 -2.42 47.94 -1.52
C ARG F 514 -1.13 47.55 -2.23
N GLY F 515 -0.28 46.82 -1.51
CA GLY F 515 1.00 46.37 -2.04
C GLY F 515 2.13 47.29 -1.65
N ASP F 516 1.88 48.13 -0.65
CA ASP F 516 2.89 49.05 -0.15
C ASP F 516 3.51 48.56 1.16
N GLU F 517 2.88 47.58 1.79
CA GLU F 517 3.44 46.99 3.00
C GLU F 517 4.02 45.62 2.68
N VAL F 518 5.02 45.22 3.46
CA VAL F 518 5.60 43.89 3.37
C VAL F 518 5.80 43.38 4.79
N TRP F 519 5.03 42.36 5.15
CA TRP F 519 5.08 41.80 6.51
C TRP F 519 6.07 40.65 6.57
N PHE F 520 6.61 40.42 7.76
CA PHE F 520 7.58 39.36 8.00
C PHE F 520 7.31 38.84 9.39
N SER F 521 7.51 37.56 9.60
CA SER F 521 7.37 37.01 10.95
C SER F 521 8.76 36.67 11.45
N VAL F 522 8.99 37.01 12.72
CA VAL F 522 10.25 36.75 13.39
C VAL F 522 9.96 35.57 14.28
N TRP F 523 10.42 34.39 13.87
CA TRP F 523 9.89 33.13 14.39
C TRP F 523 10.85 32.54 15.42
N ASN F 524 10.44 32.61 16.68
CA ASN F 524 11.27 32.26 17.82
C ASN F 524 10.56 31.18 18.61
N GLY F 525 11.20 30.65 19.65
CA GLY F 525 10.62 29.62 20.50
C GLY F 525 9.27 30.02 21.09
N LYS F 526 8.56 29.05 21.65
CA LYS F 526 7.29 29.33 22.31
C LYS F 526 7.50 29.97 23.69
N ASN F 527 8.68 29.76 24.28
CA ASN F 527 9.05 30.36 25.56
C ASN F 527 9.76 31.69 25.42
N ASP F 528 10.01 32.11 24.19
CA ASP F 528 10.62 33.41 23.92
C ASP F 528 9.51 34.31 23.35
N SER F 529 9.87 35.48 22.86
CA SER F 529 8.90 36.41 22.29
C SER F 529 9.17 36.58 20.81
N SER F 530 8.08 36.78 20.05
CA SER F 530 8.15 36.88 18.60
C SER F 530 7.44 38.15 18.15
N ALA F 531 7.50 38.46 16.84
CA ALA F 531 6.85 39.66 16.32
C ALA F 531 6.54 39.57 14.82
N LEU F 532 5.72 40.50 14.35
CA LEU F 532 5.45 40.66 12.93
C LEU F 532 5.95 42.03 12.49
N VAL F 533 7.20 42.08 12.02
CA VAL F 533 7.75 43.30 11.45
C VAL F 533 7.08 43.69 10.13
N VAL F 534 6.64 44.93 10.02
CA VAL F 534 6.15 45.47 8.75
C VAL F 534 7.21 46.36 8.14
N VAL F 535 7.19 46.50 6.82
CA VAL F 535 8.08 47.41 6.11
C VAL F 535 7.31 48.25 5.09
N ASP F 536 7.70 49.52 4.97
CA ASP F 536 7.20 50.37 3.89
C ASP F 536 7.93 49.99 2.61
N ASP F 537 7.18 49.46 1.64
CA ASP F 537 7.74 49.02 0.36
C ASP F 537 8.38 50.19 -0.38
N LYS F 538 7.72 51.34 -0.36
CA LYS F 538 8.19 52.51 -1.09
C LYS F 538 9.58 52.96 -0.59
N THR F 539 9.77 53.00 0.72
CA THR F 539 11.02 53.50 1.31
C THR F 539 11.99 52.42 1.85
N LEU F 540 11.50 51.19 2.02
CA LEU F 540 12.27 50.11 2.69
C LEU F 540 12.64 50.50 4.14
N LYS F 541 11.70 51.18 4.81
CA LYS F 541 11.88 51.68 6.16
C LYS F 541 10.87 51.01 7.09
N LEU F 542 11.30 50.72 8.32
CA LEU F 542 10.46 50.02 9.30
C LEU F 542 9.17 50.79 9.45
N LYS F 543 8.05 50.13 9.28
CA LYS F 543 6.76 50.80 9.41
C LYS F 543 6.06 50.44 10.72
N ALA F 544 6.25 49.22 11.22
CA ALA F 544 5.68 48.82 12.50
C ALA F 544 6.26 47.52 13.05
N VAL F 545 5.88 47.19 14.28
CA VAL F 545 6.27 45.95 14.93
C VAL F 545 5.10 45.47 15.79
N VAL F 546 4.49 44.36 15.37
CA VAL F 546 3.36 43.77 16.07
C VAL F 546 3.86 42.73 17.07
N LYS F 547 3.68 43.02 18.36
CA LYS F 547 3.95 42.05 19.41
C LYS F 547 2.69 41.82 20.21
N ASP F 548 2.71 40.78 21.05
CA ASP F 548 1.57 40.40 21.88
C ASP F 548 1.95 39.14 22.67
N PRO F 549 1.47 38.99 23.93
CA PRO F 549 1.73 37.74 24.67
C PRO F 549 1.23 36.48 23.97
N ARG F 550 0.26 36.63 23.07
CA ARG F 550 -0.35 35.52 22.34
C ARG F 550 0.35 35.18 21.02
N LEU F 551 1.09 36.13 20.48
CA LEU F 551 1.80 35.92 19.21
C LEU F 551 2.91 34.89 19.39
N ILE F 552 2.51 33.62 19.49
CA ILE F 552 3.40 32.51 19.83
C ILE F 552 3.85 31.82 18.55
N THR F 553 5.15 31.72 18.35
CA THR F 553 5.73 31.04 17.19
C THR F 553 5.01 31.36 15.88
N PRO F 554 5.01 32.65 15.46
CA PRO F 554 4.29 32.96 14.23
C PRO F 554 5.13 32.59 13.00
N THR F 555 4.50 31.90 12.06
CA THR F 555 5.18 31.46 10.84
C THR F 555 4.45 32.03 9.62
N GLY F 556 3.61 31.22 8.96
CA GLY F 556 2.93 31.64 7.75
C GLY F 556 2.00 32.81 7.97
N LYS F 557 1.88 33.67 6.96
CA LYS F 557 1.00 34.83 7.01
C LYS F 557 0.31 34.97 5.68
N PHE F 558 -1.00 35.20 5.70
CA PHE F 558 -1.78 35.16 4.48
C PHE F 558 -2.78 36.28 4.39
N ASN F 559 -2.51 37.22 3.49
CA ASN F 559 -3.40 38.33 3.24
C ASN F 559 -4.63 37.79 2.53
N VAL F 560 -5.79 38.22 2.97
CA VAL F 560 -7.04 37.68 2.45
C VAL F 560 -7.17 37.92 0.95
N TYR F 561 -7.06 39.17 0.53
CA TYR F 561 -7.26 39.49 -0.89
C TYR F 561 -6.19 38.89 -1.76
N ASN F 562 -4.94 39.13 -1.38
CA ASN F 562 -3.78 38.64 -2.15
C ASN F 562 -3.79 37.13 -2.36
N THR F 563 -4.09 36.38 -1.30
CA THR F 563 -4.07 34.94 -1.41
C THR F 563 -5.25 34.44 -2.23
N GLN F 564 -6.43 35.01 -1.97
CA GLN F 564 -7.65 34.64 -2.68
C GLN F 564 -7.48 34.82 -4.18
N HIS F 565 -6.82 35.89 -4.58
CA HIS F 565 -6.69 36.27 -5.99
C HIS F 565 -5.34 35.95 -6.61
N ASP F 566 -4.59 35.11 -5.90
CA ASP F 566 -3.35 34.56 -6.42
C ASP F 566 -2.47 35.67 -6.98
N VAL F 567 -2.25 36.68 -6.13
CA VAL F 567 -1.46 37.86 -6.44
C VAL F 567 -0.05 37.66 -5.93
N TYR F 568 0.81 37.13 -6.80
CA TYR F 568 2.23 37.01 -6.52
C TYR F 568 2.99 37.14 -7.84
#